data_7OTO
#
_entry.id   7OTO
#
_cell.length_a   1.00
_cell.length_b   1.00
_cell.length_c   1.00
_cell.angle_alpha   90.00
_cell.angle_beta   90.00
_cell.angle_gamma   90.00
#
_symmetry.space_group_name_H-M   'P 1'
#
loop_
_entity.id
_entity.type
_entity.pdbx_description
1 polymer 'DNA mismatch repair protein MutS'
2 non-polymer 'MAGNESIUM ION'
3 non-polymer 'PHOSPHOAMINOPHOSPHONIC ACID-ADENYLATE ESTER'
#
_entity_poly.entity_id   1
_entity_poly.type   'polypeptide(L)'
_entity_poly.pdbx_seq_one_letter_code
;HHHHHHMSAIENFDAHTPMMQQYLRLKAQHPEILLFYRMGDFYELFYDDAKRASQLLDISLTKRGASAGEPIPMAGIPYH
AVENYLAKLVNQGESVAICEQIGDPATSKGPVERKVVRIVTPGTISDEALLQERQDNLLAAIWQDSKGFGYATLDISSGR
FRLSEPADRETMAAELQRTNPAELLYAEDFAEMSLIEGRRGLRRRPLWEFEIDTARQQLNLQFGTRDLVGFGVENAPRGL
CAAGCLLQYAKDTQRTTLPHIRSITMEREQDSIIMDAATRRNLEITQNLAGGAENTLASVLDCTVTPMGSRMLKRWLHMP
VRDTRVLLERQQTIGALQDFTAGLQPVLRQVGDLERILARLALRTARPRDLARMRHAFQQLPELRAQLETVDSAPVQALR
EKMGEFAELRDLLERAIIDTPPVLVRDGGVIASGYNEELDEWRALADGATDYLERLEVRERERTGLDTLKVGFNAVHGYY
IQISRGQSHLAPINYMRRQTLKNAERYIIPELKEYEDKVLTSKGKALALEKQLYEELFDLLLPHLEALQQSASALAELDV
LVNLAERAYTLNYTCPTFIDKPGIRITEGRHPVVEQVLNEPFIANPLNLSPQRRMLIITGPNMGGKSTYMRQTALIALMA
YIGSYVPAQKVEIGPIDRIFTRVGAADDLASGRSTFMVEMTETANILHNATEYSLVLMDEIGRGTSTYDGLSLAWACAEN
LANKIKALTLFATHYFELTQLPEKMEGVANVHLDALEHGDTIAFMHSVQDGAASKSYGLAVAALAGVPKEVIKRARQKLR
ELESIS
;
_entity_poly.pdbx_strand_id   B,A
#
loop_
_chem_comp.id
_chem_comp.type
_chem_comp.name
_chem_comp.formula
ANP non-polymer 'PHOSPHOAMINOPHOSPHONIC ACID-ADENYLATE ESTER' 'C10 H17 N6 O12 P3'
MG non-polymer 'MAGNESIUM ION' 'Mg 2'
#
# COMPACT_ATOMS: atom_id res chain seq x y z
N ASP A 136 -7.69 -30.03 38.18
CA ASP A 136 -7.66 -28.78 37.37
C ASP A 136 -6.28 -28.14 37.46
N ASN A 137 -5.72 -28.02 38.68
CA ASN A 137 -4.33 -27.52 38.86
C ASN A 137 -4.13 -26.24 38.04
N LEU A 138 -5.11 -25.32 38.03
CA LEU A 138 -5.01 -24.13 37.14
C LEU A 138 -4.91 -22.83 37.95
N LEU A 139 -3.82 -22.08 37.74
CA LEU A 139 -3.65 -20.76 38.38
C LEU A 139 -4.09 -19.75 37.34
N ALA A 140 -4.82 -18.69 37.71
CA ALA A 140 -5.36 -17.73 36.73
C ALA A 140 -5.14 -16.28 37.17
N ALA A 141 -5.24 -15.32 36.26
CA ALA A 141 -5.13 -13.89 36.58
C ALA A 141 -6.15 -13.14 35.74
N ILE A 142 -6.66 -12.00 36.22
CA ILE A 142 -7.69 -11.21 35.49
C ILE A 142 -7.33 -9.72 35.61
N TRP A 143 -7.67 -8.92 34.59
CA TRP A 143 -7.32 -7.47 34.56
C TRP A 143 -8.46 -6.70 33.91
N GLN A 144 -8.63 -5.42 34.26
CA GLN A 144 -9.66 -4.55 33.64
C GLN A 144 -9.02 -3.20 33.30
N ASP A 145 -9.44 -2.55 32.21
CA ASP A 145 -8.96 -1.19 31.83
C ASP A 145 -9.99 -0.62 30.87
N SER A 146 -9.78 0.61 30.38
CA SER A 146 -10.70 1.25 29.39
C SER A 146 -10.77 0.43 28.09
N LYS A 147 -9.64 -0.12 27.62
CA LYS A 147 -9.60 -0.86 26.34
C LYS A 147 -10.49 -2.11 26.39
N GLY A 148 -10.48 -2.84 27.52
CA GLY A 148 -11.25 -4.10 27.63
C GLY A 148 -10.87 -4.89 28.87
N PHE A 149 -11.01 -6.22 28.84
CA PHE A 149 -10.59 -7.09 29.96
C PHE A 149 -9.49 -8.05 29.48
N GLY A 150 -8.51 -8.35 30.34
CA GLY A 150 -7.40 -9.26 30.00
C GLY A 150 -7.47 -10.45 30.92
N TYR A 151 -7.01 -11.62 30.48
CA TYR A 151 -7.08 -12.86 31.29
C TYR A 151 -5.83 -13.70 31.02
N ALA A 152 -5.46 -14.60 31.94
CA ALA A 152 -4.28 -15.48 31.77
C ALA A 152 -4.59 -16.83 32.43
N THR A 153 -3.96 -17.90 31.98
CA THR A 153 -4.17 -19.26 32.56
C THR A 153 -2.81 -19.96 32.64
N LEU A 154 -2.53 -20.70 33.72
CA LEU A 154 -1.29 -21.51 33.81
C LEU A 154 -1.63 -22.88 34.41
N ASP A 155 -1.30 -23.96 33.72
CA ASP A 155 -1.60 -25.32 34.22
C ASP A 155 -0.32 -25.83 34.86
N ILE A 156 -0.36 -26.19 36.13
CA ILE A 156 0.84 -26.68 36.86
C ILE A 156 1.26 -28.02 36.28
N SER A 157 0.30 -28.91 35.99
CA SER A 157 0.60 -30.28 35.50
C SER A 157 1.23 -30.32 34.12
N SER A 158 0.75 -29.52 33.16
CA SER A 158 1.23 -29.59 31.76
C SER A 158 2.14 -28.42 31.37
N GLY A 159 2.40 -27.48 32.28
CA GLY A 159 3.19 -26.29 31.93
C GLY A 159 2.57 -25.52 30.78
N ARG A 160 1.23 -25.46 30.71
CA ARG A 160 0.54 -24.77 29.59
C ARG A 160 0.19 -23.34 29.99
N PHE A 161 0.79 -22.35 29.33
CA PHE A 161 0.55 -20.92 29.71
C PHE A 161 -0.19 -20.26 28.55
N ARG A 162 -1.39 -19.74 28.79
CA ARG A 162 -2.19 -19.13 27.71
C ARG A 162 -2.78 -17.79 28.18
N LEU A 163 -3.11 -16.89 27.26
CA LEU A 163 -3.72 -15.58 27.62
C LEU A 163 -4.93 -15.32 26.74
N SER A 164 -5.85 -14.45 27.19
CA SER A 164 -7.06 -14.09 26.41
C SER A 164 -7.33 -12.59 26.59
N GLU A 165 -8.04 -11.96 25.66
CA GLU A 165 -8.46 -10.53 25.81
C GLU A 165 -9.96 -10.43 25.49
N PRO A 166 -10.87 -10.95 26.37
CA PRO A 166 -12.29 -10.97 26.05
C PRO A 166 -12.75 -9.54 26.32
N ALA A 167 -13.41 -8.89 25.35
CA ALA A 167 -13.76 -7.44 25.47
C ALA A 167 -15.20 -7.20 25.97
N ASP A 168 -15.92 -8.24 26.40
CA ASP A 168 -17.31 -8.07 26.94
C ASP A 168 -17.38 -8.60 28.38
N ARG A 169 -18.18 -7.95 29.23
CA ARG A 169 -18.31 -8.39 30.66
C ARG A 169 -18.92 -9.80 30.67
N GLU A 170 -19.94 -10.02 29.84
CA GLU A 170 -20.62 -11.33 29.79
C GLU A 170 -19.66 -12.39 29.27
N THR A 171 -18.84 -12.06 28.26
CA THR A 171 -17.84 -13.01 27.69
C THR A 171 -16.83 -13.34 28.78
N MET A 172 -16.41 -12.33 29.56
CA MET A 172 -15.42 -12.56 30.64
C MET A 172 -16.06 -13.49 31.68
N ALA A 173 -17.35 -13.33 31.96
CA ALA A 173 -18.07 -14.20 32.92
C ALA A 173 -18.13 -15.63 32.38
N ALA A 174 -18.44 -15.79 31.08
CA ALA A 174 -18.48 -17.13 30.46
C ALA A 174 -17.08 -17.75 30.49
N GLU A 175 -16.05 -16.95 30.18
CA GLU A 175 -14.66 -17.45 30.16
C GLU A 175 -14.26 -17.88 31.56
N LEU A 176 -14.66 -17.12 32.59
CA LEU A 176 -14.27 -17.43 34.00
C LEU A 176 -14.85 -18.80 34.36
N GLN A 177 -16.13 -19.03 34.01
CA GLN A 177 -16.77 -20.35 34.27
C GLN A 177 -16.13 -21.46 33.45
N ARG A 178 -15.88 -21.21 32.16
CA ARG A 178 -15.33 -22.25 31.25
C ARG A 178 -13.95 -22.67 31.76
N THR A 179 -13.11 -21.70 32.16
CA THR A 179 -11.77 -22.00 32.73
C THR A 179 -11.90 -22.63 34.13
N ASN A 180 -12.86 -22.17 34.95
CA ASN A 180 -13.09 -22.72 36.32
C ASN A 180 -11.77 -22.80 37.06
N PRO A 181 -10.97 -21.72 37.15
CA PRO A 181 -9.64 -21.81 37.75
C PRO A 181 -9.58 -22.17 39.23
N ALA A 182 -8.59 -22.97 39.60
CA ALA A 182 -8.40 -23.39 41.01
C ALA A 182 -8.11 -22.17 41.88
N GLU A 183 -7.29 -21.22 41.37
CA GLU A 183 -6.93 -19.99 42.12
C GLU A 183 -7.04 -18.82 41.14
N LEU A 184 -7.35 -17.62 41.63
CA LEU A 184 -7.44 -16.44 40.74
C LEU A 184 -6.71 -15.26 41.39
N LEU A 185 -6.14 -14.36 40.60
CA LEU A 185 -5.46 -13.14 41.12
C LEU A 185 -6.11 -11.97 40.37
N TYR A 186 -6.52 -10.91 41.08
CA TYR A 186 -7.14 -9.72 40.44
C TYR A 186 -6.52 -8.43 40.93
N ALA A 187 -6.69 -7.36 40.15
CA ALA A 187 -6.16 -6.03 40.52
C ALA A 187 -6.87 -5.55 41.79
N GLU A 188 -6.16 -4.83 42.66
CA GLU A 188 -6.75 -4.32 43.93
C GLU A 188 -7.91 -3.40 43.56
N ASP A 189 -7.79 -2.67 42.44
CA ASP A 189 -8.83 -1.69 42.00
C ASP A 189 -9.64 -2.25 40.82
N PHE A 190 -9.83 -3.58 40.74
CA PHE A 190 -10.69 -4.15 39.68
C PHE A 190 -12.09 -3.54 39.82
N ALA A 191 -12.65 -2.99 38.74
CA ALA A 191 -13.95 -2.29 38.80
C ALA A 191 -15.14 -3.23 39.06
N GLU A 192 -15.20 -4.38 38.38
CA GLU A 192 -16.36 -5.30 38.51
C GLU A 192 -15.92 -6.59 39.23
N MET A 193 -16.03 -6.63 40.56
CA MET A 193 -15.67 -7.84 41.34
C MET A 193 -16.75 -8.91 41.17
N SER A 194 -17.95 -8.53 40.70
CA SER A 194 -19.10 -9.46 40.58
C SER A 194 -18.75 -10.62 39.63
N LEU A 195 -17.94 -10.38 38.59
CA LEU A 195 -17.52 -11.46 37.65
C LEU A 195 -16.78 -12.52 38.45
N ILE A 196 -15.95 -12.12 39.42
CA ILE A 196 -15.12 -13.05 40.23
C ILE A 196 -15.56 -12.98 41.70
N GLU A 197 -16.83 -12.64 41.96
CA GLU A 197 -17.30 -12.44 43.36
C GLU A 197 -17.14 -13.72 44.17
N GLY A 198 -17.52 -14.87 43.59
CA GLY A 198 -17.36 -16.16 44.29
C GLY A 198 -16.52 -17.13 43.48
N ARG A 199 -15.28 -17.39 43.91
CA ARG A 199 -14.36 -18.21 43.09
C ARG A 199 -13.48 -19.05 44.02
N ARG A 200 -12.86 -20.11 43.50
CA ARG A 200 -12.05 -21.04 44.31
C ARG A 200 -10.72 -20.35 44.66
N GLY A 201 -10.41 -20.23 45.96
CA GLY A 201 -9.12 -19.65 46.40
C GLY A 201 -8.84 -18.30 45.76
N LEU A 202 -9.85 -17.42 45.67
CA LEU A 202 -9.70 -16.08 45.04
C LEU A 202 -8.68 -15.28 45.86
N ARG A 203 -7.75 -14.56 45.21
CA ARG A 203 -6.67 -13.80 45.92
C ARG A 203 -6.50 -12.44 45.25
N ARG A 204 -5.89 -11.47 45.94
CA ARG A 204 -5.62 -10.12 45.37
C ARG A 204 -4.12 -9.83 45.42
N ARG A 205 -3.56 -9.27 44.35
CA ARG A 205 -2.11 -8.95 44.27
C ARG A 205 -1.99 -7.47 43.88
N PRO A 206 -0.84 -6.78 44.13
CA PRO A 206 -0.70 -5.35 43.87
C PRO A 206 -0.64 -4.94 42.40
N LEU A 207 -0.95 -3.67 42.10
CA LEU A 207 -0.97 -3.17 40.71
C LEU A 207 0.42 -3.24 40.10
N TRP A 208 1.48 -3.06 40.90
CA TRP A 208 2.86 -3.01 40.35
C TRP A 208 3.16 -4.33 39.63
N GLU A 209 2.66 -5.45 40.15
CA GLU A 209 2.86 -6.79 39.51
C GLU A 209 2.18 -6.84 38.13
N PHE A 210 1.09 -6.09 37.92
CA PHE A 210 0.32 -6.14 36.65
C PHE A 210 0.88 -5.22 35.55
N GLU A 211 1.90 -4.40 35.79
CA GLU A 211 2.38 -3.40 34.79
C GLU A 211 2.91 -4.10 33.55
N ILE A 212 2.56 -3.60 32.36
CA ILE A 212 2.93 -4.28 31.06
C ILE A 212 4.44 -4.29 30.82
N ASP A 213 5.14 -3.17 31.02
CA ASP A 213 6.59 -3.12 30.66
C ASP A 213 7.39 -4.09 31.52
N THR A 214 7.11 -4.15 32.82
CA THR A 214 7.77 -5.11 33.73
C THR A 214 7.41 -6.54 33.31
N ALA A 215 6.14 -6.79 32.98
CA ALA A 215 5.65 -8.14 32.62
C ALA A 215 6.31 -8.65 31.33
N ARG A 216 6.41 -7.79 30.33
CA ARG A 216 7.00 -8.21 29.03
C ARG A 216 8.46 -8.62 29.22
N GLN A 217 9.24 -7.86 29.99
CA GLN A 217 10.68 -8.17 30.21
C GLN A 217 10.80 -9.53 30.92
N GLN A 218 9.98 -9.78 31.94
CA GLN A 218 10.07 -11.05 32.71
C GLN A 218 9.70 -12.24 31.82
N LEU A 219 8.64 -12.09 31.01
CA LEU A 219 8.19 -13.19 30.12
C LEU A 219 9.31 -13.47 29.10
N ASN A 220 9.90 -12.41 28.56
CA ASN A 220 10.96 -12.59 27.52
C ASN A 220 12.13 -13.35 28.14
N LEU A 221 12.54 -12.98 29.34
CA LEU A 221 13.69 -13.63 30.03
C LEU A 221 13.37 -15.08 30.35
N GLN A 222 12.14 -15.37 30.80
CA GLN A 222 11.75 -16.74 31.21
C GLN A 222 11.85 -17.67 30.00
N PHE A 223 11.45 -17.21 28.82
CA PHE A 223 11.43 -18.04 27.58
C PHE A 223 12.77 -17.96 26.80
N GLY A 224 13.67 -17.05 27.17
CA GLY A 224 14.93 -16.84 26.44
C GLY A 224 14.74 -16.31 25.04
N THR A 225 13.80 -15.38 24.82
CA THR A 225 13.50 -14.81 23.48
C THR A 225 13.68 -13.28 23.54
N ARG A 226 14.13 -12.64 22.46
CA ARG A 226 14.26 -11.16 22.38
C ARG A 226 12.88 -10.51 22.37
N ASP A 227 11.92 -11.10 21.66
CA ASP A 227 10.52 -10.58 21.56
C ASP A 227 9.57 -11.78 21.63
N LEU A 228 8.28 -11.55 21.81
CA LEU A 228 7.28 -12.64 21.94
C LEU A 228 6.41 -12.68 20.68
N VAL A 229 6.88 -12.06 19.58
CA VAL A 229 6.13 -12.07 18.28
C VAL A 229 6.04 -13.53 17.80
N GLY A 230 7.10 -14.31 18.01
CA GLY A 230 7.11 -15.73 17.59
C GLY A 230 6.04 -16.53 18.31
N PHE A 231 5.85 -16.30 19.59
CA PHE A 231 4.82 -17.03 20.39
C PHE A 231 3.44 -16.60 19.92
N GLY A 232 3.31 -15.43 19.31
CA GLY A 232 2.02 -14.94 18.76
C GLY A 232 1.24 -14.12 19.75
N VAL A 233 1.83 -13.76 20.88
CA VAL A 233 1.12 -13.02 21.97
C VAL A 233 1.64 -11.58 22.16
N GLU A 234 2.51 -11.10 21.28
CA GLU A 234 3.14 -9.76 21.43
C GLU A 234 2.11 -8.65 21.37
N ASN A 235 1.09 -8.76 20.52
CA ASN A 235 0.15 -7.63 20.29
C ASN A 235 -1.04 -7.64 21.26
N ALA A 236 -1.08 -8.54 22.24
CA ALA A 236 -2.15 -8.50 23.27
C ALA A 236 -1.67 -7.77 24.53
N PRO A 237 -1.81 -6.43 24.71
CA PRO A 237 -1.27 -5.78 25.90
C PRO A 237 -1.93 -6.25 27.19
N ARG A 238 -3.27 -6.30 27.19
CA ARG A 238 -4.02 -6.68 28.40
C ARG A 238 -3.71 -8.13 28.79
N GLY A 239 -3.64 -9.02 27.81
CA GLY A 239 -3.37 -10.44 28.09
C GLY A 239 -1.99 -10.64 28.68
N LEU A 240 -0.97 -9.96 28.13
CA LEU A 240 0.41 -10.08 28.63
C LEU A 240 0.49 -9.53 30.06
N CYS A 241 -0.22 -8.43 30.37
CA CYS A 241 -0.16 -7.81 31.71
C CYS A 241 -0.67 -8.79 32.78
N ALA A 242 -1.78 -9.48 32.51
CA ALA A 242 -2.32 -10.52 33.42
C ALA A 242 -1.31 -11.67 33.51
N ALA A 243 -0.67 -12.04 32.39
CA ALA A 243 0.30 -13.16 32.34
C ALA A 243 1.52 -12.84 33.22
N GLY A 244 1.97 -11.59 33.23
CA GLY A 244 3.11 -11.20 34.08
C GLY A 244 2.83 -11.43 35.55
N CYS A 245 1.63 -11.10 36.02
CA CYS A 245 1.24 -11.33 37.44
C CYS A 245 1.22 -12.83 37.74
N LEU A 246 0.69 -13.62 36.81
CA LEU A 246 0.59 -15.09 37.00
C LEU A 246 1.99 -15.72 37.05
N LEU A 247 2.92 -15.25 36.20
CA LEU A 247 4.30 -15.81 36.14
C LEU A 247 4.98 -15.60 37.50
N GLN A 248 4.89 -14.38 38.05
CA GLN A 248 5.55 -14.08 39.35
C GLN A 248 4.90 -14.94 40.44
N TYR A 249 3.58 -15.02 40.45
CA TYR A 249 2.85 -15.81 41.49
C TYR A 249 3.21 -17.28 41.36
N ALA A 250 3.32 -17.77 40.12
CA ALA A 250 3.61 -19.19 39.87
C ALA A 250 5.00 -19.52 40.39
N LYS A 251 5.96 -18.62 40.20
CA LYS A 251 7.34 -18.84 40.68
C LYS A 251 7.29 -18.93 42.21
N ASP A 252 6.53 -18.05 42.86
CA ASP A 252 6.45 -18.03 44.35
C ASP A 252 5.82 -19.34 44.85
N THR A 253 4.70 -19.75 44.26
CA THR A 253 3.97 -20.96 44.75
C THR A 253 4.81 -22.23 44.54
N GLN A 254 5.41 -22.41 43.36
CA GLN A 254 6.34 -23.55 43.10
C GLN A 254 7.44 -23.08 42.16
N ARG A 255 8.71 -23.39 42.46
CA ARG A 255 9.81 -23.09 41.50
C ARG A 255 10.02 -24.34 40.63
N THR A 256 9.36 -25.45 40.97
CA THR A 256 9.47 -26.74 40.23
C THR A 256 8.87 -26.65 38.82
N THR A 257 7.74 -25.95 38.67
CA THR A 257 7.05 -25.78 37.36
C THR A 257 7.79 -24.78 36.48
N LEU A 258 8.56 -23.86 37.06
CA LEU A 258 9.17 -22.75 36.27
C LEU A 258 10.02 -23.26 35.10
N PRO A 259 10.88 -24.30 35.21
CA PRO A 259 11.70 -24.71 34.07
C PRO A 259 10.85 -25.43 33.02
N HIS A 260 9.62 -25.82 33.35
CA HIS A 260 8.71 -26.55 32.43
C HIS A 260 7.73 -25.59 31.74
N ILE A 261 7.94 -24.27 31.83
CA ILE A 261 7.09 -23.26 31.12
C ILE A 261 7.92 -22.73 29.96
N ARG A 262 7.59 -23.12 28.72
CA ARG A 262 8.41 -22.72 27.54
C ARG A 262 7.65 -21.88 26.51
N SER A 263 6.33 -21.68 26.64
CA SER A 263 5.55 -20.93 25.63
C SER A 263 4.35 -20.18 26.20
N ILE A 264 3.84 -19.20 25.45
CA ILE A 264 2.67 -18.37 25.88
C ILE A 264 1.83 -18.22 24.61
N THR A 265 0.62 -18.76 24.57
CA THR A 265 -0.19 -18.76 23.32
C THR A 265 -1.56 -18.13 23.61
N MET A 266 -2.23 -17.55 22.62
CA MET A 266 -3.60 -17.02 22.81
C MET A 266 -4.56 -18.21 22.82
N GLU A 267 -5.76 -18.03 23.37
CA GLU A 267 -6.77 -19.11 23.40
C GLU A 267 -7.88 -18.70 22.45
N ARG A 268 -8.18 -19.55 21.46
CA ARG A 268 -9.28 -19.28 20.51
C ARG A 268 -9.82 -20.57 19.92
N GLU A 269 -11.12 -20.85 20.08
CA GLU A 269 -11.77 -22.01 19.42
C GLU A 269 -12.77 -21.36 18.47
N GLN A 270 -12.40 -20.19 17.96
CA GLN A 270 -13.34 -19.39 17.15
C GLN A 270 -13.87 -20.20 15.98
N ASP A 271 -15.13 -19.99 15.62
CA ASP A 271 -15.72 -20.70 14.47
C ASP A 271 -14.91 -20.37 13.23
N SER A 272 -14.58 -19.11 12.99
CA SER A 272 -13.87 -18.75 11.74
C SER A 272 -12.52 -19.46 11.74
N ILE A 273 -12.07 -19.96 10.58
CA ILE A 273 -10.71 -20.59 10.51
C ILE A 273 -9.74 -19.47 10.82
N ILE A 274 -8.76 -19.74 11.67
CA ILE A 274 -7.81 -18.67 12.11
C ILE A 274 -6.80 -18.49 10.99
N MET A 275 -6.59 -17.27 10.52
CA MET A 275 -5.54 -17.00 9.50
C MET A 275 -4.79 -15.76 9.98
N ASP A 276 -3.46 -15.81 10.04
CA ASP A 276 -2.62 -14.66 10.48
C ASP A 276 -2.58 -13.61 9.38
N ALA A 277 -2.17 -12.39 9.71
CA ALA A 277 -2.17 -11.30 8.72
C ALA A 277 -1.25 -11.65 7.55
N ALA A 278 -0.13 -12.27 7.85
CA ALA A 278 0.84 -12.66 6.80
C ALA A 278 0.24 -13.69 5.86
N THR A 279 -0.52 -14.67 6.39
CA THR A 279 -1.14 -15.73 5.55
C THR A 279 -2.13 -15.11 4.57
N ARG A 280 -2.91 -14.14 5.02
CA ARG A 280 -3.93 -13.50 4.15
C ARG A 280 -3.25 -12.78 2.98
N ARG A 281 -2.20 -12.01 3.23
CA ARG A 281 -1.45 -11.30 2.16
C ARG A 281 -0.70 -12.29 1.26
N ASN A 282 -0.10 -13.33 1.82
CA ASN A 282 0.65 -14.34 1.02
C ASN A 282 -0.33 -15.07 0.08
N LEU A 283 -1.51 -15.43 0.58
CA LEU A 283 -2.52 -16.17 -0.22
C LEU A 283 -3.24 -15.21 -1.18
N GLU A 284 -3.05 -13.90 -1.01
CA GLU A 284 -3.69 -12.86 -1.85
C GLU A 284 -5.20 -13.04 -1.81
N ILE A 285 -5.77 -13.19 -0.62
CA ILE A 285 -7.23 -13.45 -0.49
C ILE A 285 -8.00 -12.25 -1.04
N THR A 286 -7.63 -11.02 -0.70
CA THR A 286 -8.29 -9.79 -1.23
C THR A 286 -7.27 -8.77 -1.77
N GLN A 287 -6.11 -8.64 -1.14
CA GLN A 287 -5.06 -7.67 -1.55
C GLN A 287 -3.79 -8.42 -1.96
N ASN A 288 -3.20 -8.09 -3.12
CA ASN A 288 -1.99 -8.78 -3.62
C ASN A 288 -0.80 -8.32 -2.79
N LEU A 289 0.37 -8.96 -2.98
CA LEU A 289 1.59 -8.63 -2.19
C LEU A 289 2.02 -7.18 -2.44
N ALA A 290 1.90 -6.67 -3.67
CA ALA A 290 2.21 -5.26 -4.01
C ALA A 290 1.25 -4.28 -3.31
N GLY A 291 0.03 -4.71 -2.99
CA GLY A 291 -1.00 -3.83 -2.41
C GLY A 291 -2.15 -3.57 -3.38
N GLY A 292 -2.03 -4.04 -4.62
CA GLY A 292 -3.07 -3.85 -5.64
C GLY A 292 -4.26 -4.76 -5.51
N ALA A 293 -5.42 -4.34 -6.00
CA ALA A 293 -6.66 -5.15 -5.97
C ALA A 293 -6.62 -6.34 -6.92
N GLU A 294 -5.96 -6.23 -8.08
CA GLU A 294 -5.98 -7.29 -9.13
C GLU A 294 -5.12 -8.53 -8.81
N ASN A 295 -5.35 -9.62 -9.53
CA ASN A 295 -4.62 -10.91 -9.31
C ASN A 295 -4.82 -11.40 -7.88
N THR A 296 -6.04 -11.32 -7.35
CA THR A 296 -6.38 -11.81 -5.98
C THR A 296 -7.59 -12.74 -6.09
N LEU A 297 -7.82 -13.58 -5.08
CA LEU A 297 -8.95 -14.57 -5.11
C LEU A 297 -10.26 -13.80 -5.18
N ALA A 298 -10.37 -12.71 -4.44
CA ALA A 298 -11.60 -11.87 -4.45
C ALA A 298 -11.86 -11.30 -5.86
N SER A 299 -10.84 -10.90 -6.62
CA SER A 299 -11.00 -10.40 -8.01
C SER A 299 -11.62 -11.48 -8.93
N VAL A 300 -11.21 -12.74 -8.80
CA VAL A 300 -11.77 -13.87 -9.60
C VAL A 300 -13.24 -14.10 -9.25
N LEU A 301 -13.60 -14.07 -7.96
CA LEU A 301 -15.00 -14.39 -7.53
C LEU A 301 -15.90 -13.15 -7.41
N ASP A 302 -15.36 -11.92 -7.40
CA ASP A 302 -16.18 -10.69 -7.17
C ASP A 302 -16.74 -10.17 -8.48
N CYS A 303 -17.85 -10.74 -8.96
CA CYS A 303 -18.58 -10.21 -10.14
C CYS A 303 -20.00 -9.90 -9.63
N THR A 304 -20.15 -9.61 -8.33
CA THR A 304 -21.47 -9.36 -7.71
C THR A 304 -22.13 -8.14 -8.35
N VAL A 305 -23.43 -8.23 -8.65
CA VAL A 305 -24.19 -7.11 -9.29
C VAL A 305 -24.26 -5.88 -8.37
N THR A 306 -24.47 -6.07 -7.07
CA THR A 306 -24.72 -4.93 -6.14
C THR A 306 -23.52 -4.66 -5.22
N PRO A 307 -23.27 -3.39 -4.82
CA PRO A 307 -22.15 -3.07 -3.94
C PRO A 307 -22.23 -3.77 -2.58
N MET A 308 -23.42 -3.95 -2.01
CA MET A 308 -23.58 -4.70 -0.72
C MET A 308 -23.07 -6.13 -0.89
N GLY A 309 -23.33 -6.74 -2.04
CA GLY A 309 -22.88 -8.11 -2.30
C GLY A 309 -21.37 -8.21 -2.30
N SER A 310 -20.68 -7.25 -2.91
CA SER A 310 -19.20 -7.30 -3.01
C SER A 310 -18.59 -7.22 -1.61
N ARG A 311 -19.16 -6.40 -0.73
CA ARG A 311 -18.67 -6.30 0.66
C ARG A 311 -18.85 -7.63 1.39
N MET A 312 -20.00 -8.29 1.21
CA MET A 312 -20.31 -9.56 1.92
C MET A 312 -19.34 -10.66 1.48
N LEU A 313 -19.04 -10.76 0.19
CA LEU A 313 -18.11 -11.80 -0.33
C LEU A 313 -16.73 -11.56 0.28
N LYS A 314 -16.28 -10.31 0.34
CA LYS A 314 -14.93 -9.97 0.89
C LYS A 314 -14.90 -10.34 2.37
N ARG A 315 -15.99 -10.08 3.09
CA ARG A 315 -16.09 -10.44 4.52
C ARG A 315 -16.07 -11.96 4.68
N TRP A 316 -16.77 -12.70 3.81
CA TRP A 316 -16.81 -14.18 3.87
C TRP A 316 -15.38 -14.73 3.64
N LEU A 317 -14.64 -14.17 2.67
CA LEU A 317 -13.28 -14.67 2.34
C LEU A 317 -12.34 -14.47 3.55
N HIS A 318 -12.40 -13.33 4.23
CA HIS A 318 -11.56 -13.04 5.43
C HIS A 318 -11.92 -13.93 6.62
N MET A 319 -13.21 -14.17 6.90
CA MET A 319 -13.62 -15.13 7.98
C MET A 319 -14.32 -16.35 7.35
N PRO A 320 -13.65 -17.50 7.12
CA PRO A 320 -14.32 -18.67 6.60
C PRO A 320 -14.95 -19.47 7.74
N VAL A 321 -16.28 -19.64 7.73
CA VAL A 321 -17.01 -20.36 8.81
C VAL A 321 -16.56 -21.82 8.80
N ARG A 322 -16.31 -22.44 9.97
CA ARG A 322 -15.87 -23.86 10.08
C ARG A 322 -17.04 -24.78 10.44
N ASP A 323 -18.21 -24.22 10.76
CA ASP A 323 -19.42 -25.02 11.09
C ASP A 323 -19.99 -25.58 9.79
N THR A 324 -20.16 -26.90 9.71
CA THR A 324 -20.61 -27.57 8.46
C THR A 324 -22.04 -27.16 8.09
N ARG A 325 -22.93 -26.98 9.06
CA ARG A 325 -24.36 -26.72 8.77
C ARG A 325 -24.58 -25.43 7.95
N VAL A 326 -23.93 -24.32 8.30
CA VAL A 326 -24.08 -23.05 7.54
C VAL A 326 -23.54 -23.23 6.11
N LEU A 327 -22.41 -23.89 5.95
CA LEU A 327 -21.77 -24.10 4.61
C LEU A 327 -22.67 -24.98 3.75
N LEU A 328 -23.27 -26.01 4.34
CA LEU A 328 -24.12 -26.95 3.55
C LEU A 328 -25.34 -26.19 3.03
N GLU A 329 -25.90 -25.28 3.83
CA GLU A 329 -27.03 -24.44 3.38
C GLU A 329 -26.61 -23.53 2.20
N ARG A 330 -25.45 -22.89 2.29
CA ARG A 330 -24.94 -21.98 1.22
C ARG A 330 -24.70 -22.78 -0.05
N GLN A 331 -24.07 -23.96 0.06
CA GLN A 331 -23.76 -24.81 -1.12
C GLN A 331 -25.03 -25.28 -1.80
N GLN A 332 -26.05 -25.65 -1.03
CA GLN A 332 -27.36 -26.07 -1.59
C GLN A 332 -27.97 -24.92 -2.37
N THR A 333 -27.91 -23.70 -1.85
CA THR A 333 -28.44 -22.51 -2.57
C THR A 333 -27.66 -22.29 -3.87
N ILE A 334 -26.34 -22.44 -3.85
CA ILE A 334 -25.51 -22.17 -5.06
C ILE A 334 -25.90 -23.16 -6.16
N GLY A 335 -26.04 -24.44 -5.82
CA GLY A 335 -26.47 -25.46 -6.80
C GLY A 335 -27.90 -25.25 -7.26
N ALA A 336 -28.81 -24.91 -6.34
CA ALA A 336 -30.24 -24.68 -6.66
C ALA A 336 -30.44 -23.46 -7.57
N LEU A 337 -29.73 -22.34 -7.34
CA LEU A 337 -29.91 -21.08 -8.11
C LEU A 337 -29.00 -21.05 -9.34
N GLN A 338 -28.25 -22.11 -9.60
CA GLN A 338 -27.33 -22.19 -10.79
C GLN A 338 -28.14 -22.09 -12.09
N ASP A 339 -29.27 -22.77 -12.18
CA ASP A 339 -30.13 -22.77 -13.39
C ASP A 339 -30.69 -21.37 -13.67
N PHE A 340 -31.05 -20.61 -12.62
CA PHE A 340 -31.77 -19.32 -12.78
C PHE A 340 -30.91 -18.06 -12.54
N THR A 341 -29.60 -18.15 -12.65
CA THR A 341 -28.71 -16.99 -12.35
C THR A 341 -29.04 -15.83 -13.29
N ALA A 342 -29.29 -16.09 -14.57
CA ALA A 342 -29.57 -15.03 -15.58
C ALA A 342 -30.85 -14.27 -15.29
N GLY A 343 -31.91 -14.94 -14.85
CA GLY A 343 -33.16 -14.25 -14.45
C GLY A 343 -33.04 -13.45 -13.18
N LEU A 344 -32.36 -13.96 -12.14
CA LEU A 344 -32.23 -13.28 -10.82
C LEU A 344 -31.30 -12.05 -10.86
N GLN A 345 -30.17 -12.13 -11.56
CA GLN A 345 -29.15 -11.03 -11.50
C GLN A 345 -29.65 -9.69 -12.02
N PRO A 346 -30.41 -9.58 -13.13
CA PRO A 346 -30.85 -8.27 -13.56
C PRO A 346 -31.74 -7.62 -12.49
N VAL A 347 -32.66 -8.39 -11.91
CA VAL A 347 -33.59 -7.86 -10.87
C VAL A 347 -32.78 -7.45 -9.63
N LEU A 348 -31.77 -8.25 -9.26
CA LEU A 348 -30.90 -7.95 -8.07
C LEU A 348 -30.12 -6.66 -8.32
N ARG A 349 -29.66 -6.43 -9.54
CA ARG A 349 -28.85 -5.22 -9.87
C ARG A 349 -29.72 -4.00 -9.61
N GLN A 350 -31.02 -4.07 -9.94
CA GLN A 350 -31.94 -2.92 -9.77
C GLN A 350 -32.06 -2.57 -8.29
N VAL A 351 -32.04 -3.56 -7.40
CA VAL A 351 -32.20 -3.30 -5.94
C VAL A 351 -31.11 -2.34 -5.50
N GLY A 352 -29.86 -2.56 -5.91
CA GLY A 352 -28.77 -1.60 -5.60
C GLY A 352 -28.25 -1.78 -4.20
N ASP A 353 -27.53 -0.78 -3.67
CA ASP A 353 -27.02 -0.86 -2.28
C ASP A 353 -28.07 -0.32 -1.32
N LEU A 354 -28.56 -1.17 -0.42
CA LEU A 354 -29.62 -0.74 0.53
C LEU A 354 -29.00 -0.52 1.91
N GLU A 355 -27.80 -1.03 2.16
CA GLU A 355 -27.18 -0.95 3.50
C GLU A 355 -26.92 0.51 3.88
N ARG A 356 -26.36 1.30 2.96
CA ARG A 356 -26.08 2.74 3.22
C ARG A 356 -27.41 3.51 3.38
N ILE A 357 -28.40 3.20 2.55
CA ILE A 357 -29.69 3.94 2.61
C ILE A 357 -30.31 3.70 3.99
N LEU A 358 -30.32 2.45 4.45
CA LEU A 358 -30.94 2.09 5.76
C LEU A 358 -30.16 2.71 6.93
N ALA A 359 -28.82 2.75 6.86
CA ALA A 359 -28.00 3.39 7.91
C ALA A 359 -28.30 4.90 7.96
N ARG A 360 -28.44 5.55 6.81
CA ARG A 360 -28.81 7.00 6.76
C ARG A 360 -30.20 7.18 7.37
N LEU A 361 -31.12 6.25 7.10
CA LEU A 361 -32.50 6.32 7.65
C LEU A 361 -32.41 6.26 9.19
N ALA A 362 -31.52 5.45 9.76
CA ALA A 362 -31.37 5.29 11.22
C ALA A 362 -30.93 6.60 11.86
N LEU A 363 -30.05 7.35 11.18
CA LEU A 363 -29.58 8.67 11.68
C LEU A 363 -30.57 9.75 11.22
N ARG A 364 -31.60 9.38 10.46
CA ARG A 364 -32.64 10.32 9.98
C ARG A 364 -31.99 11.40 9.12
N THR A 365 -30.93 11.06 8.37
CA THR A 365 -30.25 12.01 7.46
C THR A 365 -30.49 11.56 6.00
N ALA A 366 -31.41 10.62 5.76
CA ALA A 366 -31.66 10.07 4.41
C ALA A 366 -32.13 11.16 3.47
N ARG A 367 -31.62 11.15 2.24
CA ARG A 367 -32.00 12.19 1.24
C ARG A 367 -33.37 11.86 0.69
N PRO A 368 -34.07 12.80 0.01
CA PRO A 368 -35.35 12.47 -0.60
C PRO A 368 -35.10 11.37 -1.65
N ARG A 369 -34.00 11.47 -2.42
CA ARG A 369 -33.70 10.49 -3.49
C ARG A 369 -33.45 9.11 -2.88
N ASP A 370 -32.81 9.03 -1.73
CA ASP A 370 -32.53 7.74 -1.05
C ASP A 370 -33.83 7.01 -0.68
N LEU A 371 -34.85 7.72 -0.22
CA LEU A 371 -36.17 7.09 0.09
C LEU A 371 -36.78 6.56 -1.22
N ALA A 372 -36.64 7.29 -2.33
CA ALA A 372 -37.13 6.81 -3.65
C ALA A 372 -36.37 5.53 -4.06
N ARG A 373 -35.07 5.47 -3.78
CA ARG A 373 -34.25 4.26 -4.08
C ARG A 373 -34.81 3.08 -3.28
N MET A 374 -35.20 3.31 -2.02
CA MET A 374 -35.78 2.23 -1.18
C MET A 374 -37.09 1.78 -1.82
N ARG A 375 -37.91 2.72 -2.29
CA ARG A 375 -39.22 2.40 -2.94
C ARG A 375 -38.99 1.55 -4.21
N HIS A 376 -37.94 1.84 -4.99
CA HIS A 376 -37.62 1.03 -6.19
C HIS A 376 -37.30 -0.40 -5.80
N ALA A 377 -36.51 -0.60 -4.73
CA ALA A 377 -36.18 -1.95 -4.23
C ALA A 377 -37.43 -2.68 -3.74
N PHE A 378 -38.37 -1.97 -3.11
CA PHE A 378 -39.65 -2.57 -2.66
C PHE A 378 -40.43 -3.06 -3.88
N GLN A 379 -40.45 -2.28 -4.96
CA GLN A 379 -41.13 -2.68 -6.23
C GLN A 379 -40.43 -3.92 -6.81
N GLN A 380 -39.10 -4.02 -6.72
CA GLN A 380 -38.31 -5.17 -7.24
C GLN A 380 -38.56 -6.46 -6.45
N LEU A 381 -38.83 -6.38 -5.14
CA LEU A 381 -38.92 -7.59 -4.27
C LEU A 381 -40.00 -8.59 -4.69
N PRO A 382 -41.22 -8.20 -5.13
CA PRO A 382 -42.20 -9.19 -5.59
C PRO A 382 -41.65 -10.04 -6.74
N GLU A 383 -40.92 -9.43 -7.68
CA GLU A 383 -40.37 -10.18 -8.83
C GLU A 383 -39.38 -11.24 -8.33
N LEU A 384 -38.47 -10.88 -7.42
CA LEU A 384 -37.43 -11.83 -6.96
C LEU A 384 -38.11 -12.97 -6.24
N ARG A 385 -39.12 -12.67 -5.42
CA ARG A 385 -39.80 -13.72 -4.62
C ARG A 385 -40.50 -14.71 -5.54
N ALA A 386 -41.15 -14.22 -6.59
CA ALA A 386 -41.87 -15.10 -7.54
C ALA A 386 -40.90 -16.05 -8.23
N GLN A 387 -39.72 -15.56 -8.64
CA GLN A 387 -38.69 -16.42 -9.30
C GLN A 387 -38.19 -17.48 -8.31
N LEU A 388 -37.93 -17.09 -7.07
CA LEU A 388 -37.40 -18.01 -6.02
C LEU A 388 -38.46 -19.03 -5.61
N GLU A 389 -39.76 -18.70 -5.76
CA GLU A 389 -40.89 -19.59 -5.35
C GLU A 389 -40.88 -20.92 -6.12
N THR A 390 -40.54 -20.88 -7.41
CA THR A 390 -40.45 -22.12 -8.23
C THR A 390 -39.38 -23.06 -7.68
N VAL A 391 -38.25 -22.50 -7.19
CA VAL A 391 -37.12 -23.32 -6.65
C VAL A 391 -37.62 -24.01 -5.39
N ASP A 392 -37.20 -25.25 -5.12
CA ASP A 392 -37.73 -26.02 -3.97
C ASP A 392 -36.58 -26.51 -3.07
N SER A 393 -35.87 -25.58 -2.44
CA SER A 393 -34.74 -25.90 -1.53
C SER A 393 -35.06 -25.18 -0.22
N ALA A 394 -34.89 -25.84 0.91
CA ALA A 394 -35.22 -25.22 2.23
C ALA A 394 -34.36 -23.97 2.44
N PRO A 395 -33.05 -23.92 2.12
CA PRO A 395 -32.29 -22.68 2.25
C PRO A 395 -32.81 -21.56 1.36
N VAL A 396 -33.18 -21.86 0.11
CA VAL A 396 -33.66 -20.83 -0.85
C VAL A 396 -34.94 -20.22 -0.32
N GLN A 397 -35.85 -21.07 0.21
CA GLN A 397 -37.16 -20.60 0.74
C GLN A 397 -37.00 -19.74 1.98
N ALA A 398 -36.07 -20.09 2.87
CA ALA A 398 -35.81 -19.24 4.06
C ALA A 398 -35.33 -17.86 3.63
N LEU A 399 -34.44 -17.80 2.65
CA LEU A 399 -33.89 -16.50 2.16
C LEU A 399 -35.04 -15.70 1.57
N ARG A 400 -35.98 -16.35 0.88
CA ARG A 400 -37.17 -15.67 0.28
C ARG A 400 -38.01 -15.01 1.36
N GLU A 401 -38.27 -15.71 2.46
CA GLU A 401 -39.10 -15.16 3.57
C GLU A 401 -38.39 -13.98 4.24
N LYS A 402 -37.08 -14.06 4.46
CA LYS A 402 -36.29 -12.98 5.11
C LYS A 402 -36.32 -11.71 4.25
N MET A 403 -36.35 -11.84 2.91
CA MET A 403 -36.39 -10.67 2.00
C MET A 403 -37.67 -9.86 2.26
N GLY A 404 -38.83 -10.51 2.37
CA GLY A 404 -40.08 -9.79 2.68
C GLY A 404 -40.64 -9.06 1.47
N GLU A 405 -41.86 -8.52 1.57
CA GLU A 405 -42.45 -7.70 0.47
C GLU A 405 -42.57 -6.22 0.86
N PHE A 406 -42.80 -5.93 2.15
CA PHE A 406 -42.93 -4.53 2.65
C PHE A 406 -43.96 -3.75 1.84
N ALA A 407 -45.15 -4.32 1.61
CA ALA A 407 -46.17 -3.67 0.76
C ALA A 407 -46.65 -2.36 1.38
N GLU A 408 -46.85 -2.31 2.69
CA GLU A 408 -47.34 -1.08 3.39
C GLU A 408 -46.31 0.05 3.29
N LEU A 409 -45.02 -0.27 3.47
CA LEU A 409 -43.94 0.74 3.36
C LEU A 409 -43.90 1.25 1.91
N ARG A 410 -44.06 0.36 0.94
CA ARG A 410 -44.04 0.75 -0.49
C ARG A 410 -45.22 1.67 -0.77
N ASP A 411 -46.39 1.37 -0.18
CA ASP A 411 -47.61 2.20 -0.40
C ASP A 411 -47.37 3.61 0.16
N LEU A 412 -46.78 3.69 1.36
CA LEU A 412 -46.53 5.01 2.00
C LEU A 412 -45.56 5.81 1.14
N LEU A 413 -44.45 5.20 0.70
CA LEU A 413 -43.43 5.94 -0.06
C LEU A 413 -44.00 6.37 -1.41
N GLU A 414 -44.77 5.50 -2.07
CA GLU A 414 -45.32 5.81 -3.41
C GLU A 414 -46.29 6.98 -3.31
N ARG A 415 -47.19 6.95 -2.33
CA ARG A 415 -48.17 8.04 -2.12
C ARG A 415 -47.49 9.32 -1.66
N ALA A 416 -46.51 9.23 -0.75
CA ALA A 416 -45.85 10.42 -0.15
C ALA A 416 -44.77 11.08 -0.99
N ILE A 417 -44.09 10.37 -1.89
CA ILE A 417 -42.91 10.96 -2.62
C ILE A 417 -43.12 10.99 -4.14
N ILE A 418 -42.69 12.08 -4.78
CA ILE A 418 -42.81 12.27 -6.26
C ILE A 418 -41.90 11.26 -6.96
N ASP A 419 -42.15 10.94 -8.24
CA ASP A 419 -41.38 9.92 -9.01
C ASP A 419 -39.88 10.24 -9.10
N THR A 420 -39.50 11.51 -9.27
CA THR A 420 -38.06 11.93 -9.33
C THR A 420 -37.84 13.04 -8.29
N PRO A 421 -37.65 12.71 -6.99
CA PRO A 421 -37.55 13.75 -5.97
C PRO A 421 -36.26 14.57 -6.02
N PRO A 422 -36.23 15.80 -5.47
CA PRO A 422 -35.03 16.64 -5.53
C PRO A 422 -33.91 16.11 -4.64
N VAL A 423 -32.66 16.50 -4.90
CA VAL A 423 -31.47 15.98 -4.15
C VAL A 423 -31.57 16.33 -2.66
N LEU A 424 -32.10 17.50 -2.31
CA LEU A 424 -32.19 17.95 -0.89
C LEU A 424 -33.65 18.23 -0.53
N VAL A 425 -34.05 17.99 0.73
CA VAL A 425 -35.46 18.21 1.19
C VAL A 425 -35.74 19.70 1.38
N ARG A 426 -34.70 20.52 1.51
CA ARG A 426 -34.86 21.98 1.84
C ARG A 426 -35.62 22.73 0.75
N ASP A 427 -35.34 22.48 -0.52
CA ASP A 427 -35.96 23.27 -1.62
C ASP A 427 -37.47 23.07 -1.61
N GLY A 428 -37.93 21.83 -1.39
CA GLY A 428 -39.36 21.52 -1.41
C GLY A 428 -39.75 20.74 -2.64
N GLY A 429 -40.99 20.26 -2.74
CA GLY A 429 -41.42 19.41 -3.87
C GLY A 429 -41.16 17.94 -3.62
N VAL A 430 -40.59 17.58 -2.46
CA VAL A 430 -40.38 16.14 -2.10
C VAL A 430 -41.72 15.45 -1.88
N ILE A 431 -42.64 16.05 -1.13
CA ILE A 431 -43.95 15.40 -0.80
C ILE A 431 -44.82 15.41 -2.05
N ALA A 432 -45.61 14.36 -2.27
CA ALA A 432 -46.47 14.25 -3.48
C ALA A 432 -47.91 14.57 -3.09
N SER A 433 -48.67 15.22 -3.97
CA SER A 433 -50.04 15.66 -3.63
C SER A 433 -50.94 14.48 -3.28
N GLY A 434 -51.80 14.63 -2.28
CA GLY A 434 -52.70 13.55 -1.83
C GLY A 434 -52.22 12.91 -0.55
N TYR A 435 -50.94 13.10 -0.18
CA TYR A 435 -50.45 12.58 1.11
C TYR A 435 -51.11 13.35 2.25
N ASN A 436 -51.24 14.68 2.12
CA ASN A 436 -51.88 15.53 3.15
C ASN A 436 -52.82 16.52 2.46
N GLU A 437 -54.09 16.60 2.89
CA GLU A 437 -55.09 17.54 2.30
C GLU A 437 -54.70 19.00 2.53
N GLU A 438 -54.22 19.33 3.74
CA GLU A 438 -53.88 20.74 4.09
C GLU A 438 -52.74 21.23 3.19
N LEU A 439 -51.74 20.38 2.94
CA LEU A 439 -50.58 20.76 2.10
C LEU A 439 -51.09 21.05 0.69
N ASP A 440 -51.99 20.22 0.19
CA ASP A 440 -52.47 20.39 -1.21
C ASP A 440 -53.13 21.77 -1.31
N GLU A 441 -53.91 22.12 -0.29
CA GLU A 441 -54.62 23.43 -0.31
C GLU A 441 -53.62 24.58 -0.26
N TRP A 442 -52.59 24.49 0.59
CA TRP A 442 -51.58 25.57 0.73
C TRP A 442 -50.80 25.69 -0.56
N ARG A 443 -50.51 24.57 -1.21
CA ARG A 443 -49.77 24.57 -2.50
C ARG A 443 -50.61 25.34 -3.53
N ALA A 444 -51.92 25.11 -3.51
CA ALA A 444 -52.82 25.80 -4.47
C ALA A 444 -52.76 27.31 -4.24
N LEU A 445 -52.81 27.74 -2.98
CA LEU A 445 -52.79 29.19 -2.67
C LEU A 445 -51.44 29.75 -3.12
N ALA A 446 -50.34 29.01 -2.91
CA ALA A 446 -48.98 29.50 -3.23
C ALA A 446 -48.86 29.81 -4.73
N ASP A 447 -49.42 28.94 -5.58
CA ASP A 447 -49.28 29.14 -7.04
C ASP A 447 -50.65 29.14 -7.70
N GLY A 448 -51.00 30.24 -8.40
CA GLY A 448 -52.27 30.32 -9.14
C GLY A 448 -52.32 29.28 -10.24
N ASP A 517 -47.50 39.19 -2.08
CA ASP A 517 -46.66 39.08 -0.85
C ASP A 517 -47.37 38.23 0.21
N LYS A 518 -48.69 38.37 0.38
CA LYS A 518 -49.43 37.46 1.30
C LYS A 518 -49.27 36.05 0.74
N VAL A 519 -49.24 35.91 -0.59
CA VAL A 519 -49.07 34.59 -1.25
C VAL A 519 -47.70 34.02 -0.86
N LEU A 520 -46.67 34.86 -0.74
CA LEU A 520 -45.32 34.38 -0.31
C LEU A 520 -45.40 33.84 1.12
N THR A 521 -46.21 34.46 2.01
CA THR A 521 -46.39 33.90 3.38
C THR A 521 -47.02 32.51 3.27
N SER A 522 -48.00 32.34 2.38
CA SER A 522 -48.64 31.01 2.16
C SER A 522 -47.60 30.03 1.62
N LYS A 523 -46.66 30.50 0.79
CA LYS A 523 -45.58 29.62 0.27
C LYS A 523 -44.73 29.14 1.43
N GLY A 524 -44.43 30.05 2.36
CA GLY A 524 -43.62 29.66 3.55
C GLY A 524 -44.35 28.62 4.37
N LYS A 525 -45.66 28.78 4.53
CA LYS A 525 -46.46 27.81 5.32
C LYS A 525 -46.36 26.43 4.64
N ALA A 526 -46.45 26.40 3.32
CA ALA A 526 -46.44 25.11 2.58
C ALA A 526 -45.12 24.37 2.80
N LEU A 527 -43.99 25.09 2.75
CA LEU A 527 -42.65 24.46 2.93
C LEU A 527 -42.54 23.86 4.32
N ALA A 528 -43.01 24.57 5.35
CA ALA A 528 -42.96 24.08 6.74
C ALA A 528 -43.83 22.84 6.91
N LEU A 529 -45.02 22.83 6.32
CA LEU A 529 -45.93 21.67 6.45
C LEU A 529 -45.27 20.47 5.77
N GLU A 530 -44.64 20.69 4.61
CA GLU A 530 -43.97 19.61 3.85
C GLU A 530 -42.84 18.97 4.66
N LYS A 531 -42.03 19.80 5.31
CA LYS A 531 -40.86 19.26 6.05
C LYS A 531 -41.36 18.43 7.23
N GLN A 532 -42.41 18.88 7.90
CA GLN A 532 -42.98 18.14 9.06
C GLN A 532 -43.52 16.80 8.58
N LEU A 533 -44.13 16.77 7.40
CA LEU A 533 -44.63 15.50 6.80
C LEU A 533 -43.46 14.58 6.50
N TYR A 534 -42.33 15.13 6.04
CA TYR A 534 -41.12 14.34 5.70
C TYR A 534 -40.54 13.69 6.96
N GLU A 535 -40.47 14.44 8.06
CA GLU A 535 -39.96 13.89 9.33
C GLU A 535 -40.95 12.81 9.78
N GLU A 536 -42.25 13.06 9.60
CA GLU A 536 -43.30 12.05 9.94
C GLU A 536 -43.06 10.76 9.13
N LEU A 537 -42.64 10.88 7.86
CA LEU A 537 -42.39 9.70 6.99
C LEU A 537 -41.29 8.84 7.60
N PHE A 538 -40.22 9.45 8.15
CA PHE A 538 -39.12 8.68 8.79
C PHE A 538 -39.68 7.92 9.97
N ASP A 539 -40.58 8.56 10.72
CA ASP A 539 -41.14 7.95 11.96
C ASP A 539 -41.91 6.68 11.63
N LEU A 540 -42.67 6.67 10.54
CA LEU A 540 -43.43 5.46 10.11
C LEU A 540 -42.48 4.35 9.63
N LEU A 541 -41.43 4.68 8.87
CA LEU A 541 -40.44 3.71 8.35
C LEU A 541 -39.56 3.10 9.44
N LEU A 542 -39.15 3.86 10.47
CA LEU A 542 -38.17 3.39 11.50
C LEU A 542 -38.62 2.21 12.37
N PRO A 543 -39.89 2.05 12.79
CA PRO A 543 -40.30 0.86 13.53
C PRO A 543 -39.95 -0.42 12.75
N HIS A 544 -40.01 -0.40 11.42
CA HIS A 544 -39.69 -1.57 10.57
C HIS A 544 -38.19 -1.62 10.21
N LEU A 545 -37.36 -0.74 10.77
CA LEU A 545 -35.91 -0.66 10.42
C LEU A 545 -35.18 -1.97 10.71
N GLU A 546 -35.45 -2.63 11.84
CA GLU A 546 -34.81 -3.94 12.14
C GLU A 546 -35.22 -4.97 11.08
N ALA A 547 -36.49 -4.98 10.68
CA ALA A 547 -36.98 -5.91 9.63
C ALA A 547 -36.29 -5.59 8.30
N LEU A 548 -36.15 -4.31 7.95
CA LEU A 548 -35.50 -3.89 6.68
C LEU A 548 -34.03 -4.31 6.68
N GLN A 549 -33.35 -4.22 7.82
CA GLN A 549 -31.92 -4.58 7.92
C GLN A 549 -31.78 -6.08 7.64
N GLN A 550 -32.70 -6.89 8.16
CA GLN A 550 -32.67 -8.35 7.88
C GLN A 550 -32.87 -8.56 6.37
N SER A 551 -33.77 -7.81 5.74
CA SER A 551 -34.04 -7.93 4.28
C SER A 551 -32.84 -7.55 3.43
N ALA A 552 -32.13 -6.47 3.77
CA ALA A 552 -30.95 -6.01 2.99
C ALA A 552 -29.87 -7.07 3.07
N SER A 553 -29.69 -7.68 4.23
CA SER A 553 -28.72 -8.78 4.40
C SER A 553 -29.15 -9.99 3.57
N ALA A 554 -30.45 -10.28 3.54
CA ALA A 554 -30.97 -11.43 2.74
C ALA A 554 -30.73 -11.19 1.25
N LEU A 555 -30.96 -9.97 0.79
CA LEU A 555 -30.76 -9.61 -0.65
C LEU A 555 -29.28 -9.73 -0.98
N ALA A 556 -28.40 -9.29 -0.08
CA ALA A 556 -26.93 -9.33 -0.31
C ALA A 556 -26.46 -10.78 -0.39
N GLU A 557 -26.99 -11.64 0.47
CA GLU A 557 -26.62 -13.08 0.47
C GLU A 557 -27.08 -13.71 -0.84
N LEU A 558 -28.26 -13.33 -1.36
CA LEU A 558 -28.73 -13.86 -2.67
C LEU A 558 -27.75 -13.41 -3.74
N ASP A 559 -27.31 -12.16 -3.72
CA ASP A 559 -26.38 -11.62 -4.75
C ASP A 559 -25.05 -12.37 -4.68
N VAL A 560 -24.51 -12.59 -3.49
CA VAL A 560 -23.20 -13.28 -3.37
C VAL A 560 -23.36 -14.72 -3.87
N LEU A 561 -24.43 -15.41 -3.47
CA LEU A 561 -24.64 -16.83 -3.87
C LEU A 561 -24.96 -16.95 -5.37
N VAL A 562 -25.77 -16.06 -5.92
CA VAL A 562 -26.09 -16.06 -7.39
C VAL A 562 -24.80 -15.76 -8.14
N ASN A 563 -23.98 -14.84 -7.63
CA ASN A 563 -22.67 -14.54 -8.25
C ASN A 563 -21.79 -15.76 -8.18
N LEU A 564 -21.70 -16.44 -7.03
CA LEU A 564 -20.85 -17.63 -6.88
C LEU A 564 -21.32 -18.71 -7.85
N ALA A 565 -22.63 -18.87 -8.01
CA ALA A 565 -23.19 -19.88 -8.95
C ALA A 565 -22.82 -19.56 -10.39
N GLU A 566 -22.91 -18.29 -10.79
CA GLU A 566 -22.51 -17.87 -12.16
C GLU A 566 -21.01 -18.13 -12.33
N ARG A 567 -20.20 -17.81 -11.33
CA ARG A 567 -18.72 -18.01 -11.43
C ARG A 567 -18.47 -19.50 -11.60
N ALA A 568 -19.19 -20.34 -10.85
CA ALA A 568 -18.96 -21.80 -10.90
C ALA A 568 -19.23 -22.35 -12.31
N TYR A 569 -20.33 -21.95 -12.95
CA TYR A 569 -20.69 -22.44 -14.30
C TYR A 569 -19.64 -21.95 -15.31
N THR A 570 -19.25 -20.69 -15.22
CA THR A 570 -18.26 -20.08 -16.15
C THR A 570 -16.87 -20.70 -15.95
N LEU A 571 -16.48 -21.05 -14.73
CA LEU A 571 -15.09 -21.50 -14.43
C LEU A 571 -14.98 -23.00 -14.10
N ASN A 572 -16.01 -23.81 -14.34
CA ASN A 572 -15.94 -25.28 -14.13
C ASN A 572 -15.60 -25.66 -12.69
N TYR A 573 -16.20 -25.03 -11.68
CA TYR A 573 -15.99 -25.40 -10.25
C TYR A 573 -16.91 -26.56 -9.88
N THR A 574 -16.61 -27.32 -8.80
CA THR A 574 -17.47 -28.44 -8.31
C THR A 574 -17.64 -28.33 -6.79
N CYS A 575 -18.73 -28.86 -6.23
CA CYS A 575 -19.04 -28.77 -4.78
C CYS A 575 -18.05 -29.59 -3.97
N PRO A 576 -17.61 -29.15 -2.76
CA PRO A 576 -16.76 -29.96 -1.91
C PRO A 576 -17.54 -30.72 -0.83
N THR A 577 -17.21 -32.00 -0.56
CA THR A 577 -17.92 -32.81 0.46
C THR A 577 -17.12 -32.85 1.76
N PHE A 578 -17.69 -32.38 2.86
CA PHE A 578 -16.98 -32.29 4.16
C PHE A 578 -16.82 -33.69 4.78
N ILE A 579 -15.73 -33.95 5.52
CA ILE A 579 -15.45 -35.25 6.19
C ILE A 579 -15.08 -35.01 7.66
N ASP A 580 -15.29 -35.96 8.56
CA ASP A 580 -15.09 -35.78 10.03
C ASP A 580 -13.61 -35.71 10.44
N LYS A 581 -12.76 -36.61 9.95
CA LYS A 581 -11.33 -36.68 10.37
C LYS A 581 -10.53 -35.62 9.61
N PRO A 582 -9.32 -35.21 10.07
CA PRO A 582 -8.62 -34.12 9.40
C PRO A 582 -7.84 -34.60 8.18
N GLY A 583 -8.36 -34.40 6.96
CA GLY A 583 -7.64 -34.76 5.72
C GLY A 583 -8.12 -33.96 4.54
N ILE A 584 -7.27 -33.74 3.53
CA ILE A 584 -7.68 -33.02 2.29
C ILE A 584 -7.47 -33.94 1.10
N ARG A 585 -8.45 -34.10 0.22
CA ARG A 585 -8.24 -34.87 -1.02
C ARG A 585 -8.76 -34.04 -2.20
N ILE A 586 -7.92 -33.78 -3.20
CA ILE A 586 -8.29 -32.92 -4.36
C ILE A 586 -7.96 -33.74 -5.60
N THR A 587 -8.85 -33.80 -6.59
CA THR A 587 -8.58 -34.50 -7.86
C THR A 587 -8.67 -33.47 -8.99
N GLU A 588 -7.69 -33.47 -9.90
CA GLU A 588 -7.65 -32.45 -10.99
C GLU A 588 -7.82 -31.06 -10.38
N GLY A 589 -7.07 -30.73 -9.33
CA GLY A 589 -7.14 -29.41 -8.70
C GLY A 589 -6.44 -28.35 -9.52
N ARG A 590 -6.94 -27.11 -9.47
CA ARG A 590 -6.33 -25.98 -10.22
C ARG A 590 -6.25 -24.78 -9.27
N HIS A 591 -5.34 -23.82 -9.52
CA HIS A 591 -5.21 -22.60 -8.68
C HIS A 591 -6.26 -21.62 -9.19
N PRO A 592 -7.11 -21.01 -8.34
CA PRO A 592 -8.16 -20.16 -8.87
C PRO A 592 -7.67 -18.93 -9.64
N VAL A 593 -6.70 -18.19 -9.09
CA VAL A 593 -6.17 -16.93 -9.71
C VAL A 593 -5.25 -17.20 -10.93
N VAL A 594 -4.31 -18.14 -10.82
CA VAL A 594 -3.29 -18.37 -11.88
C VAL A 594 -3.97 -18.84 -13.17
N GLU A 595 -4.99 -19.68 -13.08
CA GLU A 595 -5.64 -20.24 -14.29
C GLU A 595 -6.22 -19.10 -15.12
N GLN A 596 -6.83 -18.11 -14.49
CA GLN A 596 -7.47 -16.96 -15.19
C GLN A 596 -6.45 -16.06 -15.86
N VAL A 597 -5.31 -15.80 -15.21
CA VAL A 597 -4.30 -14.82 -15.72
C VAL A 597 -3.29 -15.50 -16.66
N LEU A 598 -3.33 -16.82 -16.79
CA LEU A 598 -2.33 -17.55 -17.62
C LEU A 598 -2.94 -17.88 -18.98
N ASN A 599 -2.36 -17.36 -20.07
CA ASN A 599 -2.84 -17.62 -21.44
C ASN A 599 -2.66 -19.11 -21.78
N GLU A 600 -1.55 -19.71 -21.35
CA GLU A 600 -1.26 -21.13 -21.62
C GLU A 600 -2.17 -22.01 -20.74
N PRO A 601 -2.40 -23.31 -21.05
CA PRO A 601 -3.30 -24.12 -20.25
C PRO A 601 -2.74 -24.40 -18.84
N PHE A 602 -3.60 -24.63 -17.86
CA PHE A 602 -3.18 -24.97 -16.48
C PHE A 602 -3.19 -26.49 -16.37
N ILE A 603 -2.13 -27.08 -15.79
CA ILE A 603 -2.00 -28.56 -15.71
C ILE A 603 -2.49 -28.96 -14.32
N ALA A 604 -3.64 -29.61 -14.22
CA ALA A 604 -4.26 -29.92 -12.91
C ALA A 604 -3.48 -30.98 -12.17
N ASN A 605 -3.22 -30.78 -10.87
CA ASN A 605 -2.38 -31.70 -10.07
C ASN A 605 -3.21 -32.32 -8.93
N PRO A 606 -3.22 -33.65 -8.74
CA PRO A 606 -3.91 -34.27 -7.59
C PRO A 606 -3.23 -34.14 -6.23
N LEU A 607 -3.97 -34.00 -5.12
CA LEU A 607 -3.39 -33.97 -3.75
C LEU A 607 -4.12 -34.95 -2.84
N ASN A 608 -3.41 -35.78 -2.07
CA ASN A 608 -4.07 -36.64 -1.05
C ASN A 608 -3.33 -36.47 0.28
N LEU A 609 -3.98 -35.95 1.32
CA LEU A 609 -3.39 -35.76 2.67
C LEU A 609 -4.33 -36.43 3.68
N SER A 610 -3.83 -37.28 4.57
CA SER A 610 -4.66 -38.04 5.54
C SER A 610 -3.84 -38.17 6.81
N PRO A 611 -4.36 -38.62 7.97
CA PRO A 611 -3.54 -38.85 9.15
C PRO A 611 -2.52 -39.96 8.85
N GLN A 612 -2.82 -40.87 7.92
CA GLN A 612 -1.86 -41.92 7.47
C GLN A 612 -0.68 -41.30 6.68
N ARG A 613 -0.91 -40.27 5.85
CA ARG A 613 0.13 -39.60 5.01
C ARG A 613 0.04 -38.09 5.24
N ARG A 614 0.35 -37.60 6.45
CA ARG A 614 0.19 -36.17 6.83
C ARG A 614 1.12 -35.19 6.12
N MET A 615 2.38 -35.56 5.87
CA MET A 615 3.36 -34.58 5.32
C MET A 615 3.85 -34.98 3.94
N LEU A 616 3.89 -34.05 2.99
CA LEU A 616 4.44 -34.32 1.64
C LEU A 616 5.63 -33.36 1.45
N ILE A 617 6.80 -33.86 1.07
CA ILE A 617 7.98 -32.99 0.77
C ILE A 617 7.99 -32.81 -0.74
N ILE A 618 7.51 -31.67 -1.23
CA ILE A 618 7.44 -31.40 -2.69
C ILE A 618 8.84 -30.95 -3.08
N THR A 619 9.52 -31.67 -3.96
CA THR A 619 10.87 -31.31 -4.45
C THR A 619 10.73 -31.26 -5.96
N GLY A 620 11.39 -30.32 -6.65
CA GLY A 620 11.15 -30.16 -8.09
C GLY A 620 12.13 -29.21 -8.73
N PRO A 621 12.09 -29.00 -10.06
CA PRO A 621 12.96 -28.07 -10.72
C PRO A 621 12.53 -26.63 -10.40
N ASN A 622 13.44 -25.67 -10.51
CA ASN A 622 13.08 -24.25 -10.31
C ASN A 622 12.07 -23.89 -11.40
N MET A 623 11.04 -23.12 -11.08
CA MET A 623 9.95 -22.72 -12.01
C MET A 623 9.07 -23.95 -12.29
N GLY A 624 9.26 -25.03 -11.54
CA GLY A 624 8.49 -26.28 -11.71
C GLY A 624 7.01 -26.16 -11.39
N GLY A 625 6.63 -25.31 -10.43
CA GLY A 625 5.22 -25.18 -10.01
C GLY A 625 4.98 -25.65 -8.59
N LYS A 626 6.03 -25.84 -7.79
CA LYS A 626 5.89 -26.34 -6.40
C LYS A 626 5.08 -25.37 -5.54
N SER A 627 5.37 -24.08 -5.60
CA SER A 627 4.66 -23.04 -4.82
C SER A 627 3.20 -22.89 -5.28
N THR A 628 2.94 -22.97 -6.58
CA THR A 628 1.56 -22.89 -7.11
C THR A 628 0.76 -24.06 -6.57
N TYR A 629 1.35 -25.25 -6.51
CA TYR A 629 0.67 -26.45 -5.99
C TYR A 629 0.33 -26.29 -4.51
N MET A 630 1.25 -25.75 -3.72
CA MET A 630 1.01 -25.57 -2.27
C MET A 630 -0.09 -24.54 -2.04
N ARG A 631 -0.06 -23.41 -2.75
CA ARG A 631 -1.10 -22.35 -2.64
C ARG A 631 -2.46 -22.85 -3.14
N GLN A 632 -2.47 -23.69 -4.18
CA GLN A 632 -3.75 -24.21 -4.74
C GLN A 632 -4.47 -24.97 -3.64
N THR A 633 -3.75 -25.71 -2.80
CA THR A 633 -4.37 -26.43 -1.65
C THR A 633 -4.98 -25.42 -0.66
N ALA A 634 -4.27 -24.34 -0.34
CA ALA A 634 -4.75 -23.33 0.63
C ALA A 634 -5.99 -22.58 0.16
N LEU A 635 -6.00 -22.10 -1.09
CA LEU A 635 -7.16 -21.40 -1.67
C LEU A 635 -8.34 -22.36 -1.84
N ILE A 636 -8.11 -23.61 -2.25
CA ILE A 636 -9.18 -24.62 -2.39
C ILE A 636 -9.81 -24.90 -1.03
N ALA A 637 -9.01 -25.05 0.04
CA ALA A 637 -9.52 -25.26 1.41
C ALA A 637 -10.34 -24.05 1.87
N LEU A 638 -9.87 -22.82 1.68
CA LEU A 638 -10.60 -21.57 2.05
C LEU A 638 -11.88 -21.41 1.22
N MET A 639 -11.84 -21.73 -0.08
CA MET A 639 -13.02 -21.60 -0.96
C MET A 639 -14.09 -22.60 -0.53
N ALA A 640 -13.69 -23.81 -0.14
CA ALA A 640 -14.64 -24.83 0.35
C ALA A 640 -15.27 -24.36 1.65
N TYR A 641 -14.49 -23.69 2.50
CA TYR A 641 -14.95 -23.29 3.85
C TYR A 641 -15.74 -21.99 3.88
N ILE A 642 -15.87 -21.26 2.76
CA ILE A 642 -16.77 -20.06 2.69
C ILE A 642 -18.12 -20.51 2.10
N GLY A 643 -18.27 -21.78 1.75
CA GLY A 643 -19.51 -22.29 1.12
C GLY A 643 -19.53 -22.22 -0.39
N SER A 644 -18.44 -21.81 -1.04
CA SER A 644 -18.34 -21.67 -2.51
C SER A 644 -18.02 -23.03 -3.14
N TYR A 645 -18.05 -23.13 -4.48
CA TYR A 645 -17.69 -24.39 -5.18
C TYR A 645 -16.20 -24.32 -5.47
N VAL A 646 -15.45 -25.36 -5.11
CA VAL A 646 -13.96 -25.37 -5.20
C VAL A 646 -13.50 -25.52 -6.66
N PRO A 647 -12.36 -24.95 -7.09
CA PRO A 647 -11.83 -25.16 -8.45
C PRO A 647 -11.11 -26.51 -8.57
N ALA A 648 -11.85 -27.62 -8.44
CA ALA A 648 -11.28 -28.98 -8.60
C ALA A 648 -12.42 -29.91 -9.05
N GLN A 649 -12.11 -31.02 -9.71
CA GLN A 649 -13.16 -31.98 -10.13
C GLN A 649 -13.83 -32.60 -8.91
N LYS A 650 -13.07 -33.07 -7.92
CA LYS A 650 -13.65 -33.60 -6.65
C LYS A 650 -12.81 -33.14 -5.45
N VAL A 651 -13.43 -32.66 -4.38
CA VAL A 651 -12.68 -32.29 -3.14
C VAL A 651 -13.36 -32.90 -1.90
N GLU A 652 -12.59 -33.50 -1.00
CA GLU A 652 -13.13 -33.99 0.29
C GLU A 652 -12.31 -33.24 1.35
N ILE A 653 -12.87 -32.24 2.03
CA ILE A 653 -12.09 -31.37 2.96
C ILE A 653 -12.50 -31.68 4.40
N GLY A 654 -11.56 -31.98 5.30
CA GLY A 654 -11.83 -32.30 6.71
C GLY A 654 -11.71 -31.05 7.55
N PRO A 655 -11.88 -31.07 8.90
CA PRO A 655 -11.83 -29.85 9.68
C PRO A 655 -10.44 -29.21 9.57
N ILE A 656 -10.37 -27.89 9.40
CA ILE A 656 -9.08 -27.18 9.36
C ILE A 656 -9.17 -26.10 10.43
N ASP A 657 -8.39 -26.20 11.51
CA ASP A 657 -8.40 -25.21 12.61
C ASP A 657 -7.81 -23.88 12.17
N ARG A 658 -6.68 -23.94 11.48
CA ARG A 658 -5.95 -22.70 11.09
C ARG A 658 -5.13 -22.98 9.85
N ILE A 659 -4.89 -21.99 9.00
CA ILE A 659 -4.00 -22.15 7.82
C ILE A 659 -2.74 -21.32 8.08
N PHE A 660 -1.56 -21.94 8.05
CA PHE A 660 -0.28 -21.25 8.31
C PHE A 660 0.51 -21.22 7.01
N THR A 661 1.00 -20.05 6.60
CA THR A 661 1.79 -19.93 5.35
C THR A 661 3.14 -19.31 5.69
N ARG A 662 4.23 -20.06 5.48
CA ARG A 662 5.59 -19.48 5.66
C ARG A 662 6.23 -19.45 4.27
N VAL A 663 6.17 -18.31 3.60
CA VAL A 663 6.76 -18.22 2.23
C VAL A 663 7.78 -17.08 2.14
N GLY A 664 7.41 -15.91 2.61
CA GLY A 664 8.27 -14.72 2.41
C GLY A 664 9.53 -14.69 3.24
N ALA A 665 10.58 -14.04 2.73
CA ALA A 665 11.82 -13.85 3.50
C ALA A 665 12.23 -12.37 3.38
N ALA A 666 11.84 -11.55 4.36
CA ALA A 666 12.13 -10.09 4.30
C ALA A 666 12.66 -9.65 5.66
N ASP A 667 13.42 -8.55 5.71
CA ASP A 667 14.03 -8.05 6.96
C ASP A 667 13.50 -6.66 7.28
N ASP A 668 13.10 -6.41 8.54
CA ASP A 668 12.73 -5.04 8.96
C ASP A 668 13.89 -4.58 9.83
N LEU A 669 14.85 -3.86 9.25
CA LEU A 669 16.07 -3.47 10.01
C LEU A 669 15.68 -2.53 11.15
N ALA A 670 14.83 -1.55 10.86
CA ALA A 670 14.40 -0.57 11.88
C ALA A 670 13.70 -1.31 13.02
N SER A 671 12.86 -2.29 12.70
CA SER A 671 12.13 -3.09 13.72
C SER A 671 13.13 -3.83 14.60
N GLY A 672 14.24 -4.28 14.04
CA GLY A 672 15.28 -4.99 14.80
C GLY A 672 15.41 -6.45 14.43
N ARG A 673 14.74 -6.91 13.37
CA ARG A 673 14.73 -8.35 12.98
C ARG A 673 15.35 -8.53 11.60
N SER A 674 16.30 -9.45 11.47
CA SER A 674 16.96 -9.76 10.17
C SER A 674 16.09 -10.73 9.40
N THR A 675 16.46 -11.07 8.16
CA THR A 675 15.65 -11.97 7.31
C THR A 675 15.51 -13.36 7.96
N PHE A 676 16.59 -13.92 8.53
CA PHE A 676 16.52 -15.23 9.23
C PHE A 676 15.68 -15.11 10.50
N MET A 677 15.78 -14.02 11.27
CA MET A 677 14.93 -13.84 12.46
C MET A 677 13.46 -13.74 12.04
N VAL A 678 13.14 -13.01 10.96
CA VAL A 678 11.74 -12.88 10.48
C VAL A 678 11.22 -14.26 10.05
N GLU A 679 12.01 -15.03 9.30
CA GLU A 679 11.62 -16.41 8.91
C GLU A 679 11.50 -17.34 10.11
N MET A 680 12.47 -17.29 11.03
CA MET A 680 12.47 -18.16 12.25
C MET A 680 11.29 -17.77 13.15
N THR A 681 10.91 -16.49 13.20
CA THR A 681 9.75 -16.06 14.01
C THR A 681 8.49 -16.75 13.45
N GLU A 682 8.31 -16.76 12.13
CA GLU A 682 7.16 -17.44 11.49
C GLU A 682 7.20 -18.96 11.71
N THR A 683 8.38 -19.59 11.63
CA THR A 683 8.51 -21.05 11.90
C THR A 683 8.13 -21.35 13.35
N ALA A 684 8.56 -20.51 14.30
CA ALA A 684 8.25 -20.69 15.73
C ALA A 684 6.75 -20.59 15.99
N ASN A 685 6.06 -19.66 15.33
CA ASN A 685 4.59 -19.52 15.45
C ASN A 685 3.94 -20.80 14.91
N ILE A 686 4.46 -21.36 13.82
CA ILE A 686 3.90 -22.63 13.24
C ILE A 686 4.06 -23.74 14.26
N LEU A 687 5.25 -23.92 14.84
CA LEU A 687 5.48 -25.06 15.75
C LEU A 687 4.71 -24.90 17.06
N HIS A 688 4.72 -23.71 17.67
CA HIS A 688 4.05 -23.45 18.96
C HIS A 688 2.52 -23.47 18.85
N ASN A 689 1.93 -22.82 17.84
CA ASN A 689 0.45 -22.68 17.73
C ASN A 689 -0.24 -23.75 16.86
N ALA A 690 0.49 -24.67 16.22
CA ALA A 690 -0.07 -25.71 15.35
C ALA A 690 -0.88 -26.76 16.12
N THR A 691 -1.85 -27.41 15.48
CA THR A 691 -2.75 -28.42 16.10
C THR A 691 -2.82 -29.57 15.10
N GLU A 692 -3.41 -30.71 15.49
CA GLU A 692 -3.54 -31.87 14.57
C GLU A 692 -4.37 -31.45 13.36
N TYR A 693 -5.37 -30.59 13.52
CA TYR A 693 -6.26 -30.10 12.44
C TYR A 693 -5.61 -29.07 11.51
N SER A 694 -4.58 -28.37 11.94
CA SER A 694 -4.00 -27.25 11.14
C SER A 694 -3.40 -27.69 9.80
N LEU A 695 -3.48 -26.83 8.78
CA LEU A 695 -2.85 -27.07 7.46
C LEU A 695 -1.66 -26.13 7.41
N VAL A 696 -0.43 -26.66 7.48
CA VAL A 696 0.79 -25.80 7.51
C VAL A 696 1.50 -25.92 6.16
N LEU A 697 1.59 -24.82 5.41
CA LEU A 697 2.30 -24.81 4.10
C LEU A 697 3.60 -24.04 4.30
N MET A 698 4.74 -24.70 4.14
CA MET A 698 6.05 -24.05 4.40
C MET A 698 6.89 -24.04 3.12
N ASP A 699 7.14 -22.86 2.54
CA ASP A 699 7.94 -22.75 1.30
C ASP A 699 9.40 -22.54 1.65
N GLU A 700 10.15 -23.60 1.96
CA GLU A 700 11.62 -23.56 2.22
C GLU A 700 11.93 -23.08 3.64
N ILE A 701 12.94 -23.67 4.26
CA ILE A 701 13.39 -23.19 5.61
C ILE A 701 14.90 -23.31 5.62
N GLY A 702 15.60 -22.38 6.27
CA GLY A 702 17.07 -22.39 6.21
C GLY A 702 17.58 -21.76 4.93
N ARG A 703 16.78 -20.91 4.28
CA ARG A 703 17.20 -20.21 3.05
C ARG A 703 18.12 -19.05 3.40
N GLY A 704 18.19 -18.65 4.66
CA GLY A 704 19.06 -17.53 5.08
C GLY A 704 20.39 -17.96 5.66
N THR A 705 20.45 -19.08 6.38
CA THR A 705 21.69 -19.54 7.08
C THR A 705 22.53 -20.43 6.15
N SER A 706 23.64 -20.99 6.65
CA SER A 706 24.54 -21.85 5.83
C SER A 706 23.81 -23.15 5.53
N THR A 707 24.28 -23.96 4.58
CA THR A 707 23.55 -25.19 4.18
C THR A 707 23.35 -26.14 5.36
N TYR A 708 24.39 -26.36 6.18
CA TYR A 708 24.30 -27.35 7.29
C TYR A 708 23.34 -26.91 8.39
N ASP A 709 23.39 -25.64 8.80
CA ASP A 709 22.49 -25.13 9.86
C ASP A 709 21.05 -25.14 9.32
N GLY A 710 20.88 -24.72 8.08
CA GLY A 710 19.54 -24.69 7.46
C GLY A 710 18.94 -26.06 7.30
N LEU A 711 19.72 -27.05 6.83
CA LEU A 711 19.23 -28.44 6.66
C LEU A 711 18.87 -29.01 8.03
N SER A 712 19.68 -28.69 9.04
CA SER A 712 19.45 -29.22 10.41
C SER A 712 18.13 -28.71 10.97
N LEU A 713 17.85 -27.41 10.84
CA LEU A 713 16.59 -26.83 11.33
C LEU A 713 15.44 -27.41 10.51
N ALA A 714 15.62 -27.56 9.20
CA ALA A 714 14.58 -28.13 8.31
C ALA A 714 14.29 -29.57 8.72
N TRP A 715 15.30 -30.38 9.02
CA TRP A 715 15.12 -31.80 9.41
C TRP A 715 14.35 -31.87 10.72
N ALA A 716 14.75 -31.08 11.72
CA ALA A 716 14.09 -31.06 13.05
C ALA A 716 12.66 -30.48 12.99
N CYS A 717 12.44 -29.41 12.21
CA CYS A 717 11.08 -28.81 12.06
C CYS A 717 10.17 -29.80 11.32
N ALA A 718 10.68 -30.47 10.29
CA ALA A 718 9.90 -31.47 9.52
C ALA A 718 9.56 -32.66 10.41
N GLU A 719 10.52 -33.15 11.19
CA GLU A 719 10.26 -34.29 12.10
C GLU A 719 9.22 -33.88 13.13
N ASN A 720 9.39 -32.69 13.72
CA ASN A 720 8.46 -32.25 14.81
C ASN A 720 7.04 -32.14 14.25
N LEU A 721 6.85 -31.57 13.05
CA LEU A 721 5.48 -31.37 12.50
C LEU A 721 4.81 -32.72 12.24
N ALA A 722 5.52 -33.69 11.67
CA ALA A 722 4.96 -35.05 11.43
C ALA A 722 4.81 -35.87 12.71
N ASN A 723 5.86 -36.00 13.51
CA ASN A 723 5.84 -36.84 14.74
C ASN A 723 4.99 -36.31 15.90
N LYS A 724 5.10 -35.04 16.28
CA LYS A 724 4.41 -34.54 17.50
C LYS A 724 3.20 -33.66 17.21
N ILE A 725 3.34 -32.62 16.40
CA ILE A 725 2.20 -31.73 16.03
C ILE A 725 1.20 -32.53 15.20
N LYS A 726 1.67 -33.41 14.30
CA LYS A 726 0.80 -34.24 13.45
C LYS A 726 -0.16 -33.35 12.65
N ALA A 727 0.34 -32.23 12.12
CA ALA A 727 -0.47 -31.32 11.26
C ALA A 727 -0.38 -31.79 9.82
N LEU A 728 -1.27 -31.32 8.95
CA LEU A 728 -1.22 -31.67 7.51
C LEU A 728 -0.25 -30.68 6.86
N THR A 729 0.96 -31.11 6.50
CA THR A 729 2.01 -30.18 6.03
C THR A 729 2.43 -30.38 4.57
N LEU A 730 2.64 -29.29 3.83
CA LEU A 730 3.19 -29.38 2.47
C LEU A 730 4.51 -28.61 2.54
N PHE A 731 5.66 -29.23 2.27
CA PHE A 731 6.99 -28.61 2.48
C PHE A 731 7.77 -28.56 1.16
N ALA A 732 8.06 -27.37 0.64
CA ALA A 732 8.76 -27.19 -0.65
C ALA A 732 10.23 -27.03 -0.31
N THR A 733 11.11 -27.80 -0.95
CA THR A 733 12.54 -27.79 -0.54
C THR A 733 13.51 -27.99 -1.71
N HIS A 734 14.67 -27.34 -1.66
CA HIS A 734 15.74 -27.57 -2.67
C HIS A 734 16.86 -28.37 -2.01
N TYR A 735 16.71 -28.76 -0.75
CA TYR A 735 17.68 -29.65 -0.09
C TYR A 735 17.22 -31.08 -0.34
N PHE A 736 17.97 -31.86 -1.11
CA PHE A 736 17.56 -33.22 -1.51
C PHE A 736 17.94 -34.18 -0.39
N GLU A 737 18.64 -33.71 0.66
CA GLU A 737 18.95 -34.57 1.83
C GLU A 737 17.63 -34.89 2.56
N LEU A 738 16.68 -33.96 2.58
CA LEU A 738 15.36 -34.13 3.27
C LEU A 738 14.46 -35.13 2.54
N THR A 739 14.75 -35.47 1.28
CA THR A 739 13.96 -36.49 0.54
C THR A 739 14.24 -37.88 1.12
N GLN A 740 15.25 -38.02 1.98
CA GLN A 740 15.57 -39.30 2.68
C GLN A 740 14.81 -39.37 4.01
N LEU A 741 14.12 -38.30 4.42
CA LEU A 741 13.28 -38.29 5.65
C LEU A 741 12.09 -39.26 5.57
N PRO A 742 11.38 -39.47 4.44
CA PRO A 742 10.18 -40.30 4.42
C PRO A 742 10.38 -41.76 4.87
N GLU A 743 11.50 -42.40 4.50
CA GLU A 743 11.80 -43.77 5.00
C GLU A 743 11.99 -43.80 6.52
N LYS A 744 12.71 -42.85 7.09
CA LYS A 744 13.00 -42.80 8.55
C LYS A 744 11.75 -42.48 9.38
N MET A 745 10.90 -41.52 8.93
CA MET A 745 9.73 -41.06 9.73
C MET A 745 8.41 -41.41 9.05
N GLU A 746 7.45 -41.97 9.80
CA GLU A 746 6.11 -42.36 9.26
C GLU A 746 5.23 -41.13 9.03
N GLY A 747 4.26 -41.24 8.13
CA GLY A 747 3.35 -40.12 7.84
C GLY A 747 3.96 -39.14 6.85
N VAL A 748 5.21 -39.36 6.45
CA VAL A 748 5.94 -38.41 5.57
C VAL A 748 6.10 -39.12 4.23
N ALA A 749 5.79 -38.44 3.12
CA ALA A 749 5.91 -39.01 1.76
C ALA A 749 6.59 -37.98 0.86
N ASN A 750 7.05 -38.39 -0.33
CA ASN A 750 7.77 -37.48 -1.25
C ASN A 750 6.92 -37.24 -2.49
N VAL A 751 6.79 -35.98 -2.91
CA VAL A 751 6.04 -35.63 -4.16
C VAL A 751 7.03 -34.87 -5.05
N HIS A 752 7.23 -35.29 -6.29
CA HIS A 752 8.23 -34.64 -7.17
C HIS A 752 7.56 -34.04 -8.39
N LEU A 753 7.88 -32.79 -8.71
CA LEU A 753 7.34 -32.19 -9.96
C LEU A 753 8.26 -32.61 -11.12
N ASP A 754 7.75 -32.70 -12.34
CA ASP A 754 8.55 -33.29 -13.44
C ASP A 754 9.08 -32.23 -14.42
N ALA A 755 10.34 -32.34 -14.84
CA ALA A 755 10.89 -31.49 -15.93
C ALA A 755 11.74 -32.37 -16.84
N LEU A 756 11.88 -31.99 -18.11
CA LEU A 756 12.73 -32.74 -19.09
C LEU A 756 13.75 -31.74 -19.63
N GLU A 757 15.02 -32.13 -19.65
CA GLU A 757 16.10 -31.23 -20.12
C GLU A 757 16.54 -31.63 -21.53
N HIS A 758 16.50 -30.69 -22.48
CA HIS A 758 17.03 -30.97 -23.84
C HIS A 758 18.01 -29.85 -24.14
N GLY A 759 19.28 -30.17 -24.37
CA GLY A 759 20.29 -29.14 -24.70
C GLY A 759 20.31 -28.03 -23.66
N ASP A 760 20.44 -26.77 -24.09
CA ASP A 760 20.45 -25.58 -23.19
C ASP A 760 19.07 -25.31 -22.53
N THR A 761 17.97 -25.37 -23.31
CA THR A 761 16.61 -24.99 -22.79
C THR A 761 15.99 -26.09 -21.92
N ILE A 762 14.96 -25.74 -21.13
CA ILE A 762 14.24 -26.74 -20.27
C ILE A 762 12.74 -26.59 -20.48
N ALA A 763 12.01 -27.71 -20.45
CA ALA A 763 10.52 -27.68 -20.52
C ALA A 763 10.01 -28.28 -19.21
N PHE A 764 9.03 -27.62 -18.57
CA PHE A 764 8.49 -28.10 -17.28
C PHE A 764 7.09 -28.69 -17.49
N MET A 765 6.89 -29.95 -17.11
CA MET A 765 5.60 -30.66 -17.25
C MET A 765 4.50 -30.06 -16.35
N HIS A 766 4.85 -29.57 -15.16
CA HIS A 766 3.86 -29.04 -14.17
C HIS A 766 2.99 -30.19 -13.68
N SER A 767 3.55 -31.40 -13.58
CA SER A 767 2.75 -32.59 -13.20
C SER A 767 3.28 -33.18 -11.89
N VAL A 768 2.39 -33.47 -10.95
CA VAL A 768 2.81 -34.01 -9.64
C VAL A 768 2.86 -35.53 -9.73
N GLN A 769 4.01 -36.11 -9.40
CA GLN A 769 4.20 -37.57 -9.47
C GLN A 769 4.91 -37.92 -8.16
N ASP A 770 4.86 -39.17 -7.71
CA ASP A 770 5.62 -39.57 -6.49
C ASP A 770 7.11 -39.81 -6.82
N GLY A 771 8.02 -39.39 -5.94
CA GLY A 771 9.47 -39.55 -6.17
C GLY A 771 10.24 -38.39 -5.56
N ALA A 772 11.54 -38.26 -5.84
CA ALA A 772 12.32 -37.21 -5.15
C ALA A 772 12.89 -36.12 -6.06
N ALA A 773 12.92 -36.31 -7.39
CA ALA A 773 13.53 -35.34 -8.35
C ALA A 773 15.05 -35.35 -8.26
N SER A 774 15.64 -34.95 -7.14
CA SER A 774 17.11 -35.07 -6.92
C SER A 774 17.93 -34.09 -7.75
N LYS A 775 17.37 -33.46 -8.77
CA LYS A 775 18.11 -32.41 -9.53
C LYS A 775 17.22 -31.20 -9.74
N SER A 776 17.71 -30.01 -9.39
CA SER A 776 16.95 -28.76 -9.68
C SER A 776 17.73 -28.02 -10.75
N TYR A 777 17.09 -27.65 -11.86
CA TYR A 777 17.84 -27.06 -12.97
C TYR A 777 17.95 -25.55 -12.76
N GLY A 778 18.75 -25.13 -11.78
CA GLY A 778 18.91 -23.70 -11.48
C GLY A 778 19.61 -22.94 -12.58
N LEU A 779 20.70 -23.49 -13.13
CA LEU A 779 21.50 -22.79 -14.17
C LEU A 779 20.65 -22.63 -15.43
N ALA A 780 19.86 -23.64 -15.80
CA ALA A 780 18.98 -23.54 -16.99
C ALA A 780 17.93 -22.43 -16.80
N VAL A 781 17.34 -22.28 -15.60
CA VAL A 781 16.36 -21.18 -15.28
C VAL A 781 17.08 -19.82 -15.28
N ALA A 782 18.33 -19.78 -14.81
CA ALA A 782 19.11 -18.52 -14.84
C ALA A 782 19.33 -18.06 -16.29
N ALA A 783 19.62 -18.98 -17.20
CA ALA A 783 19.86 -18.64 -18.61
C ALA A 783 18.57 -18.10 -19.22
N LEU A 784 17.42 -18.68 -18.88
CA LEU A 784 16.09 -18.18 -19.34
C LEU A 784 15.82 -16.78 -18.77
N ALA A 785 16.23 -16.51 -17.55
CA ALA A 785 16.07 -15.19 -16.90
C ALA A 785 16.93 -14.15 -17.61
N GLY A 786 17.99 -14.56 -18.32
CA GLY A 786 18.83 -13.64 -19.11
C GLY A 786 20.24 -13.44 -18.61
N VAL A 787 20.70 -14.27 -17.67
CA VAL A 787 22.09 -14.16 -17.12
C VAL A 787 23.02 -14.32 -18.33
N PRO A 788 24.14 -13.58 -18.45
CA PRO A 788 24.95 -13.63 -19.67
C PRO A 788 25.46 -15.06 -19.94
N LYS A 789 25.68 -15.42 -21.22
CA LYS A 789 26.11 -16.80 -21.57
C LYS A 789 27.47 -17.11 -20.92
N GLU A 790 28.38 -16.14 -20.89
CA GLU A 790 29.73 -16.37 -20.30
C GLU A 790 29.60 -16.72 -18.82
N VAL A 791 28.71 -16.05 -18.09
CA VAL A 791 28.48 -16.33 -16.64
C VAL A 791 27.86 -17.73 -16.49
N ILE A 792 26.90 -18.10 -17.36
CA ILE A 792 26.30 -19.48 -17.32
C ILE A 792 27.37 -20.52 -17.64
N LYS A 793 28.25 -20.25 -18.61
CA LYS A 793 29.34 -21.20 -18.99
C LYS A 793 30.31 -21.41 -17.83
N ARG A 794 30.72 -20.35 -17.15
CA ARG A 794 31.65 -20.45 -16.00
C ARG A 794 30.93 -21.20 -14.87
N ALA A 795 29.64 -20.93 -14.68
CA ALA A 795 28.89 -21.57 -13.59
C ALA A 795 28.85 -23.09 -13.78
N ARG A 796 28.63 -23.55 -15.02
CA ARG A 796 28.58 -25.01 -15.31
C ARG A 796 29.94 -25.62 -15.06
N GLN A 797 31.02 -24.91 -15.41
CA GLN A 797 32.40 -25.43 -15.20
C GLN A 797 32.66 -25.65 -13.72
N LYS A 798 32.28 -24.69 -12.88
CA LYS A 798 32.47 -24.80 -11.41
C LYS A 798 31.60 -25.94 -10.88
N LEU A 799 30.40 -26.09 -11.43
CA LEU A 799 29.44 -27.10 -10.92
C LEU A 799 30.06 -28.47 -11.11
N ARG A 800 30.72 -28.68 -12.26
CA ARG A 800 31.37 -29.99 -12.56
C ARG A 800 32.48 -30.25 -11.53
N GLU A 801 33.28 -29.24 -11.21
CA GLU A 801 34.38 -29.41 -10.24
C GLU A 801 33.85 -29.73 -8.84
N LEU A 802 32.78 -29.06 -8.39
CA LEU A 802 32.25 -29.24 -7.01
C LEU A 802 31.73 -30.67 -6.85
N GLU A 803 30.95 -31.16 -7.81
CA GLU A 803 30.38 -32.53 -7.74
C GLU A 803 31.50 -33.59 -7.90
N SER A 804 32.49 -33.35 -8.74
CA SER A 804 33.57 -34.33 -9.05
C SER A 804 34.37 -34.67 -7.79
N ILE A 805 34.74 -33.65 -7.01
CA ILE A 805 35.53 -33.88 -5.77
C ILE A 805 34.61 -34.39 -4.66
N HIS B 16 -34.66 14.41 -26.28
CA HIS B 16 -35.89 14.88 -26.95
C HIS B 16 -36.12 16.37 -26.67
N THR B 17 -36.19 16.75 -25.39
CA THR B 17 -36.45 18.17 -24.99
C THR B 17 -35.29 19.06 -25.42
N PRO B 18 -35.46 20.38 -25.58
CA PRO B 18 -34.36 21.26 -25.93
C PRO B 18 -33.24 21.21 -24.88
N MET B 19 -33.57 21.10 -23.59
CA MET B 19 -32.53 20.99 -22.53
C MET B 19 -31.70 19.73 -22.76
N MET B 20 -32.36 18.60 -23.04
CA MET B 20 -31.63 17.32 -23.25
C MET B 20 -30.76 17.47 -24.50
N GLN B 21 -31.25 18.14 -25.54
CA GLN B 21 -30.48 18.26 -26.80
C GLN B 21 -29.18 19.01 -26.55
N GLN B 22 -29.21 20.07 -25.71
CA GLN B 22 -27.98 20.83 -25.33
C GLN B 22 -26.97 19.98 -24.55
N TYR B 23 -27.43 19.17 -23.60
CA TYR B 23 -26.52 18.28 -22.85
C TYR B 23 -25.88 17.32 -23.82
N LEU B 24 -26.64 16.82 -24.78
CA LEU B 24 -26.14 15.82 -25.77
C LEU B 24 -25.07 16.42 -26.68
N ARG B 25 -25.22 17.67 -27.11
CA ARG B 25 -24.20 18.35 -27.96
C ARG B 25 -22.88 18.44 -27.17
N LEU B 26 -22.92 18.87 -25.90
CA LEU B 26 -21.71 18.95 -25.04
C LEU B 26 -21.13 17.56 -24.78
N LYS B 27 -21.99 16.57 -24.55
CA LYS B 27 -21.54 15.18 -24.29
C LYS B 27 -20.78 14.69 -25.53
N ALA B 28 -21.23 15.04 -26.72
CA ALA B 28 -20.57 14.61 -27.98
C ALA B 28 -19.15 15.18 -28.03
N GLN B 29 -18.96 16.41 -27.59
CA GLN B 29 -17.62 17.06 -27.56
C GLN B 29 -16.70 16.31 -26.60
N HIS B 30 -17.22 15.80 -25.47
CA HIS B 30 -16.40 15.12 -24.42
C HIS B 30 -17.00 13.74 -24.12
N PRO B 31 -16.88 12.74 -25.02
CA PRO B 31 -17.54 11.44 -24.85
C PRO B 31 -17.17 10.49 -23.71
N GLU B 32 -15.88 10.35 -23.37
CA GLU B 32 -15.44 9.34 -22.37
C GLU B 32 -15.28 9.91 -20.94
N ILE B 33 -15.58 11.19 -20.71
CA ILE B 33 -15.38 11.85 -19.38
C ILE B 33 -16.73 12.23 -18.74
N LEU B 34 -16.89 12.03 -17.42
CA LEU B 34 -18.15 12.36 -16.71
C LEU B 34 -18.41 13.87 -16.75
N LEU B 35 -19.60 14.32 -17.15
CA LEU B 35 -19.88 15.78 -17.31
C LEU B 35 -20.79 16.25 -16.18
N PHE B 36 -20.33 17.17 -15.32
CA PHE B 36 -21.15 17.74 -14.24
C PHE B 36 -21.92 18.92 -14.83
N TYR B 37 -22.95 18.63 -15.62
CA TYR B 37 -23.78 19.67 -16.29
C TYR B 37 -24.48 20.45 -15.18
N ARG B 38 -24.43 21.79 -15.21
CA ARG B 38 -24.98 22.60 -14.08
C ARG B 38 -26.41 23.03 -14.40
N MET B 39 -27.40 22.44 -13.74
CA MET B 39 -28.81 22.84 -13.89
C MET B 39 -29.26 23.33 -12.51
N GLY B 40 -29.74 24.57 -12.42
CA GLY B 40 -30.10 25.15 -11.12
C GLY B 40 -28.90 25.23 -10.20
N ASP B 41 -29.10 24.98 -8.92
CA ASP B 41 -28.00 25.07 -7.93
C ASP B 41 -27.37 23.69 -7.76
N PHE B 42 -27.80 22.70 -8.52
CA PHE B 42 -27.30 21.31 -8.34
C PHE B 42 -26.61 20.83 -9.61
N TYR B 43 -25.33 20.41 -9.51
CA TYR B 43 -24.63 19.82 -10.67
C TYR B 43 -25.27 18.46 -10.88
N GLU B 44 -25.49 18.03 -12.12
CA GLU B 44 -26.19 16.75 -12.42
C GLU B 44 -25.47 16.01 -13.55
N LEU B 45 -25.59 14.68 -13.61
CA LEU B 45 -25.01 13.85 -14.71
C LEU B 45 -26.17 13.05 -15.28
N PHE B 46 -26.18 12.76 -16.58
CA PHE B 46 -27.34 12.08 -17.24
C PHE B 46 -26.84 10.86 -18.05
N TYR B 47 -27.72 9.91 -18.35
CA TYR B 47 -27.40 8.68 -19.14
C TYR B 47 -26.28 7.85 -18.52
N ASP B 48 -25.27 7.44 -19.29
CA ASP B 48 -24.19 6.53 -18.82
C ASP B 48 -23.39 7.19 -17.68
N ASP B 49 -23.18 8.50 -17.78
CA ASP B 49 -22.39 9.23 -16.75
C ASP B 49 -23.10 9.11 -15.40
N ALA B 50 -24.43 9.18 -15.36
CA ALA B 50 -25.18 9.14 -14.09
C ALA B 50 -24.95 7.81 -13.37
N LYS B 51 -24.96 6.70 -14.10
CA LYS B 51 -24.72 5.37 -13.50
C LYS B 51 -23.28 5.26 -12.98
N ARG B 52 -22.29 5.72 -13.74
CA ARG B 52 -20.87 5.62 -13.32
C ARG B 52 -20.66 6.48 -12.07
N ALA B 53 -21.22 7.70 -12.07
CA ALA B 53 -21.06 8.63 -10.93
C ALA B 53 -21.70 8.04 -9.67
N SER B 54 -22.86 7.40 -9.80
CA SER B 54 -23.58 6.87 -8.61
C SER B 54 -22.75 5.79 -7.93
N GLN B 55 -22.10 4.91 -8.69
CA GLN B 55 -21.23 3.87 -8.13
C GLN B 55 -19.99 4.47 -7.45
N LEU B 56 -19.29 5.40 -8.11
CA LEU B 56 -18.05 6.04 -7.57
C LEU B 56 -18.30 7.03 -6.43
N LEU B 57 -19.30 7.93 -6.53
CA LEU B 57 -19.52 9.02 -5.52
C LEU B 57 -20.51 8.58 -4.43
N ASP B 58 -21.10 7.38 -4.52
CA ASP B 58 -22.13 6.95 -3.54
C ASP B 58 -23.28 7.98 -3.48
N ILE B 59 -23.84 8.36 -4.63
CA ILE B 59 -25.02 9.28 -4.70
C ILE B 59 -26.17 8.50 -5.32
N SER B 60 -27.42 8.72 -4.87
CA SER B 60 -28.56 7.91 -5.38
C SER B 60 -28.91 8.24 -6.83
N LEU B 61 -29.26 7.25 -7.64
CA LEU B 61 -29.63 7.43 -9.07
C LEU B 61 -31.15 7.41 -9.24
N THR B 62 -31.75 8.47 -9.81
CA THR B 62 -33.21 8.56 -10.04
C THR B 62 -33.47 8.74 -11.55
N LYS B 63 -34.31 7.90 -12.17
CA LYS B 63 -34.57 7.97 -13.63
C LYS B 63 -35.74 8.89 -13.94
N ARG B 64 -35.56 9.85 -14.87
CA ARG B 64 -36.66 10.77 -15.29
C ARG B 64 -36.98 10.55 -16.78
N GLY B 65 -38.25 10.30 -17.12
CA GLY B 65 -38.65 10.07 -18.52
C GLY B 65 -38.47 11.30 -19.37
N ALA B 66 -38.14 11.16 -20.66
CA ALA B 66 -37.82 12.35 -21.50
C ALA B 66 -39.06 13.25 -21.54
N GLU B 70 -37.83 5.43 -22.91
CA GLU B 70 -36.62 6.28 -23.03
C GLU B 70 -36.35 6.98 -21.68
N PRO B 71 -36.34 6.28 -20.52
CA PRO B 71 -36.00 6.94 -19.25
C PRO B 71 -34.55 7.43 -19.29
N ILE B 72 -34.27 8.62 -18.71
CA ILE B 72 -32.88 9.16 -18.67
C ILE B 72 -32.36 8.97 -17.25
N PRO B 73 -31.36 8.10 -16.99
CA PRO B 73 -30.81 8.02 -15.64
C PRO B 73 -30.25 9.38 -15.28
N MET B 74 -30.55 9.92 -14.09
CA MET B 74 -30.05 11.24 -13.61
C MET B 74 -29.56 11.13 -12.17
N ALA B 75 -28.36 11.63 -11.87
CA ALA B 75 -27.83 11.66 -10.48
C ALA B 75 -27.38 13.09 -10.23
N GLY B 76 -27.41 13.57 -8.99
CA GLY B 76 -27.10 14.98 -8.73
C GLY B 76 -26.36 15.22 -7.45
N ILE B 77 -25.52 16.27 -7.41
CA ILE B 77 -24.74 16.63 -6.20
C ILE B 77 -25.01 18.11 -5.92
N PRO B 78 -25.11 18.59 -4.66
CA PRO B 78 -25.25 20.03 -4.41
C PRO B 78 -24.03 20.85 -4.86
N TYR B 79 -24.22 22.08 -5.35
CA TYR B 79 -23.11 22.95 -5.84
C TYR B 79 -22.17 23.29 -4.70
N HIS B 80 -22.71 23.54 -3.50
CA HIS B 80 -21.90 23.86 -2.29
C HIS B 80 -20.94 22.70 -1.96
N ALA B 81 -21.34 21.45 -2.19
CA ALA B 81 -20.53 20.27 -1.84
C ALA B 81 -19.75 19.71 -3.04
N VAL B 82 -19.66 20.45 -4.14
CA VAL B 82 -19.02 19.92 -5.39
C VAL B 82 -17.57 19.52 -5.14
N GLU B 83 -16.81 20.31 -4.40
CA GLU B 83 -15.36 20.02 -4.22
C GLU B 83 -15.17 18.68 -3.52
N ASN B 84 -15.98 18.39 -2.51
CA ASN B 84 -15.88 17.09 -1.78
C ASN B 84 -16.12 15.92 -2.75
N TYR B 85 -17.14 16.00 -3.61
CA TYR B 85 -17.42 14.94 -4.60
C TYR B 85 -16.31 14.85 -5.66
N LEU B 86 -15.79 16.00 -6.13
CA LEU B 86 -14.72 16.02 -7.17
C LEU B 86 -13.51 15.28 -6.62
N ALA B 87 -13.22 15.42 -5.32
CA ALA B 87 -12.06 14.78 -4.69
C ALA B 87 -12.19 13.26 -4.78
N LYS B 88 -13.39 12.72 -4.54
CA LYS B 88 -13.58 11.25 -4.56
C LYS B 88 -13.28 10.71 -5.97
N LEU B 89 -13.81 11.34 -7.01
CA LEU B 89 -13.60 10.90 -8.42
C LEU B 89 -12.12 11.07 -8.82
N VAL B 90 -11.47 12.17 -8.42
CA VAL B 90 -10.05 12.45 -8.79
C VAL B 90 -9.17 11.36 -8.20
N ASN B 91 -9.44 10.95 -6.97
CA ASN B 91 -8.65 9.88 -6.30
C ASN B 91 -8.83 8.56 -7.08
N GLN B 92 -10.05 8.29 -7.55
CA GLN B 92 -10.36 7.05 -8.33
C GLN B 92 -9.78 7.16 -9.75
N GLY B 93 -9.33 8.34 -10.15
CA GLY B 93 -8.66 8.52 -11.47
C GLY B 93 -9.59 8.98 -12.56
N GLU B 94 -10.87 9.21 -12.25
CA GLU B 94 -11.85 9.69 -13.25
C GLU B 94 -11.60 11.16 -13.60
N SER B 95 -11.82 11.54 -14.86
CA SER B 95 -11.69 12.95 -15.30
C SER B 95 -13.11 13.48 -15.37
N VAL B 96 -13.38 14.60 -14.69
CA VAL B 96 -14.75 15.17 -14.63
C VAL B 96 -14.75 16.55 -15.28
N ALA B 97 -15.48 16.71 -16.39
CA ALA B 97 -15.59 18.02 -17.05
C ALA B 97 -16.70 18.77 -16.33
N ILE B 98 -16.48 20.05 -15.99
CA ILE B 98 -17.49 20.85 -15.27
C ILE B 98 -18.05 21.87 -16.26
N CYS B 99 -19.36 21.89 -16.47
CA CYS B 99 -20.02 22.83 -17.43
C CYS B 99 -20.86 23.84 -16.66
N GLU B 100 -20.69 25.13 -16.93
CA GLU B 100 -21.43 26.21 -16.22
C GLU B 100 -22.09 27.10 -17.28
N GLN B 101 -23.20 27.77 -16.94
CA GLN B 101 -23.95 28.56 -17.95
C GLN B 101 -23.38 29.99 -17.98
N ILE B 102 -22.53 30.27 -18.96
CA ILE B 102 -21.87 31.61 -19.08
C ILE B 102 -22.90 32.69 -19.41
N GLY B 103 -23.82 32.42 -20.34
CA GLY B 103 -24.77 33.46 -20.78
C GLY B 103 -26.22 33.10 -20.52
N VAL B 112 -30.01 28.16 -22.09
CA VAL B 112 -29.03 29.18 -21.63
C VAL B 112 -27.67 28.72 -22.18
N GLU B 113 -26.91 29.64 -22.79
CA GLU B 113 -25.60 29.27 -23.39
C GLU B 113 -24.72 28.71 -22.28
N ARG B 114 -24.00 27.62 -22.59
CA ARG B 114 -23.12 26.98 -21.56
C ARG B 114 -21.90 26.36 -22.25
N LYS B 115 -20.80 26.18 -21.51
CA LYS B 115 -19.56 25.58 -22.09
C LYS B 115 -18.79 24.90 -20.96
N VAL B 116 -17.82 24.04 -21.29
CA VAL B 116 -17.01 23.35 -20.24
C VAL B 116 -15.99 24.36 -19.73
N VAL B 117 -16.21 24.92 -18.53
CA VAL B 117 -15.31 25.96 -17.96
C VAL B 117 -13.92 25.37 -17.69
N ARG B 118 -13.86 24.15 -17.15
CA ARG B 118 -12.56 23.48 -16.86
C ARG B 118 -12.76 21.97 -16.87
N ILE B 119 -11.69 21.20 -17.09
CA ILE B 119 -11.77 19.71 -16.98
C ILE B 119 -10.85 19.32 -15.82
N VAL B 120 -11.38 18.62 -14.81
CA VAL B 120 -10.60 18.24 -13.61
C VAL B 120 -10.09 16.82 -13.85
N THR B 121 -8.78 16.61 -13.82
CA THR B 121 -8.17 15.29 -14.13
C THR B 121 -7.12 15.01 -13.07
N PRO B 122 -6.73 13.75 -12.76
CA PRO B 122 -5.81 13.52 -11.65
C PRO B 122 -4.50 14.27 -11.90
N GLY B 123 -4.02 14.30 -13.14
CA GLY B 123 -2.73 14.94 -13.49
C GLY B 123 -2.69 16.45 -13.29
N THR B 124 -3.77 17.17 -13.59
CA THR B 124 -3.75 18.66 -13.56
C THR B 124 -4.81 19.21 -12.59
N ILE B 125 -4.60 19.05 -11.29
CA ILE B 125 -5.51 19.63 -10.25
C ILE B 125 -4.64 20.64 -9.49
N SER B 126 -5.07 21.90 -9.41
CA SER B 126 -4.32 22.96 -8.69
C SER B 126 -5.09 23.39 -7.44
N ASP B 127 -6.19 22.72 -7.10
CA ASP B 127 -7.06 23.08 -5.95
C ASP B 127 -6.51 22.48 -4.65
N GLU B 128 -6.68 23.17 -3.51
CA GLU B 128 -6.12 22.71 -2.21
C GLU B 128 -6.72 21.38 -1.75
N ALA B 129 -8.06 21.23 -1.80
CA ALA B 129 -8.75 20.01 -1.33
C ALA B 129 -8.42 18.80 -2.21
N LEU B 130 -8.44 18.97 -3.52
CA LEU B 130 -8.16 17.87 -4.48
C LEU B 130 -6.72 17.39 -4.34
N LEU B 131 -5.75 18.30 -4.17
CA LEU B 131 -4.31 17.94 -4.10
C LEU B 131 -3.90 17.45 -2.71
N GLN B 132 -2.70 16.85 -2.57
CA GLN B 132 -2.13 16.41 -1.26
C GLN B 132 -1.00 17.40 -0.94
N GLU B 133 -0.88 17.85 0.31
CA GLU B 133 0.07 18.94 0.67
C GLU B 133 1.54 18.60 0.43
N ARG B 134 2.00 17.39 0.80
CA ARG B 134 3.46 17.05 0.70
C ARG B 134 3.73 16.03 -0.39
N GLN B 135 2.82 15.88 -1.37
CA GLN B 135 3.02 14.97 -2.52
C GLN B 135 2.73 15.76 -3.80
N ASP B 136 3.44 15.45 -4.90
CA ASP B 136 3.30 16.22 -6.18
C ASP B 136 2.56 15.36 -7.21
N ASN B 137 1.59 15.94 -7.92
CA ASN B 137 0.84 15.22 -8.99
C ASN B 137 1.46 15.60 -10.33
N LEU B 138 1.95 14.62 -11.10
CA LEU B 138 2.63 14.89 -12.38
C LEU B 138 1.84 14.32 -13.56
N LEU B 139 1.47 15.15 -14.54
CA LEU B 139 0.85 14.66 -15.79
C LEU B 139 2.06 14.24 -16.63
N ALA B 140 2.06 13.05 -17.22
CA ALA B 140 3.22 12.54 -17.97
C ALA B 140 2.77 12.01 -19.33
N ALA B 141 3.67 11.96 -20.30
CA ALA B 141 3.33 11.45 -21.66
C ALA B 141 4.36 10.40 -22.04
N ILE B 142 3.94 9.23 -22.54
CA ILE B 142 4.89 8.20 -23.06
C ILE B 142 4.67 8.06 -24.56
N TRP B 143 5.75 8.07 -25.34
CA TRP B 143 5.66 7.88 -26.81
C TRP B 143 6.74 6.87 -27.20
N GLN B 144 6.39 5.83 -27.95
CA GLN B 144 7.42 4.87 -28.44
C GLN B 144 7.57 5.02 -29.95
N ASP B 145 8.73 5.50 -30.40
CA ASP B 145 9.03 5.59 -31.85
C ASP B 145 9.90 4.36 -32.09
N SER B 146 10.21 4.01 -33.34
CA SER B 146 10.97 2.76 -33.60
C SER B 146 12.30 2.84 -32.86
N LYS B 147 12.93 4.02 -32.84
CA LYS B 147 14.25 4.23 -32.20
C LYS B 147 14.11 4.64 -30.72
N GLY B 148 13.60 3.77 -29.83
CA GLY B 148 13.57 4.08 -28.39
C GLY B 148 12.31 4.80 -27.93
N PHE B 149 12.25 5.25 -26.66
CA PHE B 149 11.03 5.87 -26.07
C PHE B 149 11.27 7.34 -25.72
N GLY B 150 10.22 8.16 -25.65
CA GLY B 150 10.33 9.57 -25.23
C GLY B 150 9.34 9.85 -24.12
N TYR B 151 9.78 10.42 -22.98
CA TYR B 151 8.90 10.64 -21.80
C TYR B 151 8.95 12.12 -21.42
N ALA B 152 7.80 12.78 -21.26
CA ALA B 152 7.74 14.20 -20.86
C ALA B 152 6.83 14.33 -19.65
N THR B 153 7.25 15.02 -18.59
CA THR B 153 6.47 15.16 -17.32
C THR B 153 6.28 16.64 -16.99
N LEU B 154 5.07 17.05 -16.62
CA LEU B 154 4.76 18.46 -16.28
C LEU B 154 4.03 18.48 -14.95
N ASP B 155 4.43 19.35 -14.02
CA ASP B 155 3.67 19.55 -12.76
C ASP B 155 2.91 20.86 -12.96
N ILE B 156 1.58 20.85 -13.01
CA ILE B 156 0.79 22.07 -13.32
C ILE B 156 1.01 23.11 -12.23
N SER B 157 1.03 22.69 -10.95
CA SER B 157 1.16 23.64 -9.82
C SER B 157 2.55 24.29 -9.72
N SER B 158 3.62 23.51 -9.70
CA SER B 158 5.02 24.05 -9.65
C SER B 158 5.40 24.72 -10.97
N GLY B 159 4.98 24.14 -12.10
CA GLY B 159 5.33 24.67 -13.42
C GLY B 159 6.50 23.97 -14.06
N ARG B 160 7.11 23.01 -13.34
CA ARG B 160 8.32 22.32 -13.85
C ARG B 160 7.95 21.49 -15.08
N PHE B 161 8.73 21.58 -16.16
CA PHE B 161 8.51 20.70 -17.34
C PHE B 161 9.82 19.98 -17.60
N ARG B 162 9.81 18.64 -17.57
CA ARG B 162 11.07 17.87 -17.73
C ARG B 162 10.91 16.91 -18.91
N LEU B 163 11.93 16.77 -19.73
CA LEU B 163 11.85 15.92 -20.94
C LEU B 163 12.92 14.84 -20.82
N SER B 164 12.70 13.66 -21.41
CA SER B 164 13.65 12.54 -21.30
C SER B 164 13.57 11.68 -22.55
N GLU B 165 14.61 10.91 -22.85
CA GLU B 165 14.58 9.94 -23.99
C GLU B 165 15.10 8.59 -23.49
N PRO B 166 14.35 7.82 -22.65
CA PRO B 166 14.81 6.51 -22.21
C PRO B 166 14.94 5.61 -23.45
N ALA B 167 16.04 4.83 -23.54
CA ALA B 167 16.30 4.00 -24.74
C ALA B 167 16.18 2.50 -24.46
N ASP B 168 15.76 2.09 -23.26
CA ASP B 168 15.55 0.67 -22.93
C ASP B 168 14.19 0.50 -22.22
N ARG B 169 13.59 -0.68 -22.27
CA ARG B 169 12.32 -0.94 -21.53
C ARG B 169 12.61 -0.79 -20.04
N GLU B 170 13.76 -1.28 -19.56
CA GLU B 170 14.12 -1.19 -18.13
C GLU B 170 14.26 0.29 -17.70
N THR B 171 14.92 1.12 -18.50
CA THR B 171 15.10 2.56 -18.18
C THR B 171 13.73 3.23 -18.14
N MET B 172 12.86 2.90 -19.10
CA MET B 172 11.50 3.50 -19.18
C MET B 172 10.71 3.11 -17.92
N ALA B 173 10.81 1.85 -17.48
CA ALA B 173 10.11 1.38 -16.28
C ALA B 173 10.61 2.11 -15.03
N ALA B 174 11.92 2.34 -14.91
CA ALA B 174 12.51 3.08 -13.77
C ALA B 174 11.98 4.51 -13.74
N GLU B 175 11.90 5.17 -14.90
CA GLU B 175 11.38 6.56 -14.99
C GLU B 175 9.92 6.59 -14.55
N LEU B 176 9.11 5.64 -14.99
CA LEU B 176 7.67 5.61 -14.61
C LEU B 176 7.52 5.40 -13.09
N GLN B 177 8.28 4.48 -12.51
CA GLN B 177 8.21 4.20 -11.04
C GLN B 177 8.71 5.40 -10.22
N ARG B 178 9.83 6.01 -10.63
CA ARG B 178 10.41 7.17 -9.90
C ARG B 178 9.46 8.37 -9.99
N THR B 179 8.97 8.69 -11.20
CA THR B 179 8.05 9.84 -11.41
C THR B 179 6.67 9.54 -10.81
N ASN B 180 6.22 8.29 -10.88
CA ASN B 180 4.89 7.88 -10.36
C ASN B 180 3.84 8.80 -10.96
N PRO B 181 3.66 8.86 -12.30
CA PRO B 181 2.74 9.82 -12.89
C PRO B 181 1.28 9.64 -12.46
N ALA B 182 0.60 10.71 -12.04
CA ALA B 182 -0.82 10.65 -11.62
C ALA B 182 -1.68 10.30 -12.81
N GLU B 183 -1.40 10.90 -13.98
CA GLU B 183 -2.13 10.61 -15.22
C GLU B 183 -1.08 10.42 -16.32
N LEU B 184 -1.09 9.28 -17.02
CA LEU B 184 -0.11 9.02 -18.10
C LEU B 184 -0.83 9.00 -19.43
N LEU B 185 -0.35 9.78 -20.40
CA LEU B 185 -1.00 9.88 -21.72
C LEU B 185 -0.18 9.04 -22.70
N TYR B 186 -0.74 7.95 -23.22
CA TYR B 186 -0.01 7.01 -24.09
C TYR B 186 -0.65 7.03 -25.47
N ALA B 187 0.15 6.94 -26.52
CA ALA B 187 -0.37 6.89 -27.90
C ALA B 187 -1.13 5.59 -28.10
N GLU B 188 -2.12 5.58 -28.98
CA GLU B 188 -2.97 4.39 -29.22
C GLU B 188 -2.11 3.24 -29.71
N ASP B 189 -1.06 3.54 -30.50
CA ASP B 189 -0.21 2.49 -31.14
C ASP B 189 0.96 2.07 -30.25
N PHE B 190 1.00 2.49 -28.98
CA PHE B 190 2.19 2.19 -28.13
C PHE B 190 2.38 0.69 -28.16
N ALA B 191 3.56 0.22 -28.58
CA ALA B 191 3.80 -1.23 -28.74
C ALA B 191 3.91 -1.98 -27.43
N GLU B 192 4.68 -1.47 -26.47
CA GLU B 192 4.92 -2.21 -25.20
C GLU B 192 3.90 -1.79 -24.13
N MET B 193 2.62 -2.15 -24.32
CA MET B 193 1.58 -1.81 -23.33
C MET B 193 1.62 -2.88 -22.23
N SER B 194 2.77 -2.99 -21.55
CA SER B 194 2.93 -3.92 -20.40
C SER B 194 3.37 -3.08 -19.19
N LEU B 195 4.42 -2.27 -19.35
CA LEU B 195 4.85 -1.34 -18.28
C LEU B 195 3.75 -0.32 -18.04
N ILE B 196 3.11 0.16 -19.12
CA ILE B 196 2.02 1.18 -19.02
C ILE B 196 0.81 0.54 -18.34
N GLU B 197 0.49 -0.71 -18.66
CA GLU B 197 -0.76 -1.33 -18.13
C GLU B 197 -0.67 -1.47 -16.61
N GLY B 198 -1.77 -1.18 -15.91
CA GLY B 198 -1.81 -1.24 -14.43
C GLY B 198 -1.50 0.09 -13.77
N ARG B 199 -1.05 1.09 -14.53
CA ARG B 199 -0.71 2.44 -13.99
C ARG B 199 -2.01 3.19 -13.67
N ARG B 200 -1.94 4.19 -12.80
CA ARG B 200 -3.11 5.03 -12.45
C ARG B 200 -3.38 6.09 -13.51
N GLY B 201 -4.65 6.40 -13.78
CA GLY B 201 -5.02 7.48 -14.70
C GLY B 201 -4.49 7.33 -16.10
N LEU B 202 -4.46 6.11 -16.63
CA LEU B 202 -4.01 5.90 -18.03
C LEU B 202 -5.02 6.56 -18.97
N ARG B 203 -4.53 7.33 -19.96
CA ARG B 203 -5.41 8.02 -20.94
C ARG B 203 -4.90 7.66 -22.34
N ARG B 204 -5.75 7.08 -23.19
CA ARG B 204 -5.34 6.80 -24.59
C ARG B 204 -5.51 8.11 -25.35
N ARG B 205 -4.52 8.51 -26.13
CA ARG B 205 -4.56 9.77 -26.91
C ARG B 205 -4.37 9.44 -28.39
N PRO B 206 -4.93 10.20 -29.34
CA PRO B 206 -4.81 9.89 -30.76
C PRO B 206 -3.36 10.05 -31.24
N LEU B 207 -2.95 9.31 -32.27
CA LEU B 207 -1.57 9.36 -32.81
C LEU B 207 -1.22 10.72 -33.39
N TRP B 208 -2.20 11.45 -33.93
CA TRP B 208 -1.95 12.78 -34.57
C TRP B 208 -1.35 13.76 -33.56
N GLU B 209 -1.73 13.65 -32.28
CA GLU B 209 -1.25 14.58 -31.23
C GLU B 209 0.27 14.49 -31.00
N PHE B 210 0.91 13.37 -31.34
CA PHE B 210 2.35 13.16 -31.04
C PHE B 210 3.29 13.61 -32.19
N GLU B 211 2.82 14.24 -33.26
CA GLU B 211 3.68 14.61 -34.42
C GLU B 211 4.76 15.62 -33.99
N ILE B 212 6.01 15.48 -34.48
CA ILE B 212 7.14 16.37 -34.07
C ILE B 212 6.96 17.82 -34.53
N ASP B 213 6.53 18.06 -35.77
CA ASP B 213 6.45 19.45 -36.28
C ASP B 213 5.39 20.24 -35.50
N THR B 214 4.23 19.64 -35.22
CA THR B 214 3.17 20.28 -34.41
C THR B 214 3.67 20.54 -32.99
N ALA B 215 4.39 19.58 -32.41
CA ALA B 215 4.92 19.71 -31.03
C ALA B 215 5.90 20.88 -30.97
N ARG B 216 6.79 21.00 -31.95
CA ARG B 216 7.84 22.06 -31.92
C ARG B 216 7.19 23.44 -31.96
N GLN B 217 6.20 23.64 -32.83
CA GLN B 217 5.54 24.97 -32.96
C GLN B 217 4.84 25.34 -31.64
N GLN B 218 4.08 24.42 -31.06
CA GLN B 218 3.36 24.67 -29.79
C GLN B 218 4.34 24.94 -28.65
N LEU B 219 5.40 24.14 -28.53
CA LEU B 219 6.36 24.29 -27.40
C LEU B 219 7.06 25.64 -27.56
N ASN B 220 7.44 26.01 -28.78
CA ASN B 220 8.17 27.28 -29.02
C ASN B 220 7.29 28.46 -28.61
N LEU B 221 6.00 28.43 -28.94
CA LEU B 221 5.06 29.53 -28.60
C LEU B 221 4.91 29.69 -27.07
N GLN B 222 4.77 28.59 -26.32
CA GLN B 222 4.57 28.67 -24.84
C GLN B 222 5.81 29.29 -24.21
N PHE B 223 7.00 28.87 -24.64
CA PHE B 223 8.27 29.38 -24.04
C PHE B 223 8.62 30.75 -24.63
N GLY B 224 7.99 31.12 -25.74
CA GLY B 224 8.26 32.41 -26.40
C GLY B 224 9.61 32.45 -27.11
N THR B 225 10.24 31.30 -27.35
CA THR B 225 11.59 31.23 -27.96
C THR B 225 11.45 30.78 -29.42
N ARG B 226 12.21 31.37 -30.33
CA ARG B 226 12.17 30.98 -31.77
C ARG B 226 12.65 29.55 -31.95
N ASP B 227 13.69 29.14 -31.21
CA ASP B 227 14.24 27.76 -31.28
C ASP B 227 14.46 27.26 -29.85
N LEU B 228 14.58 25.95 -29.64
CA LEU B 228 14.70 25.37 -28.28
C LEU B 228 16.18 25.11 -27.96
N VAL B 229 17.09 25.71 -28.73
CA VAL B 229 18.55 25.51 -28.53
C VAL B 229 18.96 26.00 -27.13
N GLY B 230 18.39 27.10 -26.65
CA GLY B 230 18.77 27.67 -25.34
C GLY B 230 18.47 26.70 -24.22
N PHE B 231 17.31 26.04 -24.28
CA PHE B 231 16.95 25.00 -23.27
C PHE B 231 17.90 23.82 -23.40
N GLY B 232 18.34 23.51 -24.61
CA GLY B 232 19.20 22.34 -24.86
C GLY B 232 18.40 21.10 -25.21
N VAL B 233 17.10 21.26 -25.50
CA VAL B 233 16.19 20.14 -25.86
C VAL B 233 15.99 20.07 -27.38
N GLU B 234 16.69 20.89 -28.17
CA GLU B 234 16.48 20.98 -29.64
C GLU B 234 16.77 19.66 -30.37
N ASN B 235 17.83 18.94 -30.01
CA ASN B 235 18.26 17.73 -30.77
C ASN B 235 17.63 16.42 -30.27
N ALA B 236 16.65 16.48 -29.35
CA ALA B 236 15.91 15.26 -28.90
C ALA B 236 14.55 15.18 -29.61
N PRO B 237 14.38 14.43 -30.73
CA PRO B 237 13.09 14.37 -31.40
C PRO B 237 11.95 13.65 -30.67
N ARG B 238 12.21 12.45 -30.12
CA ARG B 238 11.16 11.63 -29.46
C ARG B 238 10.63 12.33 -28.20
N GLY B 239 11.51 12.93 -27.41
CA GLY B 239 11.07 13.63 -26.20
C GLY B 239 10.20 14.81 -26.54
N LEU B 240 10.56 15.57 -27.57
CA LEU B 240 9.79 16.78 -27.97
C LEU B 240 8.38 16.38 -28.42
N CYS B 241 8.23 15.25 -29.08
CA CYS B 241 6.89 14.75 -29.52
C CYS B 241 5.99 14.52 -28.30
N ALA B 242 6.51 13.85 -27.25
CA ALA B 242 5.73 13.62 -26.01
C ALA B 242 5.39 14.94 -25.32
N ALA B 243 6.34 15.90 -25.29
CA ALA B 243 6.11 17.22 -24.65
C ALA B 243 5.01 17.99 -25.39
N GLY B 244 4.94 17.90 -26.72
CA GLY B 244 3.89 18.57 -27.49
C GLY B 244 2.51 18.07 -27.12
N CYS B 245 2.33 16.75 -26.96
CA CYS B 245 1.04 16.18 -26.49
C CYS B 245 0.74 16.65 -25.07
N LEU B 246 1.74 16.65 -24.19
CA LEU B 246 1.53 17.03 -22.76
C LEU B 246 1.09 18.48 -22.66
N LEU B 247 1.74 19.39 -23.39
CA LEU B 247 1.42 20.84 -23.33
C LEU B 247 0.02 21.05 -23.88
N GLN B 248 -0.33 20.39 -24.99
CA GLN B 248 -1.67 20.55 -25.62
C GLN B 248 -2.77 20.05 -24.69
N TYR B 249 -2.58 18.89 -24.04
CA TYR B 249 -3.57 18.36 -23.07
C TYR B 249 -3.70 19.29 -21.88
N ALA B 250 -2.58 19.84 -21.39
CA ALA B 250 -2.60 20.75 -20.23
C ALA B 250 -3.33 22.05 -20.58
N LYS B 251 -3.12 22.60 -21.77
CA LYS B 251 -3.84 23.84 -22.19
C LYS B 251 -5.33 23.53 -22.33
N ASP B 252 -5.68 22.39 -22.92
CA ASP B 252 -7.11 21.97 -23.06
C ASP B 252 -7.77 21.70 -21.71
N THR B 253 -7.09 21.01 -20.79
CA THR B 253 -7.66 20.64 -19.46
C THR B 253 -7.93 21.89 -18.63
N GLN B 254 -7.02 22.87 -18.65
CA GLN B 254 -7.18 24.11 -17.84
C GLN B 254 -7.99 25.15 -18.62
N ARG B 255 -8.14 25.00 -19.94
CA ARG B 255 -8.97 25.90 -20.80
C ARG B 255 -8.44 27.33 -20.72
N THR B 256 -7.14 27.51 -20.52
CA THR B 256 -6.52 28.86 -20.41
C THR B 256 -5.03 28.75 -20.74
N THR B 257 -4.38 29.86 -21.10
CA THR B 257 -2.91 29.88 -21.35
C THR B 257 -2.24 29.62 -20.01
N LEU B 258 -1.14 28.86 -19.98
CA LEU B 258 -0.48 28.51 -18.70
C LEU B 258 0.80 29.35 -18.56
N PRO B 259 0.78 30.52 -17.89
CA PRO B 259 1.97 31.37 -17.82
C PRO B 259 3.05 30.76 -16.93
N HIS B 260 2.67 29.87 -16.02
CA HIS B 260 3.62 29.23 -15.07
C HIS B 260 4.69 28.42 -15.83
N ILE B 261 4.36 27.80 -16.95
CA ILE B 261 5.32 26.94 -17.73
C ILE B 261 6.15 27.87 -18.62
N ARG B 262 7.45 27.96 -18.36
CA ARG B 262 8.34 28.87 -19.13
C ARG B 262 9.68 28.21 -19.49
N SER B 263 9.90 26.94 -19.13
CA SER B 263 11.17 26.22 -19.46
C SER B 263 10.92 24.74 -19.77
N ILE B 264 11.80 24.10 -20.53
CA ILE B 264 11.70 22.65 -20.89
C ILE B 264 13.07 22.00 -20.69
N THR B 265 13.50 21.85 -19.44
CA THR B 265 14.82 21.23 -19.14
C THR B 265 14.81 19.76 -19.61
N MET B 266 15.97 19.22 -20.03
CA MET B 266 16.07 17.79 -20.44
C MET B 266 16.89 17.03 -19.41
N GLU B 267 16.35 15.90 -18.91
CA GLU B 267 17.07 15.06 -17.93
C GLU B 267 17.88 14.00 -18.70
N ARG B 268 19.15 13.81 -18.35
CA ARG B 268 20.05 12.83 -19.02
C ARG B 268 20.58 11.83 -18.01
N GLU B 269 20.96 10.63 -18.45
CA GLU B 269 21.44 9.56 -17.54
C GLU B 269 22.73 10.01 -16.83
N GLN B 270 23.63 10.69 -17.52
CA GLN B 270 24.90 11.18 -16.94
C GLN B 270 24.65 12.16 -15.79
N ASP B 271 23.63 12.99 -15.86
CA ASP B 271 23.34 14.04 -14.85
C ASP B 271 23.04 13.48 -13.45
N SER B 272 22.34 12.34 -13.32
CA SER B 272 21.94 11.81 -11.99
C SER B 272 22.39 10.37 -11.75
N ILE B 273 22.58 9.96 -10.49
CA ILE B 273 22.91 8.53 -10.19
C ILE B 273 21.66 7.73 -10.53
N ILE B 274 21.80 6.67 -11.31
CA ILE B 274 20.65 5.86 -11.77
C ILE B 274 20.30 4.85 -10.67
N MET B 275 19.02 4.70 -10.35
CA MET B 275 18.57 3.68 -9.37
C MET B 275 17.37 2.98 -10.00
N ASP B 276 17.36 1.66 -10.05
CA ASP B 276 16.21 0.88 -10.59
C ASP B 276 15.08 0.91 -9.57
N ALA B 277 13.88 0.46 -9.94
CA ALA B 277 12.72 0.51 -9.03
C ALA B 277 12.99 -0.31 -7.76
N ALA B 278 13.63 -1.48 -7.90
CA ALA B 278 13.91 -2.37 -6.75
C ALA B 278 14.88 -1.72 -5.76
N THR B 279 15.96 -1.07 -6.21
CA THR B 279 16.96 -0.44 -5.30
C THR B 279 16.31 0.67 -4.50
N ARG B 280 15.42 1.43 -5.12
CA ARG B 280 14.74 2.56 -4.43
C ARG B 280 13.93 1.99 -3.26
N ARG B 281 13.18 0.91 -3.48
CA ARG B 281 12.36 0.26 -2.42
C ARG B 281 13.23 -0.41 -1.35
N ASN B 282 14.31 -1.10 -1.75
CA ASN B 282 15.18 -1.86 -0.81
C ASN B 282 15.87 -0.90 0.17
N LEU B 283 16.30 0.27 -0.31
CA LEU B 283 17.00 1.27 0.53
C LEU B 283 16.00 2.12 1.31
N GLU B 284 14.69 1.99 1.04
CA GLU B 284 13.63 2.71 1.81
C GLU B 284 13.85 4.23 1.79
N ILE B 285 14.14 4.80 0.62
CA ILE B 285 14.40 6.27 0.52
C ILE B 285 13.16 7.09 0.91
N THR B 286 11.97 6.74 0.43
CA THR B 286 10.71 7.49 0.76
C THR B 286 9.58 6.59 1.31
N GLN B 287 9.50 5.33 0.88
CA GLN B 287 8.43 4.37 1.30
C GLN B 287 9.08 3.11 1.88
N ASN B 288 8.62 2.63 3.04
CA ASN B 288 9.20 1.43 3.70
C ASN B 288 8.78 0.19 2.93
N LEU B 289 9.42 -0.97 3.16
CA LEU B 289 9.16 -2.21 2.39
C LEU B 289 7.70 -2.64 2.53
N ALA B 290 7.08 -2.47 3.70
CA ALA B 290 5.65 -2.77 3.89
C ALA B 290 4.76 -1.87 3.02
N GLY B 291 5.09 -0.59 2.88
CA GLY B 291 4.24 0.36 2.12
C GLY B 291 3.92 1.66 2.85
N GLY B 292 4.24 1.76 4.14
CA GLY B 292 4.02 2.99 4.94
C GLY B 292 5.15 3.98 4.76
N ALA B 293 5.02 5.21 5.27
CA ALA B 293 6.09 6.24 5.20
C ALA B 293 6.94 6.27 6.46
N GLU B 294 6.61 5.44 7.46
CA GLU B 294 7.37 5.38 8.74
C GLU B 294 8.72 4.67 8.56
N ASN B 295 9.72 5.00 9.35
CA ASN B 295 11.05 4.34 9.30
C ASN B 295 11.65 4.40 7.89
N THR B 296 11.65 5.56 7.25
CA THR B 296 12.25 5.75 5.90
C THR B 296 13.32 6.85 6.01
N LEU B 297 14.27 6.89 5.09
CA LEU B 297 15.37 7.90 5.14
C LEU B 297 14.74 9.29 5.06
N ALA B 298 13.69 9.43 4.26
CA ALA B 298 13.00 10.73 4.15
C ALA B 298 12.43 11.12 5.50
N SER B 299 11.85 10.20 6.27
CA SER B 299 11.30 10.50 7.63
C SER B 299 12.40 10.98 8.59
N VAL B 300 13.59 10.37 8.58
CA VAL B 300 14.75 10.85 9.42
C VAL B 300 15.24 12.22 8.97
N LEU B 301 15.37 12.45 7.66
CA LEU B 301 15.96 13.73 7.15
C LEU B 301 14.90 14.82 6.96
N ASP B 302 13.61 14.50 6.89
CA ASP B 302 12.60 15.53 6.54
C ASP B 302 11.92 16.11 7.79
N CYS B 303 12.36 17.28 8.23
CA CYS B 303 11.72 18.02 9.34
C CYS B 303 11.48 19.44 8.79
N THR B 304 11.31 19.57 7.47
CA THR B 304 11.16 20.90 6.81
C THR B 304 9.88 21.60 7.29
N VAL B 305 9.98 22.89 7.61
CA VAL B 305 8.81 23.69 8.10
C VAL B 305 7.75 23.92 7.02
N THR B 306 8.14 24.19 5.77
CA THR B 306 7.18 24.52 4.67
C THR B 306 6.87 23.28 3.84
N PRO B 307 5.67 23.10 3.26
CA PRO B 307 5.39 21.97 2.37
C PRO B 307 6.27 21.93 1.12
N MET B 308 6.64 23.10 0.58
CA MET B 308 7.47 23.18 -0.65
C MET B 308 8.79 22.47 -0.33
N GLY B 309 9.31 22.66 0.88
CA GLY B 309 10.56 22.01 1.29
C GLY B 309 10.45 20.52 1.35
N SER B 310 9.34 20.00 1.86
CA SER B 310 9.14 18.54 1.97
C SER B 310 9.14 17.91 0.58
N ARG B 311 8.42 18.52 -0.37
CA ARG B 311 8.34 17.98 -1.75
C ARG B 311 9.71 18.09 -2.44
N MET B 312 10.42 19.20 -2.25
CA MET B 312 11.76 19.40 -2.87
C MET B 312 12.78 18.39 -2.33
N LEU B 313 12.80 18.14 -1.02
CA LEU B 313 13.76 17.19 -0.40
C LEU B 313 13.49 15.80 -0.93
N LYS B 314 12.21 15.41 -1.03
CA LYS B 314 11.85 14.07 -1.54
C LYS B 314 12.32 13.94 -2.99
N ARG B 315 12.15 14.99 -3.79
CA ARG B 315 12.59 14.99 -5.20
C ARG B 315 14.12 14.84 -5.28
N TRP B 316 14.87 15.54 -4.42
CA TRP B 316 16.35 15.46 -4.43
C TRP B 316 16.81 14.04 -4.07
N LEU B 317 16.21 13.41 -3.07
CA LEU B 317 16.61 12.05 -2.62
C LEU B 317 16.38 11.05 -3.73
N HIS B 318 15.28 11.17 -4.48
CA HIS B 318 14.94 10.26 -5.62
C HIS B 318 15.93 10.42 -6.77
N MET B 319 16.38 11.65 -7.06
CA MET B 319 17.31 11.93 -8.20
C MET B 319 18.56 12.67 -7.70
N PRO B 320 19.57 11.97 -7.14
CA PRO B 320 20.81 12.61 -6.68
C PRO B 320 21.58 13.23 -7.85
N VAL B 321 22.32 14.33 -7.63
CA VAL B 321 23.03 15.05 -8.74
C VAL B 321 24.46 14.57 -8.81
N ARG B 322 25.00 14.33 -10.00
CA ARG B 322 26.41 13.88 -10.20
C ARG B 322 27.28 15.06 -10.62
N ASP B 323 26.74 16.29 -10.63
CA ASP B 323 27.51 17.52 -10.99
C ASP B 323 28.15 18.07 -9.70
N THR B 324 29.48 18.04 -9.61
CA THR B 324 30.18 18.43 -8.35
C THR B 324 29.89 19.88 -8.00
N ARG B 325 29.82 20.77 -8.98
CA ARG B 325 29.63 22.21 -8.68
C ARG B 325 28.31 22.42 -7.94
N VAL B 326 27.22 21.79 -8.36
CA VAL B 326 25.89 21.92 -7.71
C VAL B 326 25.97 21.41 -6.27
N LEU B 327 26.61 20.25 -6.06
CA LEU B 327 26.72 19.65 -4.71
C LEU B 327 27.57 20.51 -3.77
N LEU B 328 28.68 21.05 -4.26
CA LEU B 328 29.62 21.83 -3.40
C LEU B 328 28.91 23.08 -2.91
N GLU B 329 28.11 23.71 -3.76
CA GLU B 329 27.34 24.91 -3.36
C GLU B 329 26.36 24.52 -2.25
N ARG B 330 25.67 23.38 -2.38
CA ARG B 330 24.68 22.92 -1.37
C ARG B 330 25.37 22.67 -0.03
N GLN B 331 26.54 22.03 -0.04
CA GLN B 331 27.31 21.75 1.19
C GLN B 331 27.75 23.06 1.84
N GLN B 332 28.20 24.03 1.04
CA GLN B 332 28.64 25.35 1.56
C GLN B 332 27.47 26.08 2.20
N THR B 333 26.28 26.03 1.59
CA THR B 333 25.07 26.68 2.17
C THR B 333 24.72 26.02 3.50
N ILE B 334 24.83 24.68 3.58
CA ILE B 334 24.45 23.95 4.83
C ILE B 334 25.40 24.40 5.93
N GLY B 335 26.69 24.52 5.63
CA GLY B 335 27.69 24.97 6.62
C GLY B 335 27.51 26.41 7.04
N ALA B 336 27.23 27.30 6.10
CA ALA B 336 27.03 28.74 6.39
C ALA B 336 25.79 28.96 7.26
N LEU B 337 24.69 28.26 7.01
CA LEU B 337 23.41 28.51 7.73
C LEU B 337 23.28 27.64 8.98
N GLN B 338 24.25 26.75 9.27
CA GLN B 338 24.16 25.82 10.44
C GLN B 338 24.06 26.61 11.74
N ASP B 339 24.87 27.67 11.89
CA ASP B 339 24.86 28.53 13.10
C ASP B 339 23.53 29.26 13.26
N PHE B 340 22.90 29.73 12.18
CA PHE B 340 21.68 30.57 12.25
C PHE B 340 20.40 29.79 11.96
N THR B 341 20.42 28.45 12.02
CA THR B 341 19.24 27.61 11.68
C THR B 341 18.07 27.90 12.63
N ALA B 342 18.31 28.07 13.92
CA ALA B 342 17.24 28.27 14.92
C ALA B 342 16.44 29.54 14.63
N GLY B 343 17.10 30.63 14.24
CA GLY B 343 16.40 31.87 13.86
C GLY B 343 15.61 31.78 12.56
N LEU B 344 16.17 31.13 11.53
CA LEU B 344 15.52 31.01 10.20
C LEU B 344 14.28 30.10 10.22
N GLN B 345 14.30 28.98 10.97
CA GLN B 345 13.18 28.00 10.90
C GLN B 345 11.82 28.58 11.29
N PRO B 346 11.64 29.36 12.37
CA PRO B 346 10.33 29.96 12.64
C PRO B 346 9.87 30.91 11.53
N VAL B 347 10.76 31.73 10.97
CA VAL B 347 10.41 32.68 9.88
C VAL B 347 9.97 31.88 8.65
N LEU B 348 10.68 30.79 8.34
CA LEU B 348 10.39 29.97 7.13
C LEU B 348 9.02 29.32 7.29
N ARG B 349 8.66 28.90 8.50
CA ARG B 349 7.36 28.21 8.73
C ARG B 349 6.20 29.13 8.33
N GLN B 350 6.31 30.41 8.63
CA GLN B 350 5.24 31.40 8.31
C GLN B 350 5.04 31.49 6.80
N VAL B 351 6.11 31.38 6.00
CA VAL B 351 6.02 31.60 4.52
C VAL B 351 5.04 30.59 3.92
N GLY B 352 5.07 29.33 4.34
CA GLY B 352 4.08 28.33 3.89
C GLY B 352 4.31 27.89 2.46
N ASP B 353 3.29 27.32 1.79
CA ASP B 353 3.43 26.78 0.41
C ASP B 353 3.19 27.88 -0.63
N LEU B 354 4.20 28.70 -0.90
CA LEU B 354 4.09 29.81 -1.89
C LEU B 354 3.94 29.24 -3.29
N GLU B 355 4.58 28.11 -3.63
CA GLU B 355 4.58 27.58 -5.03
C GLU B 355 3.16 27.28 -5.49
N ARG B 356 2.36 26.59 -4.68
CA ARG B 356 0.95 26.26 -5.03
C ARG B 356 0.12 27.54 -5.17
N ILE B 357 0.32 28.52 -4.29
CA ILE B 357 -0.49 29.78 -4.30
C ILE B 357 -0.21 30.52 -5.61
N LEU B 358 1.05 30.57 -6.04
CA LEU B 358 1.44 31.26 -7.29
C LEU B 358 0.82 30.56 -8.49
N ALA B 359 0.68 29.23 -8.45
CA ALA B 359 0.03 28.48 -9.54
C ALA B 359 -1.42 28.90 -9.69
N ARG B 360 -2.15 29.03 -8.59
CA ARG B 360 -3.56 29.47 -8.64
C ARG B 360 -3.61 30.91 -9.19
N LEU B 361 -2.67 31.77 -8.81
CA LEU B 361 -2.60 33.16 -9.33
C LEU B 361 -2.35 33.11 -10.84
N ALA B 362 -1.46 32.21 -11.29
CA ALA B 362 -1.11 32.06 -12.74
C ALA B 362 -2.33 31.63 -13.54
N LEU B 363 -3.14 30.72 -12.98
CA LEU B 363 -4.35 30.21 -13.67
C LEU B 363 -5.54 31.15 -13.38
N ARG B 364 -5.36 32.16 -12.55
CA ARG B 364 -6.43 33.14 -12.19
C ARG B 364 -7.60 32.40 -11.57
N THR B 365 -7.32 31.39 -10.74
CA THR B 365 -8.36 30.59 -10.03
C THR B 365 -8.18 30.72 -8.51
N ALA B 366 -7.43 31.72 -8.01
CA ALA B 366 -7.12 31.82 -6.56
C ALA B 366 -8.31 32.24 -5.71
N ARG B 367 -8.30 31.90 -4.41
CA ARG B 367 -9.40 32.23 -3.46
C ARG B 367 -8.89 33.29 -2.49
N PRO B 368 -9.73 34.04 -1.74
CA PRO B 368 -9.23 35.14 -0.93
C PRO B 368 -8.20 34.72 0.12
N ARG B 369 -8.39 33.56 0.73
CA ARG B 369 -7.44 33.06 1.77
C ARG B 369 -6.05 32.89 1.16
N ASP B 370 -5.95 32.41 -0.08
CA ASP B 370 -4.66 32.19 -0.75
C ASP B 370 -3.89 33.51 -0.87
N LEU B 371 -4.55 34.60 -1.27
CA LEU B 371 -3.91 35.93 -1.39
C LEU B 371 -3.46 36.43 -0.01
N ALA B 372 -4.24 36.19 1.06
CA ALA B 372 -3.82 36.56 2.43
C ALA B 372 -2.56 35.79 2.83
N ARG B 373 -2.46 34.50 2.48
CA ARG B 373 -1.23 33.70 2.75
C ARG B 373 -0.06 34.28 1.97
N MET B 374 -0.28 34.75 0.74
CA MET B 374 0.78 35.38 -0.08
C MET B 374 1.25 36.64 0.63
N ARG B 375 0.33 37.42 1.20
CA ARG B 375 0.67 38.68 1.92
C ARG B 375 1.52 38.35 3.13
N HIS B 376 1.16 37.29 3.86
CA HIS B 376 1.91 36.89 5.08
C HIS B 376 3.35 36.54 4.70
N ALA B 377 3.56 35.81 3.61
CA ALA B 377 4.92 35.40 3.18
C ALA B 377 5.75 36.63 2.84
N PHE B 378 5.17 37.62 2.15
CA PHE B 378 5.89 38.86 1.76
C PHE B 378 6.30 39.63 3.03
N GLN B 379 5.45 39.63 4.06
CA GLN B 379 5.76 40.30 5.35
C GLN B 379 6.96 39.63 6.01
N GLN B 380 7.10 38.31 5.89
CA GLN B 380 8.28 37.55 6.42
C GLN B 380 9.55 37.83 5.63
N LEU B 381 9.48 38.15 4.33
CA LEU B 381 10.70 38.27 3.48
C LEU B 381 11.69 39.31 4.02
N PRO B 382 11.31 40.50 4.53
CA PRO B 382 12.30 41.40 5.11
C PRO B 382 13.11 40.77 6.25
N GLU B 383 12.49 39.99 7.14
CA GLU B 383 13.23 39.29 8.23
C GLU B 383 14.23 38.28 7.64
N LEU B 384 13.82 37.48 6.65
CA LEU B 384 14.71 36.46 6.04
C LEU B 384 15.89 37.17 5.37
N ARG B 385 15.62 38.28 4.66
CA ARG B 385 16.70 38.97 3.91
C ARG B 385 17.74 39.50 4.89
N ALA B 386 17.33 40.08 6.01
CA ALA B 386 18.26 40.63 7.02
C ALA B 386 19.13 39.53 7.64
N GLN B 387 18.53 38.39 8.01
CA GLN B 387 19.30 37.27 8.65
C GLN B 387 20.32 36.72 7.64
N LEU B 388 19.92 36.54 6.38
CA LEU B 388 20.82 35.98 5.33
C LEU B 388 21.93 36.98 5.00
N GLU B 389 21.66 38.28 5.10
CA GLU B 389 22.65 39.34 4.74
C GLU B 389 23.89 39.23 5.64
N THR B 390 23.70 38.97 6.93
CA THR B 390 24.84 38.88 7.89
C THR B 390 25.78 37.74 7.51
N VAL B 391 25.24 36.57 7.17
CA VAL B 391 26.09 35.37 6.84
C VAL B 391 26.78 35.60 5.51
N ASP B 392 28.08 35.27 5.41
CA ASP B 392 28.86 35.59 4.17
C ASP B 392 29.31 34.32 3.47
N SER B 393 28.62 33.95 2.38
CA SER B 393 29.01 32.81 1.53
C SER B 393 28.38 33.12 0.16
N ALA B 394 29.03 32.77 -0.93
CA ALA B 394 28.50 33.10 -2.27
C ALA B 394 27.15 32.39 -2.50
N PRO B 395 26.93 31.10 -2.13
CA PRO B 395 25.61 30.50 -2.32
C PRO B 395 24.48 31.17 -1.52
N VAL B 396 24.71 31.50 -0.24
CA VAL B 396 23.64 32.07 0.62
C VAL B 396 23.24 33.43 0.06
N GLN B 397 24.22 34.22 -0.38
CA GLN B 397 23.94 35.58 -0.94
C GLN B 397 23.14 35.46 -2.23
N ALA B 398 23.42 34.45 -3.06
CA ALA B 398 22.64 34.22 -4.29
C ALA B 398 21.18 33.90 -3.96
N LEU B 399 20.93 33.06 -2.94
CA LEU B 399 19.53 32.74 -2.52
C LEU B 399 18.90 34.03 -2.01
N ARG B 400 19.64 34.86 -1.27
CA ARG B 400 19.11 36.12 -0.68
C ARG B 400 18.70 37.06 -1.82
N GLU B 401 19.52 37.15 -2.85
CA GLU B 401 19.22 38.00 -4.04
C GLU B 401 17.97 37.49 -4.75
N LYS B 402 17.86 36.18 -4.94
CA LYS B 402 16.72 35.57 -5.70
C LYS B 402 15.40 35.77 -4.95
N MET B 403 15.37 35.61 -3.63
CA MET B 403 14.08 35.70 -2.88
C MET B 403 13.45 37.09 -3.04
N GLY B 404 14.24 38.16 -2.95
CA GLY B 404 13.71 39.52 -3.22
C GLY B 404 12.89 40.05 -2.07
N GLU B 405 12.34 41.27 -2.20
CA GLU B 405 11.53 41.90 -1.13
C GLU B 405 10.05 42.02 -1.48
N PHE B 406 9.71 42.20 -2.76
CA PHE B 406 8.31 42.35 -3.21
C PHE B 406 7.61 43.45 -2.41
N ALA B 407 8.25 44.61 -2.27
CA ALA B 407 7.68 45.72 -1.49
C ALA B 407 6.36 46.20 -2.09
N GLU B 408 6.30 46.32 -3.42
CA GLU B 408 5.06 46.86 -4.06
C GLU B 408 3.88 45.90 -3.84
N LEU B 409 4.09 44.58 -4.01
CA LEU B 409 2.98 43.61 -3.90
C LEU B 409 2.45 43.57 -2.47
N ARG B 410 3.33 43.61 -1.47
CA ARG B 410 2.87 43.50 -0.06
C ARG B 410 2.02 44.71 0.25
N ASP B 411 2.42 45.88 -0.27
CA ASP B 411 1.65 47.13 -0.04
C ASP B 411 0.25 46.99 -0.62
N LEU B 412 0.14 46.46 -1.85
CA LEU B 412 -1.18 46.29 -2.52
C LEU B 412 -2.03 45.29 -1.74
N LEU B 413 -1.47 44.15 -1.34
CA LEU B 413 -2.28 43.09 -0.68
C LEU B 413 -2.79 43.59 0.66
N GLU B 414 -1.94 44.31 1.41
CA GLU B 414 -2.34 44.80 2.75
C GLU B 414 -3.48 45.79 2.62
N ARG B 415 -3.39 46.74 1.68
CA ARG B 415 -4.46 47.74 1.46
C ARG B 415 -5.75 47.11 0.90
N ALA B 416 -5.64 46.27 -0.13
CA ALA B 416 -6.80 45.68 -0.83
C ALA B 416 -7.58 44.62 -0.05
N ILE B 417 -6.94 43.70 0.66
CA ILE B 417 -7.65 42.55 1.30
C ILE B 417 -7.73 42.72 2.82
N ILE B 418 -8.80 42.23 3.46
CA ILE B 418 -8.99 42.32 4.94
C ILE B 418 -8.02 41.36 5.63
N ASP B 419 -7.79 41.54 6.94
CA ASP B 419 -6.78 40.73 7.67
C ASP B 419 -7.15 39.25 7.67
N THR B 420 -8.44 38.92 7.79
CA THR B 420 -8.90 37.51 7.81
C THR B 420 -9.99 37.33 6.76
N PRO B 421 -9.68 37.16 5.46
CA PRO B 421 -10.70 37.13 4.43
C PRO B 421 -11.58 35.86 4.44
N PRO B 422 -12.80 35.88 3.84
CA PRO B 422 -13.66 34.70 3.79
C PRO B 422 -13.11 33.64 2.83
N VAL B 423 -13.58 32.40 2.94
CA VAL B 423 -13.08 31.28 2.08
C VAL B 423 -13.39 31.57 0.60
N LEU B 424 -14.55 32.18 0.29
CA LEU B 424 -14.98 32.44 -1.12
C LEU B 424 -15.22 33.93 -1.35
N VAL B 425 -14.95 34.43 -2.57
CA VAL B 425 -15.12 35.88 -2.90
C VAL B 425 -16.59 36.28 -2.84
N ARG B 426 -17.51 35.42 -3.29
CA ARG B 426 -18.95 35.77 -3.39
C ARG B 426 -19.53 36.12 -2.02
N ASP B 427 -18.97 35.55 -0.96
CA ASP B 427 -19.45 35.79 0.43
C ASP B 427 -19.37 37.29 0.68
N GLY B 428 -18.34 37.94 0.15
CA GLY B 428 -18.16 39.40 0.35
C GLY B 428 -17.27 39.70 1.53
N GLY B 429 -16.82 40.95 1.65
CA GLY B 429 -15.93 41.33 2.75
C GLY B 429 -14.48 41.04 2.40
N VAL B 430 -14.22 40.53 1.20
CA VAL B 430 -12.82 40.27 0.75
C VAL B 430 -12.05 41.58 0.65
N ILE B 431 -12.64 42.62 0.06
CA ILE B 431 -11.93 43.92 -0.13
C ILE B 431 -12.04 44.76 1.15
N ALA B 432 -10.93 45.23 1.69
CA ALA B 432 -10.90 46.08 2.90
C ALA B 432 -11.31 47.50 2.54
N SER B 433 -11.81 48.25 3.53
CA SER B 433 -12.29 49.63 3.28
C SER B 433 -11.13 50.52 2.85
N GLY B 434 -11.38 51.45 1.93
CA GLY B 434 -10.37 52.43 1.50
C GLY B 434 -9.63 52.02 0.23
N TYR B 435 -9.74 50.74 -0.18
CA TYR B 435 -9.10 50.33 -1.45
C TYR B 435 -9.80 51.08 -2.58
N ASN B 436 -11.13 51.13 -2.55
CA ASN B 436 -11.92 51.91 -3.55
C ASN B 436 -12.95 52.72 -2.75
N GLU B 437 -12.96 54.04 -2.92
CA GLU B 437 -13.90 54.93 -2.19
C GLU B 437 -15.32 54.59 -2.62
N GLU B 438 -15.51 54.36 -3.92
CA GLU B 438 -16.86 54.08 -4.46
C GLU B 438 -17.43 52.80 -3.84
N LEU B 439 -16.60 51.75 -3.73
CA LEU B 439 -17.07 50.44 -3.16
C LEU B 439 -17.48 50.69 -1.71
N ASP B 440 -16.69 51.48 -0.97
CA ASP B 440 -16.99 51.75 0.46
C ASP B 440 -18.30 52.52 0.56
N GLU B 441 -18.51 53.50 -0.32
CA GLU B 441 -19.73 54.35 -0.29
C GLU B 441 -20.97 53.49 -0.56
N TRP B 442 -20.91 52.62 -1.57
CA TRP B 442 -22.07 51.76 -1.93
C TRP B 442 -22.38 50.84 -0.73
N ARG B 443 -21.35 50.25 -0.12
CA ARG B 443 -21.56 49.31 1.02
C ARG B 443 -22.14 50.06 2.20
N ALA B 444 -21.64 51.26 2.47
CA ALA B 444 -22.12 52.07 3.60
C ALA B 444 -23.59 52.43 3.41
N LEU B 445 -23.99 52.77 2.17
CA LEU B 445 -25.39 53.17 1.88
C LEU B 445 -26.31 51.98 2.15
N ALA B 446 -25.88 50.78 1.77
CA ALA B 446 -26.70 49.57 1.99
C ALA B 446 -26.88 49.32 3.48
N ASP B 447 -25.81 49.41 4.25
CA ASP B 447 -25.89 49.22 5.72
C ASP B 447 -26.72 50.33 6.35
N GLY B 448 -26.51 51.59 5.93
CA GLY B 448 -27.25 52.73 6.49
C GLY B 448 -28.73 52.70 6.16
N LYS B 518 -33.71 50.41 -2.19
CA LYS B 518 -32.35 50.89 -2.56
C LYS B 518 -31.30 50.01 -1.88
N VAL B 519 -31.63 49.44 -0.72
CA VAL B 519 -30.64 48.62 0.05
C VAL B 519 -30.27 47.39 -0.79
N LEU B 520 -31.25 46.78 -1.44
CA LEU B 520 -30.97 45.61 -2.32
C LEU B 520 -30.13 46.05 -3.52
N THR B 521 -30.43 47.22 -4.11
CA THR B 521 -29.66 47.75 -5.25
C THR B 521 -28.22 48.05 -4.82
N SER B 522 -28.04 48.68 -3.66
CA SER B 522 -26.69 49.00 -3.12
C SER B 522 -25.92 47.72 -2.79
N LYS B 523 -26.58 46.73 -2.20
CA LYS B 523 -25.91 45.44 -1.90
C LYS B 523 -25.50 44.79 -3.21
N GLY B 524 -26.40 44.77 -4.19
CA GLY B 524 -26.10 44.11 -5.47
C GLY B 524 -24.95 44.79 -6.17
N LYS B 525 -24.97 46.12 -6.21
CA LYS B 525 -23.88 46.89 -6.85
C LYS B 525 -22.57 46.63 -6.10
N ALA B 526 -22.62 46.60 -4.77
CA ALA B 526 -21.41 46.41 -3.94
C ALA B 526 -20.78 45.05 -4.20
N LEU B 527 -21.60 43.99 -4.27
CA LEU B 527 -21.08 42.62 -4.50
C LEU B 527 -20.41 42.58 -5.88
N ALA B 528 -21.04 43.20 -6.88
CA ALA B 528 -20.48 43.26 -8.24
C ALA B 528 -19.15 44.03 -8.27
N LEU B 529 -19.09 45.18 -7.61
CA LEU B 529 -17.86 46.02 -7.59
C LEU B 529 -16.74 45.30 -6.84
N GLU B 530 -17.06 44.61 -5.74
CA GLU B 530 -16.04 43.90 -4.93
C GLU B 530 -15.42 42.79 -5.79
N LYS B 531 -16.24 42.06 -6.54
CA LYS B 531 -15.73 40.99 -7.44
C LYS B 531 -14.84 41.60 -8.53
N GLN B 532 -15.24 42.72 -9.12
CA GLN B 532 -14.47 43.38 -10.21
C GLN B 532 -13.10 43.84 -9.68
N LEU B 533 -13.05 44.39 -8.45
CA LEU B 533 -11.77 44.84 -7.83
C LEU B 533 -10.87 43.63 -7.61
N TYR B 534 -11.43 42.49 -7.20
CA TYR B 534 -10.65 41.26 -6.93
C TYR B 534 -9.95 40.82 -8.21
N GLU B 535 -10.64 40.88 -9.34
CA GLU B 535 -10.04 40.49 -10.65
C GLU B 535 -8.88 41.44 -11.00
N GLU B 536 -9.04 42.73 -10.72
CA GLU B 536 -7.96 43.72 -10.99
C GLU B 536 -6.72 43.40 -10.14
N LEU B 537 -6.90 42.92 -8.91
CA LEU B 537 -5.75 42.55 -8.03
C LEU B 537 -4.94 41.43 -8.69
N PHE B 538 -5.60 40.47 -9.33
CA PHE B 538 -4.86 39.38 -10.04
C PHE B 538 -4.02 40.02 -11.13
N ASP B 539 -4.56 40.99 -11.85
CA ASP B 539 -3.83 41.63 -12.98
C ASP B 539 -2.61 42.37 -12.47
N LEU B 540 -2.70 43.06 -11.34
CA LEU B 540 -1.54 43.80 -10.74
C LEU B 540 -0.45 42.82 -10.27
N LEU B 541 -0.82 41.72 -9.61
CA LEU B 541 0.12 40.67 -9.11
C LEU B 541 0.78 39.85 -10.24
N LEU B 542 0.06 39.53 -11.31
CA LEU B 542 0.55 38.63 -12.40
C LEU B 542 1.81 39.10 -13.17
N PRO B 543 2.07 40.37 -13.52
CA PRO B 543 3.29 40.71 -14.27
C PRO B 543 4.57 40.34 -13.49
N HIS B 544 4.49 40.25 -12.15
CA HIS B 544 5.64 39.89 -11.28
C HIS B 544 5.72 38.38 -11.09
N LEU B 545 4.91 37.59 -11.80
CA LEU B 545 4.87 36.12 -11.60
C LEU B 545 6.26 35.54 -11.86
N GLU B 546 6.99 36.05 -12.85
CA GLU B 546 8.31 35.44 -13.17
C GLU B 546 9.21 35.55 -11.95
N ALA B 547 9.28 36.73 -11.32
CA ALA B 547 10.09 36.93 -10.11
C ALA B 547 9.54 36.13 -8.93
N LEU B 548 8.22 36.08 -8.75
CA LEU B 548 7.61 35.39 -7.59
C LEU B 548 7.92 33.90 -7.66
N GLN B 549 7.86 33.31 -8.86
CA GLN B 549 8.17 31.86 -9.03
C GLN B 549 9.64 31.61 -8.68
N GLN B 550 10.54 32.52 -9.06
CA GLN B 550 11.97 32.40 -8.71
C GLN B 550 12.10 32.45 -7.19
N SER B 551 11.36 33.33 -6.53
CA SER B 551 11.42 33.48 -5.05
C SER B 551 10.91 32.22 -4.34
N ALA B 552 9.83 31.60 -4.83
CA ALA B 552 9.27 30.37 -4.22
C ALA B 552 10.30 29.25 -4.27
N SER B 553 11.00 29.09 -5.38
CA SER B 553 12.09 28.07 -5.49
C SER B 553 13.22 28.40 -4.50
N ALA B 554 13.61 29.67 -4.38
CA ALA B 554 14.68 30.07 -3.43
C ALA B 554 14.27 29.78 -1.99
N LEU B 555 13.05 30.12 -1.61
CA LEU B 555 12.57 29.90 -0.22
C LEU B 555 12.48 28.40 0.07
N ALA B 556 12.03 27.59 -0.89
CA ALA B 556 11.98 26.12 -0.74
C ALA B 556 13.39 25.56 -0.59
N GLU B 557 14.33 26.06 -1.38
CA GLU B 557 15.73 25.60 -1.32
C GLU B 557 16.32 25.95 0.05
N LEU B 558 16.03 27.14 0.55
CA LEU B 558 16.54 27.58 1.87
C LEU B 558 15.93 26.67 2.94
N ASP B 559 14.66 26.31 2.79
CA ASP B 559 13.96 25.45 3.79
C ASP B 559 14.63 24.08 3.84
N VAL B 560 14.90 23.47 2.68
CA VAL B 560 15.55 22.14 2.63
C VAL B 560 16.97 22.26 3.20
N LEU B 561 17.74 23.27 2.79
CA LEU B 561 19.14 23.41 3.24
C LEU B 561 19.19 23.74 4.74
N VAL B 562 18.30 24.60 5.24
CA VAL B 562 18.25 24.91 6.70
C VAL B 562 17.85 23.64 7.45
N ASN B 563 16.89 22.85 6.94
CA ASN B 563 16.43 21.60 7.60
C ASN B 563 17.59 20.61 7.65
N LEU B 564 18.32 20.46 6.56
CA LEU B 564 19.49 19.54 6.51
C LEU B 564 20.57 20.02 7.48
N ALA B 565 20.80 21.34 7.57
CA ALA B 565 21.77 21.91 8.53
C ALA B 565 21.35 21.68 9.99
N GLU B 566 20.07 21.87 10.31
CA GLU B 566 19.56 21.60 11.68
C GLU B 566 19.69 20.11 11.98
N ARG B 567 19.35 19.26 11.01
CA ARG B 567 19.44 17.79 11.18
C ARG B 567 20.90 17.39 11.37
N ALA B 568 21.83 18.04 10.65
CA ALA B 568 23.26 17.71 10.76
C ALA B 568 23.76 17.99 12.18
N TYR B 569 23.34 19.10 12.79
CA TYR B 569 23.77 19.46 14.16
C TYR B 569 23.19 18.46 15.17
N THR B 570 21.90 18.14 15.07
CA THR B 570 21.21 17.23 16.03
C THR B 570 21.70 15.78 15.91
N LEU B 571 21.91 15.29 14.68
CA LEU B 571 22.28 13.87 14.44
C LEU B 571 23.79 13.71 14.24
N ASN B 572 24.60 14.76 14.36
CA ASN B 572 26.09 14.67 14.29
C ASN B 572 26.66 14.29 12.92
N TYR B 573 25.98 14.63 11.83
CA TYR B 573 26.46 14.35 10.45
C TYR B 573 27.65 15.26 10.11
N THR B 574 28.54 14.85 9.21
CA THR B 574 29.72 15.66 8.78
C THR B 574 29.79 15.75 7.26
N CYS B 575 30.42 16.79 6.70
CA CYS B 575 30.44 17.03 5.23
C CYS B 575 31.29 16.01 4.47
N PRO B 576 30.84 15.45 3.33
CA PRO B 576 31.68 14.57 2.51
C PRO B 576 32.59 15.34 1.54
N THR B 577 33.61 14.69 0.98
CA THR B 577 34.55 15.31 0.01
C THR B 577 34.58 14.43 -1.25
N PHE B 578 34.94 14.94 -2.43
CA PHE B 578 34.85 14.17 -3.70
C PHE B 578 36.23 13.85 -4.28
N ILE B 579 36.42 12.69 -4.91
CA ILE B 579 37.75 12.22 -5.44
C ILE B 579 37.60 11.93 -6.93
N ASP B 580 38.66 12.11 -7.73
CA ASP B 580 38.59 11.96 -9.21
C ASP B 580 38.31 10.53 -9.69
N LYS B 581 38.92 9.51 -9.10
CA LYS B 581 38.81 8.10 -9.57
C LYS B 581 37.82 7.34 -8.68
N PRO B 582 37.17 6.26 -9.15
CA PRO B 582 36.13 5.63 -8.35
C PRO B 582 36.62 5.04 -7.03
N GLY B 583 35.97 5.39 -5.90
CA GLY B 583 36.29 4.80 -4.59
C GLY B 583 35.28 5.21 -3.56
N ILE B 584 35.15 4.49 -2.44
CA ILE B 584 34.28 4.91 -1.30
C ILE B 584 35.15 4.72 -0.05
N ARG B 585 35.41 5.78 0.73
CA ARG B 585 36.17 5.65 2.00
C ARG B 585 35.29 6.24 3.10
N ILE B 586 34.94 5.47 4.14
CA ILE B 586 34.02 5.94 5.21
C ILE B 586 34.68 5.63 6.54
N THR B 587 34.67 6.57 7.48
CA THR B 587 35.25 6.37 8.83
C THR B 587 34.11 6.55 9.85
N GLU B 588 33.92 5.58 10.74
CA GLU B 588 32.83 5.64 11.76
C GLU B 588 31.48 5.87 11.10
N GLY B 589 31.18 5.16 10.00
CA GLY B 589 29.87 5.27 9.33
C GLY B 589 28.77 4.61 10.12
N ARG B 590 27.56 5.18 10.13
CA ARG B 590 26.38 4.60 10.82
C ARG B 590 25.16 4.71 9.91
N HIS B 591 24.28 3.69 9.89
CA HIS B 591 23.07 3.69 9.02
C HIS B 591 22.19 4.85 9.48
N PRO B 592 21.70 5.75 8.61
CA PRO B 592 20.91 6.86 9.11
C PRO B 592 19.60 6.50 9.85
N VAL B 593 18.74 5.63 9.30
CA VAL B 593 17.42 5.28 9.91
C VAL B 593 17.56 4.39 11.16
N VAL B 594 18.39 3.36 11.12
CA VAL B 594 18.53 2.38 12.25
C VAL B 594 19.08 3.12 13.47
N GLU B 595 20.00 4.07 13.28
CA GLU B 595 20.65 4.78 14.41
C GLU B 595 19.56 5.50 15.22
N GLN B 596 18.66 6.21 14.54
CA GLN B 596 17.57 6.97 15.23
C GLN B 596 16.52 6.04 15.87
N VAL B 597 16.03 5.03 15.14
CA VAL B 597 14.94 4.13 15.63
C VAL B 597 15.42 3.23 16.77
N LEU B 598 16.65 2.72 16.70
CA LEU B 598 17.16 1.76 17.71
C LEU B 598 17.54 2.52 18.99
N ASN B 599 16.95 2.15 20.14
CA ASN B 599 17.30 2.75 21.45
C ASN B 599 18.71 2.33 21.84
N GLU B 600 19.11 1.08 21.57
CA GLU B 600 20.46 0.54 21.90
C GLU B 600 21.52 1.30 21.11
N PRO B 601 22.77 1.47 21.60
CA PRO B 601 23.75 2.29 20.89
C PRO B 601 24.15 1.68 19.55
N PHE B 602 24.23 2.47 18.48
CA PHE B 602 24.73 1.96 17.17
C PHE B 602 26.25 1.83 17.26
N ILE B 603 26.82 0.74 16.77
CA ILE B 603 28.30 0.56 16.73
C ILE B 603 28.74 0.92 15.31
N ALA B 604 29.44 2.04 15.12
CA ALA B 604 29.85 2.51 13.78
C ALA B 604 30.92 1.59 13.18
N ASN B 605 30.98 1.48 11.85
CA ASN B 605 31.94 0.58 11.17
C ASN B 605 32.68 1.33 10.05
N PRO B 606 33.93 0.98 9.69
CA PRO B 606 34.63 1.61 8.57
C PRO B 606 34.64 0.83 7.26
N LEU B 607 34.51 1.51 6.10
CA LEU B 607 34.55 0.85 4.76
C LEU B 607 35.61 1.50 3.87
N ASN B 608 36.44 0.72 3.19
CA ASN B 608 37.39 1.27 2.19
C ASN B 608 37.21 0.45 0.92
N LEU B 609 36.74 1.06 -0.18
CA LEU B 609 36.63 0.36 -1.49
C LEU B 609 37.42 1.19 -2.49
N SER B 610 38.31 0.58 -3.27
CA SER B 610 39.23 1.32 -4.18
C SER B 610 39.37 0.50 -5.46
N PRO B 611 39.98 0.99 -6.56
CA PRO B 611 40.20 0.14 -7.72
C PRO B 611 41.10 -1.01 -7.24
N GLN B 612 42.02 -0.79 -6.30
CA GLN B 612 42.86 -1.85 -5.69
C GLN B 612 42.04 -2.87 -4.87
N ARG B 613 40.98 -2.45 -4.18
CA ARG B 613 40.07 -3.36 -3.41
C ARG B 613 38.65 -3.16 -3.94
N ARG B 614 38.38 -3.66 -5.14
CA ARG B 614 37.07 -3.45 -5.79
C ARG B 614 35.94 -4.15 -5.04
N MET B 615 36.14 -5.38 -4.56
CA MET B 615 35.02 -6.16 -3.96
C MET B 615 35.32 -6.58 -2.53
N LEU B 616 34.35 -6.49 -1.63
CA LEU B 616 34.50 -6.96 -0.24
C LEU B 616 33.43 -8.04 -0.04
N ILE B 617 33.80 -9.26 0.36
CA ILE B 617 32.83 -10.37 0.60
C ILE B 617 32.60 -10.38 2.11
N ILE B 618 31.38 -10.04 2.57
CA ILE B 618 31.07 -9.93 4.03
C ILE B 618 30.47 -11.27 4.48
N THR B 619 31.16 -11.99 5.38
CA THR B 619 30.67 -13.28 5.93
C THR B 619 30.55 -13.07 7.44
N GLY B 620 29.40 -13.37 8.04
CA GLY B 620 29.23 -13.04 9.47
C GLY B 620 28.16 -13.84 10.17
N PRO B 621 28.10 -13.76 11.52
CA PRO B 621 27.08 -14.45 12.28
C PRO B 621 25.75 -13.89 11.83
N ASN B 622 24.73 -14.74 11.78
CA ASN B 622 23.37 -14.29 11.40
C ASN B 622 22.97 -13.26 12.46
N MET B 623 22.20 -12.22 12.10
CA MET B 623 21.85 -11.10 13.02
C MET B 623 23.13 -10.41 13.52
N GLY B 624 24.15 -10.31 12.66
CA GLY B 624 25.42 -9.66 13.02
C GLY B 624 25.57 -8.29 12.39
N GLY B 625 24.71 -7.94 11.44
CA GLY B 625 24.74 -6.57 10.91
C GLY B 625 25.25 -6.41 9.49
N LYS B 626 25.34 -7.49 8.71
CA LYS B 626 25.89 -7.43 7.33
C LYS B 626 25.00 -6.59 6.40
N SER B 627 23.70 -6.80 6.46
CA SER B 627 22.77 -6.05 5.58
C SER B 627 22.81 -4.57 5.94
N THR B 628 22.85 -4.23 7.23
CA THR B 628 22.95 -2.82 7.66
C THR B 628 24.27 -2.22 7.17
N TYR B 629 25.36 -2.98 7.23
CA TYR B 629 26.68 -2.50 6.76
C TYR B 629 26.60 -2.18 5.27
N MET B 630 25.94 -3.03 4.49
CA MET B 630 25.87 -2.79 3.03
C MET B 630 24.94 -1.61 2.73
N ARG B 631 23.80 -1.53 3.40
CA ARG B 631 22.79 -0.47 3.14
C ARG B 631 23.30 0.89 3.64
N GLN B 632 24.09 0.91 4.72
CA GLN B 632 24.67 2.18 5.24
C GLN B 632 25.56 2.77 4.15
N THR B 633 26.29 1.94 3.39
CA THR B 633 27.16 2.44 2.29
C THR B 633 26.32 3.13 1.21
N ALA B 634 25.21 2.52 0.79
CA ALA B 634 24.35 3.11 -0.25
C ALA B 634 23.68 4.39 0.22
N LEU B 635 23.14 4.39 1.45
CA LEU B 635 22.44 5.58 2.00
C LEU B 635 23.45 6.72 2.22
N ILE B 636 24.67 6.41 2.67
CA ILE B 636 25.74 7.44 2.84
C ILE B 636 26.10 8.01 1.47
N ALA B 637 26.25 7.16 0.43
CA ALA B 637 26.58 7.60 -0.94
C ALA B 637 25.46 8.45 -1.54
N LEU B 638 24.19 8.05 -1.35
CA LEU B 638 23.03 8.84 -1.84
C LEU B 638 23.00 10.18 -1.12
N MET B 639 23.20 10.19 0.21
CA MET B 639 23.13 11.44 1.00
C MET B 639 24.25 12.37 0.56
N ALA B 640 25.44 11.84 0.29
CA ALA B 640 26.60 12.64 -0.17
C ALA B 640 26.30 13.30 -1.51
N TYR B 641 25.62 12.59 -2.42
CA TYR B 641 25.38 13.09 -3.80
C TYR B 641 24.10 13.93 -3.87
N ILE B 642 23.35 14.08 -2.77
CA ILE B 642 22.17 15.00 -2.74
C ILE B 642 22.65 16.34 -2.14
N GLY B 643 23.94 16.47 -1.83
CA GLY B 643 24.50 17.71 -1.26
C GLY B 643 24.40 17.76 0.25
N SER B 644 23.82 16.74 0.88
CA SER B 644 23.60 16.72 2.34
C SER B 644 24.84 16.22 3.06
N TYR B 645 24.97 16.54 4.35
CA TYR B 645 26.10 16.05 5.16
C TYR B 645 25.87 14.55 5.35
N VAL B 646 26.93 13.76 5.52
CA VAL B 646 26.85 12.28 5.60
C VAL B 646 26.87 11.82 7.05
N PRO B 647 26.18 10.73 7.45
CA PRO B 647 26.28 10.23 8.83
C PRO B 647 27.55 9.42 9.08
N ALA B 648 28.72 10.08 9.12
CA ALA B 648 30.01 9.42 9.43
C ALA B 648 31.00 10.50 9.88
N GLN B 649 32.08 10.17 10.57
CA GLN B 649 33.14 11.15 10.95
C GLN B 649 33.83 11.72 9.70
N LYS B 650 34.16 10.89 8.70
CA LYS B 650 34.76 11.40 7.45
C LYS B 650 34.36 10.49 6.29
N VAL B 651 34.06 11.04 5.10
CA VAL B 651 33.73 10.23 3.90
C VAL B 651 34.37 10.84 2.66
N GLU B 652 35.03 10.04 1.82
CA GLU B 652 35.57 10.52 0.52
C GLU B 652 34.89 9.65 -0.52
N ILE B 653 34.07 10.22 -1.41
CA ILE B 653 33.25 9.41 -2.38
C ILE B 653 33.60 9.81 -3.82
N GLY B 654 33.97 8.83 -4.65
CA GLY B 654 34.34 9.09 -6.06
C GLY B 654 33.14 8.97 -6.95
N PRO B 655 33.24 9.13 -8.29
CA PRO B 655 32.05 9.11 -9.12
C PRO B 655 31.24 7.81 -9.01
N ILE B 656 29.92 7.88 -8.79
CA ILE B 656 29.04 6.69 -8.72
C ILE B 656 28.01 6.83 -9.85
N ASP B 657 28.16 6.07 -10.93
CA ASP B 657 27.22 6.12 -12.09
C ASP B 657 25.85 5.58 -11.74
N ARG B 658 25.78 4.45 -11.04
CA ARG B 658 24.50 3.78 -10.73
C ARG B 658 24.65 3.02 -9.41
N ILE B 659 23.57 2.82 -8.66
CA ILE B 659 23.60 1.99 -7.41
C ILE B 659 22.66 0.81 -7.62
N PHE B 660 23.16 -0.42 -7.55
CA PHE B 660 22.33 -1.62 -7.77
C PHE B 660 22.23 -2.37 -6.45
N THR B 661 21.02 -2.74 -6.00
CA THR B 661 20.83 -3.48 -4.74
C THR B 661 20.03 -4.74 -5.01
N ARG B 662 20.61 -5.93 -4.77
CA ARG B 662 19.84 -7.20 -4.87
C ARG B 662 19.59 -7.60 -3.42
N VAL B 663 18.38 -7.40 -2.90
CA VAL B 663 18.06 -7.71 -1.48
C VAL B 663 16.77 -8.52 -1.44
N GLY B 664 16.76 -9.63 -0.70
CA GLY B 664 15.51 -10.39 -0.48
C GLY B 664 15.09 -11.26 -1.63
N ALA B 665 13.88 -11.83 -1.58
CA ALA B 665 13.32 -12.67 -2.67
C ALA B 665 11.80 -12.46 -2.67
N ALA B 666 11.14 -12.56 -3.82
CA ALA B 666 9.68 -12.30 -3.92
C ALA B 666 9.04 -13.19 -4.99
N ASP B 667 7.75 -13.49 -4.87
CA ASP B 667 7.03 -14.38 -5.81
C ASP B 667 5.84 -13.63 -6.44
N ASP B 668 5.70 -13.68 -7.76
CA ASP B 668 4.55 -13.06 -8.48
C ASP B 668 3.97 -14.18 -9.36
N LEU B 669 3.19 -15.08 -8.77
CA LEU B 669 2.68 -16.27 -9.48
C LEU B 669 1.81 -15.87 -10.67
N ALA B 670 0.98 -14.84 -10.50
CA ALA B 670 0.10 -14.38 -11.59
C ALA B 670 0.92 -13.91 -12.79
N SER B 671 2.04 -13.20 -12.57
CA SER B 671 2.91 -12.69 -13.65
C SER B 671 3.73 -13.80 -14.33
N GLY B 672 3.76 -15.01 -13.76
CA GLY B 672 4.58 -16.10 -14.32
C GLY B 672 6.03 -16.02 -13.87
N ARG B 673 6.31 -15.27 -12.80
CA ARG B 673 7.68 -15.08 -12.30
C ARG B 673 7.88 -15.82 -10.98
N SER B 674 8.75 -16.82 -10.95
CA SER B 674 9.06 -17.59 -9.72
C SER B 674 10.04 -16.79 -8.88
N THR B 675 10.29 -17.20 -7.64
CA THR B 675 11.23 -16.49 -6.74
C THR B 675 12.64 -16.50 -7.33
N PHE B 676 13.11 -17.63 -7.88
CA PHE B 676 14.46 -17.68 -8.51
C PHE B 676 14.48 -16.81 -9.76
N MET B 677 13.43 -16.80 -10.57
CA MET B 677 13.37 -15.97 -11.80
C MET B 677 13.45 -14.48 -11.45
N VAL B 678 12.73 -14.04 -10.41
CA VAL B 678 12.73 -12.60 -10.02
C VAL B 678 14.15 -12.24 -9.59
N GLU B 679 14.80 -13.09 -8.80
CA GLU B 679 16.19 -12.87 -8.34
C GLU B 679 17.16 -12.88 -9.52
N MET B 680 17.01 -13.83 -10.44
CA MET B 680 17.95 -13.97 -11.58
C MET B 680 17.82 -12.82 -12.58
N THR B 681 16.62 -12.30 -12.85
CA THR B 681 16.47 -11.13 -13.73
C THR B 681 17.19 -9.94 -13.09
N GLU B 682 17.06 -9.76 -11.77
CA GLU B 682 17.74 -8.67 -11.05
C GLU B 682 19.26 -8.86 -11.15
N THR B 683 19.75 -10.09 -11.01
CA THR B 683 21.19 -10.40 -11.13
C THR B 683 21.66 -10.14 -12.57
N ALA B 684 20.87 -10.52 -13.56
CA ALA B 684 21.20 -10.29 -14.99
C ALA B 684 21.29 -8.80 -15.29
N ASN B 685 20.38 -8.01 -14.72
CA ASN B 685 20.38 -6.54 -14.93
C ASN B 685 21.69 -5.98 -14.39
N ILE B 686 22.14 -6.44 -13.23
CA ILE B 686 23.41 -5.97 -12.63
C ILE B 686 24.56 -6.33 -13.56
N LEU B 687 24.61 -7.57 -14.06
CA LEU B 687 25.76 -8.02 -14.91
C LEU B 687 25.80 -7.30 -16.26
N HIS B 688 24.66 -7.17 -16.96
CA HIS B 688 24.59 -6.46 -18.27
C HIS B 688 24.79 -4.95 -18.17
N ASN B 689 24.21 -4.28 -17.16
CA ASN B 689 24.23 -2.79 -17.08
C ASN B 689 25.33 -2.20 -16.17
N ALA B 690 26.08 -3.01 -15.41
CA ALA B 690 27.07 -2.47 -14.44
C ALA B 690 28.27 -1.88 -15.16
N THR B 691 28.89 -0.84 -14.59
CA THR B 691 30.03 -0.12 -15.20
C THR B 691 31.08 0.03 -14.11
N GLU B 692 32.30 0.47 -14.45
CA GLU B 692 33.40 0.56 -13.45
C GLU B 692 32.98 1.54 -12.36
N TYR B 693 32.31 2.63 -12.74
CA TYR B 693 31.85 3.66 -11.78
C TYR B 693 30.76 3.16 -10.82
N SER B 694 29.89 2.26 -11.24
CA SER B 694 28.70 1.83 -10.45
C SER B 694 29.03 1.12 -9.14
N LEU B 695 28.14 1.23 -8.14
CA LEU B 695 28.27 0.51 -6.83
C LEU B 695 27.24 -0.63 -6.85
N VAL B 696 27.67 -1.88 -6.67
CA VAL B 696 26.75 -3.05 -6.71
C VAL B 696 26.69 -3.68 -5.33
N LEU B 697 25.55 -3.65 -4.64
CA LEU B 697 25.40 -4.29 -3.32
C LEU B 697 24.53 -5.54 -3.50
N MET B 698 25.05 -6.74 -3.22
CA MET B 698 24.33 -8.01 -3.47
C MET B 698 24.18 -8.77 -2.16
N ASP B 699 22.97 -9.22 -1.82
CA ASP B 699 22.72 -9.87 -0.51
C ASP B 699 22.31 -11.33 -0.71
N GLU B 700 23.13 -12.26 -0.23
CA GLU B 700 22.78 -13.71 -0.27
C GLU B 700 22.37 -14.14 -1.67
N ILE B 701 23.16 -13.80 -2.70
CA ILE B 701 22.86 -14.23 -4.10
C ILE B 701 23.05 -15.74 -4.18
N GLY B 702 22.28 -16.41 -5.03
CA GLY B 702 22.41 -17.87 -5.20
C GLY B 702 21.50 -18.67 -4.28
N ARG B 703 20.73 -18.05 -3.40
CA ARG B 703 19.72 -18.80 -2.60
C ARG B 703 18.44 -18.96 -3.42
N GLY B 704 17.53 -19.86 -3.06
CA GLY B 704 16.33 -20.15 -3.88
C GLY B 704 16.59 -21.31 -4.82
N THR B 705 17.77 -21.91 -4.78
CA THR B 705 18.15 -23.05 -5.65
C THR B 705 19.04 -23.99 -4.83
N SER B 706 19.39 -25.15 -5.38
CA SER B 706 20.20 -26.15 -4.64
C SER B 706 21.54 -25.52 -4.30
N THR B 707 22.21 -25.97 -3.24
CA THR B 707 23.47 -25.33 -2.78
C THR B 707 24.53 -25.32 -3.87
N TYR B 708 24.73 -26.44 -4.57
CA TYR B 708 25.80 -26.53 -5.59
C TYR B 708 25.50 -25.57 -6.75
N ASP B 709 24.25 -25.50 -7.21
CA ASP B 709 23.87 -24.57 -8.31
C ASP B 709 24.01 -23.14 -7.83
N GLY B 710 23.61 -22.85 -6.59
CA GLY B 710 23.73 -21.49 -6.03
C GLY B 710 25.16 -21.03 -5.86
N LEU B 711 26.05 -21.87 -5.32
CA LEU B 711 27.48 -21.51 -5.11
C LEU B 711 28.15 -21.32 -6.47
N SER B 712 27.85 -22.18 -7.43
CA SER B 712 28.48 -22.11 -8.77
C SER B 712 28.10 -20.80 -9.47
N LEU B 713 26.82 -20.42 -9.42
CA LEU B 713 26.34 -19.16 -10.04
C LEU B 713 26.91 -17.96 -9.28
N ALA B 714 26.97 -18.05 -7.94
CA ALA B 714 27.52 -16.96 -7.11
C ALA B 714 29.00 -16.75 -7.42
N TRP B 715 29.78 -17.83 -7.58
CA TRP B 715 31.22 -17.72 -7.91
C TRP B 715 31.40 -17.07 -9.28
N ALA B 716 30.61 -17.48 -10.27
CA ALA B 716 30.73 -16.94 -11.64
C ALA B 716 30.34 -15.46 -11.67
N CYS B 717 29.23 -15.10 -11.00
CA CYS B 717 28.76 -13.69 -10.95
C CYS B 717 29.77 -12.84 -10.21
N ALA B 718 30.34 -13.34 -9.11
CA ALA B 718 31.37 -12.60 -8.36
C ALA B 718 32.61 -12.41 -9.22
N GLU B 719 33.03 -13.45 -9.93
CA GLU B 719 34.23 -13.39 -10.80
C GLU B 719 33.98 -12.42 -11.95
N ASN B 720 32.80 -12.44 -12.55
CA ASN B 720 32.45 -11.51 -13.66
C ASN B 720 32.45 -10.06 -13.17
N LEU B 721 31.87 -9.77 -12.00
CA LEU B 721 31.81 -8.39 -11.46
C LEU B 721 33.21 -7.89 -11.11
N ALA B 722 34.02 -8.70 -10.43
CA ALA B 722 35.38 -8.30 -10.01
C ALA B 722 36.39 -8.24 -11.16
N ASN B 723 36.40 -9.24 -12.03
CA ASN B 723 37.43 -9.35 -13.10
C ASN B 723 37.07 -8.60 -14.38
N LYS B 724 35.83 -8.71 -14.88
CA LYS B 724 35.47 -8.08 -16.18
C LYS B 724 34.77 -6.72 -16.02
N ILE B 725 33.70 -6.65 -15.23
CA ILE B 725 32.96 -5.37 -15.00
C ILE B 725 33.85 -4.42 -14.20
N LYS B 726 34.58 -4.95 -13.21
CA LYS B 726 35.48 -4.14 -12.35
C LYS B 726 34.70 -3.06 -11.61
N ALA B 727 33.47 -3.35 -11.19
CA ALA B 727 32.63 -2.38 -10.44
C ALA B 727 33.00 -2.45 -8.97
N LEU B 728 32.72 -1.40 -8.20
CA LEU B 728 32.96 -1.42 -6.73
C LEU B 728 31.75 -2.16 -6.17
N THR B 729 31.93 -3.27 -5.46
CA THR B 729 30.78 -4.10 -5.02
C THR B 729 30.90 -4.61 -3.58
N LEU B 730 29.78 -4.84 -2.91
CA LEU B 730 29.77 -5.42 -1.55
C LEU B 730 28.89 -6.67 -1.66
N PHE B 731 29.41 -7.85 -1.31
CA PHE B 731 28.68 -9.14 -1.49
C PHE B 731 28.52 -9.75 -0.10
N ALA B 732 27.30 -10.04 0.35
CA ALA B 732 27.07 -10.69 1.66
C ALA B 732 26.73 -12.15 1.39
N THR B 733 27.47 -13.08 1.99
CA THR B 733 27.27 -14.51 1.67
C THR B 733 27.36 -15.39 2.92
N HIS B 734 26.52 -16.42 3.03
CA HIS B 734 26.65 -17.41 4.13
C HIS B 734 27.38 -18.64 3.53
N TYR B 735 27.66 -18.61 2.22
CA TYR B 735 28.45 -19.70 1.58
C TYR B 735 29.91 -19.35 1.83
N PHE B 736 30.54 -20.05 2.77
CA PHE B 736 31.94 -19.73 3.17
C PHE B 736 32.92 -20.31 2.15
N GLU B 737 32.44 -21.09 1.19
CA GLU B 737 33.31 -21.59 0.09
C GLU B 737 33.76 -20.37 -0.72
N LEU B 738 32.91 -19.36 -0.88
CA LEU B 738 33.20 -18.13 -1.69
C LEU B 738 34.25 -17.28 -0.96
N THR B 739 34.52 -17.55 0.32
CA THR B 739 35.52 -16.79 1.13
C THR B 739 36.92 -16.99 0.55
N GLN B 740 37.17 -18.04 -0.24
CA GLN B 740 38.49 -18.34 -0.84
C GLN B 740 38.70 -17.62 -2.18
N LEU B 741 37.73 -16.83 -2.66
CA LEU B 741 37.90 -16.05 -3.91
C LEU B 741 39.11 -15.10 -3.80
N PRO B 742 39.40 -14.39 -2.69
CA PRO B 742 40.51 -13.45 -2.66
C PRO B 742 41.86 -14.09 -3.00
N GLU B 743 42.12 -15.31 -2.52
CA GLU B 743 43.39 -16.01 -2.82
C GLU B 743 43.51 -16.26 -4.32
N LYS B 744 42.44 -16.71 -4.97
CA LYS B 744 42.43 -16.97 -6.44
C LYS B 744 42.50 -15.67 -7.26
N MET B 745 41.79 -14.60 -6.87
CA MET B 745 41.67 -13.37 -7.72
C MET B 745 42.06 -12.11 -6.95
N GLU B 746 42.83 -11.22 -7.58
CA GLU B 746 43.28 -9.95 -6.93
C GLU B 746 42.19 -8.91 -7.07
N GLY B 747 42.11 -7.97 -6.13
CA GLY B 747 41.07 -6.92 -6.13
C GLY B 747 39.86 -7.32 -5.31
N VAL B 748 39.91 -8.47 -4.66
CA VAL B 748 38.78 -8.96 -3.80
C VAL B 748 39.35 -9.18 -2.41
N ALA B 749 38.67 -8.72 -1.36
CA ALA B 749 39.13 -8.90 0.03
C ALA B 749 37.95 -9.43 0.84
N ASN B 750 38.20 -10.05 1.99
CA ASN B 750 37.11 -10.59 2.84
C ASN B 750 37.04 -9.80 4.14
N VAL B 751 35.85 -9.33 4.54
CA VAL B 751 35.64 -8.59 5.81
C VAL B 751 34.60 -9.39 6.58
N HIS B 752 34.67 -9.46 7.91
CA HIS B 752 33.75 -10.32 8.68
C HIS B 752 33.18 -9.59 9.89
N LEU B 753 31.85 -9.59 10.07
CA LEU B 753 31.25 -9.04 11.31
C LEU B 753 31.40 -10.18 12.31
N ASP B 754 31.45 -9.91 13.61
CA ASP B 754 31.76 -11.00 14.59
C ASP B 754 30.76 -11.02 15.74
N ALA B 755 30.55 -12.21 16.33
CA ALA B 755 29.68 -12.35 17.52
C ALA B 755 30.32 -13.35 18.46
N LEU B 756 30.09 -13.21 19.77
CA LEU B 756 30.71 -14.10 20.79
C LEU B 756 29.62 -15.04 21.28
N GLU B 757 29.92 -16.35 21.33
CA GLU B 757 28.93 -17.36 21.80
C GLU B 757 29.19 -17.63 23.28
N HIS B 758 28.16 -17.49 24.13
CA HIS B 758 28.31 -17.72 25.60
C HIS B 758 27.20 -18.66 26.08
N GLY B 759 27.53 -19.83 26.64
CA GLY B 759 26.52 -20.73 27.20
C GLY B 759 25.44 -21.07 26.19
N ASP B 760 25.81 -21.32 24.93
CA ASP B 760 24.83 -21.61 23.83
C ASP B 760 23.89 -20.42 23.66
N THR B 761 24.38 -19.19 23.85
CA THR B 761 23.59 -17.95 23.60
C THR B 761 24.52 -17.07 22.77
N ILE B 762 24.00 -16.05 22.08
CA ILE B 762 24.86 -15.26 21.15
C ILE B 762 24.85 -13.77 21.54
N ALA B 763 26.03 -13.13 21.57
CA ALA B 763 26.15 -11.68 21.82
C ALA B 763 26.76 -11.06 20.57
N PHE B 764 26.14 -10.03 20.00
CA PHE B 764 26.61 -9.48 18.70
C PHE B 764 27.42 -8.20 18.90
N MET B 765 28.70 -8.23 18.55
CA MET B 765 29.59 -7.05 18.62
C MET B 765 29.14 -5.99 17.61
N HIS B 766 28.73 -6.39 16.41
CA HIS B 766 28.36 -5.45 15.31
C HIS B 766 29.56 -4.63 14.86
N SER B 767 30.78 -5.19 14.93
CA SER B 767 32.04 -4.48 14.54
C SER B 767 32.67 -5.14 13.33
N VAL B 768 33.02 -4.40 12.28
CA VAL B 768 33.55 -4.98 11.02
C VAL B 768 35.06 -5.12 11.15
N GLN B 769 35.58 -6.35 11.14
CA GLN B 769 37.03 -6.61 11.31
C GLN B 769 37.50 -7.40 10.08
N ASP B 770 38.63 -7.03 9.50
CA ASP B 770 39.11 -7.69 8.26
C ASP B 770 39.39 -9.16 8.56
N GLY B 771 39.07 -10.08 7.65
CA GLY B 771 39.20 -11.52 7.90
C GLY B 771 37.97 -12.25 7.37
N ALA B 772 37.69 -13.47 7.84
CA ALA B 772 36.46 -14.19 7.44
C ALA B 772 35.85 -14.91 8.64
N ALA B 773 34.55 -15.25 8.59
CA ALA B 773 33.88 -16.00 9.67
C ALA B 773 33.42 -17.35 9.12
N SER B 774 33.76 -18.46 9.79
CA SER B 774 33.39 -19.81 9.29
C SER B 774 32.16 -20.38 10.02
N LYS B 775 31.57 -19.64 10.96
CA LYS B 775 30.34 -20.09 11.69
C LYS B 775 29.23 -19.04 11.53
N SER B 776 28.02 -19.46 11.18
CA SER B 776 26.87 -18.55 10.98
C SER B 776 26.00 -18.45 12.24
N TYR B 777 26.17 -19.34 13.21
CA TYR B 777 25.42 -19.28 14.50
C TYR B 777 23.92 -19.30 14.23
N GLY B 778 23.48 -20.09 13.25
CA GLY B 778 22.05 -20.13 12.87
C GLY B 778 21.15 -20.66 13.95
N LEU B 779 21.58 -21.73 14.63
CA LEU B 779 20.74 -22.36 15.67
C LEU B 779 20.53 -21.37 16.83
N ALA B 780 21.54 -20.57 17.17
CA ALA B 780 21.44 -19.56 18.26
C ALA B 780 20.40 -18.47 17.93
N VAL B 781 20.38 -17.96 16.70
CA VAL B 781 19.38 -16.94 16.27
C VAL B 781 17.98 -17.58 16.30
N ALA B 782 17.87 -18.86 15.92
CA ALA B 782 16.58 -19.57 15.95
C ALA B 782 16.07 -19.66 17.39
N ALA B 783 16.94 -19.97 18.35
CA ALA B 783 16.55 -20.06 19.78
C ALA B 783 16.10 -18.69 20.28
N LEU B 784 16.80 -17.63 19.88
CA LEU B 784 16.43 -16.23 20.25
C LEU B 784 15.06 -15.89 19.64
N ALA B 785 14.78 -16.35 18.43
CA ALA B 785 13.49 -16.11 17.73
C ALA B 785 12.33 -16.77 18.47
N GLY B 786 12.60 -17.86 19.17
CA GLY B 786 11.55 -18.57 19.92
C GLY B 786 11.27 -19.95 19.39
N VAL B 787 12.12 -20.49 18.51
CA VAL B 787 11.92 -21.88 18.00
C VAL B 787 11.93 -22.77 19.25
N PRO B 788 11.07 -23.79 19.40
CA PRO B 788 11.00 -24.55 20.65
C PRO B 788 12.34 -25.19 20.99
N LYS B 789 12.67 -25.28 22.28
CA LYS B 789 13.98 -25.79 22.73
C LYS B 789 14.21 -27.24 22.28
N GLU B 790 13.16 -28.08 22.27
CA GLU B 790 13.27 -29.48 21.79
C GLU B 790 13.72 -29.51 20.33
N VAL B 791 13.14 -28.66 19.48
CA VAL B 791 13.51 -28.62 18.03
C VAL B 791 14.98 -28.21 17.88
N ILE B 792 15.44 -27.20 18.64
CA ILE B 792 16.84 -26.70 18.54
C ILE B 792 17.81 -27.81 18.97
N LYS B 793 17.46 -28.56 20.01
CA LYS B 793 18.33 -29.67 20.50
C LYS B 793 18.49 -30.76 19.45
N ARG B 794 17.40 -31.16 18.79
CA ARG B 794 17.48 -32.17 17.70
C ARG B 794 18.29 -31.59 16.52
N ALA B 795 18.09 -30.31 16.20
CA ALA B 795 18.83 -29.67 15.09
C ALA B 795 20.32 -29.69 15.39
N ARG B 796 20.71 -29.40 16.63
CA ARG B 796 22.15 -29.39 17.01
C ARG B 796 22.71 -30.79 16.85
N GLN B 797 21.94 -31.82 17.20
CA GLN B 797 22.37 -33.23 17.04
C GLN B 797 22.60 -33.51 15.56
N LYS B 798 21.69 -33.07 14.69
CA LYS B 798 21.82 -33.30 13.23
C LYS B 798 23.05 -32.58 12.70
N LEU B 799 23.34 -31.36 13.18
CA LEU B 799 24.49 -30.56 12.68
C LEU B 799 25.79 -31.29 13.03
N ARG B 800 25.87 -31.88 14.21
CA ARG B 800 27.08 -32.65 14.59
C ARG B 800 27.23 -33.82 13.62
N GLU B 801 26.11 -34.50 13.31
CA GLU B 801 26.14 -35.66 12.37
C GLU B 801 26.58 -35.22 10.97
N LEU B 802 26.06 -34.11 10.45
CA LEU B 802 26.38 -33.63 9.08
C LEU B 802 27.86 -33.23 8.99
N GLU B 803 28.37 -32.51 9.99
CA GLU B 803 29.79 -32.07 10.00
C GLU B 803 30.70 -33.28 10.15
N SER B 804 30.30 -34.29 10.93
CA SER B 804 31.07 -35.55 11.09
C SER B 804 31.15 -36.31 9.76
N ILE B 805 30.08 -36.29 8.95
CA ILE B 805 30.04 -37.02 7.64
C ILE B 805 31.13 -36.46 6.73
N SER B 806 31.31 -35.13 6.71
CA SER B 806 32.35 -34.49 5.87
C SER B 806 33.63 -34.28 6.67
MG MG C . 8.47 -21.11 -4.73
PG ANP D . 11.13 -21.50 -7.11
O1G ANP D . 10.41 -20.94 -5.91
O2G ANP D . 12.25 -20.55 -7.46
O3G ANP D . 11.71 -22.82 -6.73
PB ANP D . 8.75 -22.45 -8.26
O1B ANP D . 8.90 -23.94 -8.25
O2B ANP D . 8.14 -21.78 -7.07
N3B ANP D . 10.18 -21.70 -8.43
PA ANP D . 6.21 -21.60 -9.32
O1A ANP D . 6.37 -20.13 -9.16
O2A ANP D . 5.42 -22.35 -8.30
O3A ANP D . 7.69 -22.19 -9.41
O5' ANP D . 5.66 -21.91 -10.77
C5' ANP D . 6.31 -21.20 -11.84
C4' ANP D . 5.28 -20.73 -12.84
O4' ANP D . 4.85 -21.86 -13.64
C3' ANP D . 3.98 -20.17 -12.24
O3' ANP D . 4.10 -18.79 -11.95
C2' ANP D . 2.99 -20.44 -13.36
O2' ANP D . 3.02 -19.42 -14.34
C1' ANP D . 3.47 -21.78 -13.91
N9 ANP D . 2.80 -22.90 -13.28
C8 ANP D . 2.95 -23.36 -12.01
N7 ANP D . 2.18 -24.39 -11.75
C5 ANP D . 1.49 -24.62 -12.93
C6 ANP D . 0.52 -25.56 -13.29
N6 ANP D . 0.05 -26.49 -12.47
N1 ANP D . 0.04 -25.50 -14.56
C2 ANP D . 0.51 -24.56 -15.38
N3 ANP D . 1.42 -23.61 -15.14
C4 ANP D . 1.87 -23.70 -13.88
MG MG E . 21.11 -9.62 5.73
PG ANP F . 21.17 -12.34 8.07
O1G ANP F . 20.90 -11.87 6.67
O2G ANP F . 22.45 -13.12 8.10
O3G ANP F . 20.06 -13.21 8.57
PB ANP F . 22.48 -9.92 8.80
O1B ANP F . 23.84 -10.39 9.21
O2B ANP F . 22.30 -9.29 7.44
N3B ANP F . 21.33 -11.04 9.03
PA ANP F . 21.28 -7.48 9.87
O1A ANP F . 19.99 -7.87 9.21
O2A ANP F . 22.03 -6.33 9.30
O3A ANP F . 22.22 -8.77 9.88
O5' ANP F . 21.01 -7.24 11.42
C5' ANP F . 19.86 -6.46 11.78
C4' ANP F . 20.00 -6.00 13.22
O4' ANP F . 21.40 -5.72 13.48
C3' ANP F . 19.24 -4.72 13.59
O3' ANP F . 18.66 -4.87 14.87
C2' ANP F . 20.34 -3.66 13.64
O2' ANP F . 20.03 -2.60 14.52
C1' ANP F . 21.52 -4.49 14.14
N9 ANP F . 22.76 -3.89 13.70
C8 ANP F . 23.32 -4.03 12.46
N7 ANP F . 24.44 -3.38 12.34
C5 ANP F . 24.61 -2.76 13.57
C6 ANP F . 25.61 -1.91 14.06
N6 ANP F . 26.67 -1.53 13.35
N1 ANP F . 25.47 -1.47 15.33
C2 ANP F . 24.41 -1.86 16.03
N3 ANP F . 23.40 -2.66 15.67
C4 ANP F . 23.58 -3.08 14.41
#